data_8B4M
#
_entry.id   8B4M
#
_cell.length_a   106.722
_cell.length_b   82.316
_cell.length_c   148.294
_cell.angle_alpha   90.000
_cell.angle_beta   92.310
_cell.angle_gamma   90.000
#
_symmetry.space_group_name_H-M   'P 1 21 1'
#
loop_
_entity.id
_entity.type
_entity.pdbx_description
1 polymer 'Terpene synthase'
2 non-polymer 'MAGNESIUM ION'
3 non-polymer ALENDRONATE
#
_entity_poly.entity_id   1
_entity_poly.type   'polypeptide(L)'
_entity_poly.pdbx_seq_one_letter_code
;DMTISVPQLDCPLSRPVHPEGERADAYAVEWLRGVGLMADEADAAPVLAVGLGRLAACYVDENASWDTLAFMTILLAWYA
EYDDRAIDSTGAIDGLTDAEVAELHRALGEILRDRPAPDPSDPVQRGLADVWRTLNGLASDWDRAAFVDTTLRYFEANRY
ERVNIRRGIPPTPSAHIGMRRHGGHVYGMYILGAAVNGYRPERRVLDHAAVRELETLAANYTSWANDLHSFAREHRMGQV
NNLVWSVHHHEGLTFQQAADRVADLCDKELAAYLELRQTLPELGIPLTGATGRHVRFLEDMMWSMVDWSARSARYDVVPE
AA
;
_entity_poly.pdbx_strand_id   A,B,C,D,E,F
#
loop_
_chem_comp.id
_chem_comp.type
_chem_comp.name
_chem_comp.formula
212 non-polymer ALENDRONATE 'C4 H13 N O7 P2'
MG non-polymer 'MAGNESIUM ION' 'Mg 2'
#
# COMPACT_ATOMS: atom_id res chain seq x y z
N MET A 2 16.81 35.56 24.35
CA MET A 2 16.03 34.39 23.94
C MET A 2 15.30 33.71 25.10
N THR A 3 14.37 34.42 25.75
CA THR A 3 13.56 33.82 26.80
C THR A 3 12.11 34.25 26.66
N ILE A 4 11.26 33.68 27.52
CA ILE A 4 9.83 33.98 27.57
C ILE A 4 9.39 33.83 29.03
N SER A 5 8.35 34.55 29.41
CA SER A 5 7.76 34.44 30.75
C SER A 5 6.36 33.82 30.59
N VAL A 6 6.21 32.59 31.06
CA VAL A 6 4.95 31.86 30.94
C VAL A 6 3.97 32.31 32.00
N PRO A 7 2.79 32.82 31.64
CA PRO A 7 1.85 33.29 32.66
C PRO A 7 1.27 32.14 33.46
N GLN A 8 0.69 32.49 34.60
CA GLN A 8 0.05 31.50 35.46
C GLN A 8 -1.38 31.26 35.00
N LEU A 9 -2.05 30.32 35.66
CA LEU A 9 -3.39 29.90 35.23
C LEU A 9 -4.13 29.37 36.45
N ASP A 10 -4.98 30.20 37.05
CA ASP A 10 -5.78 29.77 38.18
C ASP A 10 -7.04 29.10 37.64
N CYS A 11 -7.18 27.81 37.92
CA CYS A 11 -8.36 27.05 37.52
C CYS A 11 -9.06 26.59 38.79
N PRO A 12 -10.26 27.09 39.07
CA PRO A 12 -10.98 26.71 40.31
C PRO A 12 -11.62 25.33 40.23
N LEU A 13 -10.77 24.30 40.06
CA LEU A 13 -11.22 22.90 40.07
C LEU A 13 -10.13 22.12 40.80
N SER A 14 -10.40 21.77 42.05
CA SER A 14 -9.45 21.06 42.88
C SER A 14 -10.07 19.74 43.32
N ARG A 15 -9.21 18.78 43.66
CA ARG A 15 -9.66 17.43 43.95
C ARG A 15 -8.61 16.75 44.82
N PRO A 16 -9.01 15.86 45.71
CA PRO A 16 -8.01 15.12 46.48
C PRO A 16 -7.33 14.12 45.57
N VAL A 17 -6.02 14.00 45.75
CA VAL A 17 -5.21 13.17 44.87
C VAL A 17 -5.15 11.75 45.42
N HIS A 18 -4.91 10.80 44.53
CA HIS A 18 -4.73 9.43 44.98
C HIS A 18 -3.38 9.32 45.68
N PRO A 19 -3.32 8.64 46.83
CA PRO A 19 -2.10 8.70 47.64
C PRO A 19 -0.89 8.03 47.01
N GLU A 20 -1.09 6.91 46.31
CA GLU A 20 0.03 6.13 45.82
C GLU A 20 0.67 6.72 44.55
N GLY A 21 0.46 8.01 44.30
CA GLY A 21 0.93 8.62 43.06
C GLY A 21 2.41 8.39 42.84
N GLU A 22 3.21 8.68 43.86
CA GLU A 22 4.66 8.51 43.76
C GLU A 22 5.02 7.10 43.31
N ARG A 23 4.33 6.09 43.88
CA ARG A 23 4.59 4.71 43.50
C ARG A 23 4.46 4.52 41.99
N ALA A 24 3.38 5.07 41.42
CA ALA A 24 3.16 4.92 39.99
C ALA A 24 4.31 5.52 39.20
N ASP A 25 4.86 6.65 39.66
CA ASP A 25 6.02 7.22 38.98
C ASP A 25 7.10 6.16 38.84
N ALA A 26 7.47 5.51 39.94
CA ALA A 26 8.45 4.45 39.87
C ALA A 26 7.98 3.35 38.93
N TYR A 27 6.72 2.91 39.10
CA TYR A 27 6.20 1.85 38.25
C TYR A 27 6.29 2.26 36.79
N ALA A 28 6.07 3.55 36.50
CA ALA A 28 6.16 4.03 35.13
C ALA A 28 7.52 3.66 34.53
N VAL A 29 8.61 4.06 35.20
CA VAL A 29 9.93 3.74 34.67
C VAL A 29 10.06 2.24 34.48
N GLU A 30 9.57 1.46 35.46
CA GLU A 30 9.65 0.00 35.37
C GLU A 30 9.02 -0.47 34.06
N TRP A 31 7.79 -0.02 33.78
CA TRP A 31 7.12 -0.47 32.58
C TRP A 31 7.93 -0.09 31.35
N LEU A 32 8.43 1.15 31.30
CA LEU A 32 9.18 1.60 30.15
C LEU A 32 10.43 0.75 29.95
N ARG A 33 11.04 0.28 31.05
CA ARG A 33 12.17 -0.61 30.93
C ARG A 33 11.72 -2.03 30.56
N GLY A 34 10.58 -2.47 31.08
CA GLY A 34 10.13 -3.83 30.86
C GLY A 34 9.60 -4.08 29.45
N VAL A 35 9.17 -3.04 28.76
CA VAL A 35 8.59 -3.18 27.43
C VAL A 35 9.61 -2.90 26.33
N GLY A 36 10.65 -2.11 26.62
CA GLY A 36 11.66 -1.79 25.65
C GLY A 36 11.73 -0.34 25.24
N LEU A 37 10.91 0.53 25.84
CA LEU A 37 10.94 1.93 25.45
C LEU A 37 12.15 2.66 26.04
N MET A 38 12.68 2.18 27.17
CA MET A 38 13.91 2.71 27.75
C MET A 38 14.66 1.54 28.37
N ALA A 39 15.86 1.80 28.90
CA ALA A 39 16.69 0.70 29.36
C ALA A 39 17.66 1.15 30.45
N ASP A 40 17.74 0.35 31.51
CA ASP A 40 18.82 0.28 32.48
C ASP A 40 19.55 1.59 32.76
N GLU A 41 20.65 1.84 32.04
CA GLU A 41 21.60 2.89 32.39
C GLU A 41 20.97 4.28 32.38
N ALA A 42 19.88 4.49 31.64
CA ALA A 42 19.30 5.81 31.51
C ALA A 42 18.94 6.40 32.86
N ASP A 43 19.31 7.67 33.07
CA ASP A 43 18.87 8.44 34.23
C ASP A 43 17.36 8.37 34.35
N ALA A 44 16.84 7.71 35.37
CA ALA A 44 15.40 7.74 35.61
C ALA A 44 15.00 8.89 36.49
N ALA A 45 15.56 10.06 36.22
CA ALA A 45 15.27 11.31 36.93
C ALA A 45 14.33 12.20 36.12
N PRO A 46 14.42 12.22 34.78
CA PRO A 46 13.38 12.94 34.03
C PRO A 46 12.10 12.17 33.88
N VAL A 47 12.08 10.87 34.15
CA VAL A 47 10.82 10.15 34.06
C VAL A 47 10.05 10.32 35.36
N LEU A 48 10.77 10.30 36.48
CA LEU A 48 10.16 10.68 37.75
C LEU A 48 9.80 12.17 37.76
N ALA A 49 10.53 12.98 36.98
CA ALA A 49 10.24 14.41 36.89
C ALA A 49 9.01 14.70 36.04
N VAL A 50 8.69 13.84 35.06
CA VAL A 50 7.48 14.05 34.27
C VAL A 50 6.24 13.93 35.16
N GLY A 51 6.18 12.88 35.96
CA GLY A 51 5.06 12.69 36.86
C GLY A 51 3.89 12.01 36.18
N LEU A 52 4.17 10.91 35.48
CA LEU A 52 3.12 10.15 34.80
C LEU A 52 2.16 9.52 35.79
N GLY A 53 2.62 9.22 37.01
CA GLY A 53 1.73 8.66 38.01
C GLY A 53 0.84 9.69 38.67
N ARG A 54 1.31 10.94 38.74
CA ARG A 54 0.48 12.00 39.32
C ARG A 54 -0.65 12.39 38.38
N LEU A 55 -0.39 12.38 37.07
CA LEU A 55 -1.46 12.54 36.09
C LEU A 55 -2.49 11.42 36.22
N ALA A 56 -2.00 10.17 36.27
CA ALA A 56 -2.89 9.04 36.46
C ALA A 56 -3.75 9.22 37.71
N ALA A 57 -3.14 9.70 38.79
CA ALA A 57 -3.89 10.01 40.00
C ALA A 57 -4.95 11.08 39.75
N CYS A 58 -4.63 12.04 38.88
CA CYS A 58 -5.63 13.05 38.53
C CYS A 58 -6.80 12.46 37.76
N TYR A 59 -6.56 11.34 37.06
CA TYR A 59 -7.58 10.75 36.19
C TYR A 59 -8.38 9.62 36.82
N VAL A 60 -8.07 9.21 38.05
CA VAL A 60 -8.78 8.10 38.69
C VAL A 60 -9.46 8.61 39.96
N ASP A 61 -10.34 7.77 40.50
CA ASP A 61 -11.01 8.03 41.77
C ASP A 61 -10.07 7.75 42.93
N GLU A 62 -10.34 8.40 44.07
CA GLU A 62 -9.46 8.29 45.23
C GLU A 62 -9.46 6.88 45.83
N ASN A 63 -10.59 6.19 45.76
CA ASN A 63 -10.71 4.82 46.30
C ASN A 63 -10.66 3.80 45.18
N ALA A 64 -9.54 3.80 44.45
CA ALA A 64 -9.38 2.94 43.28
C ALA A 64 -8.22 1.98 43.50
N SER A 65 -8.30 0.85 42.79
CA SER A 65 -7.30 -0.21 42.93
C SER A 65 -5.96 0.27 42.38
N TRP A 66 -4.89 -0.36 42.87
CA TRP A 66 -3.58 -0.09 42.30
C TRP A 66 -3.54 -0.50 40.83
N ASP A 67 -4.36 -1.49 40.46
CA ASP A 67 -4.46 -1.89 39.06
C ASP A 67 -4.94 -0.73 38.20
N THR A 68 -5.92 0.02 38.70
CA THR A 68 -6.49 1.13 37.92
C THR A 68 -5.48 2.24 37.72
N LEU A 69 -4.84 2.68 38.80
CA LEU A 69 -3.80 3.70 38.69
C LEU A 69 -2.66 3.22 37.82
N ALA A 70 -2.31 1.94 37.93
CA ALA A 70 -1.23 1.38 37.13
C ALA A 70 -1.57 1.41 35.65
N PHE A 71 -2.78 1.04 35.28
CA PHE A 71 -3.16 1.08 33.87
C PHE A 71 -3.20 2.51 33.35
N MET A 72 -3.71 3.45 34.14
CA MET A 72 -3.70 4.85 33.70
C MET A 72 -2.28 5.33 33.45
N THR A 73 -1.36 4.99 34.36
CA THR A 73 0.03 5.37 34.16
C THR A 73 0.61 4.72 32.92
N ILE A 74 0.26 3.45 32.67
CA ILE A 74 0.77 2.75 31.50
C ILE A 74 0.29 3.43 30.22
N LEU A 75 -0.99 3.80 30.19
CA LEU A 75 -1.55 4.44 29.01
C LEU A 75 -0.93 5.81 28.77
N LEU A 76 -0.81 6.61 29.82
CA LEU A 76 -0.20 7.93 29.65
C LEU A 76 1.26 7.83 29.27
N ALA A 77 1.96 6.78 29.72
CA ALA A 77 3.35 6.60 29.35
C ALA A 77 3.49 6.16 27.90
N TRP A 78 2.59 5.29 27.43
CA TRP A 78 2.65 4.89 26.03
C TRP A 78 2.31 6.04 25.11
N TYR A 79 1.32 6.85 25.47
CA TYR A 79 0.99 8.03 24.67
C TYR A 79 2.17 8.99 24.59
N ALA A 80 2.88 9.19 25.70
CA ALA A 80 3.97 10.17 25.72
C ALA A 80 5.13 9.71 24.85
N GLU A 81 5.43 8.40 24.85
CA GLU A 81 6.54 7.93 24.04
C GLU A 81 6.21 7.98 22.56
N TYR A 82 4.98 7.60 22.20
CA TYR A 82 4.58 7.63 20.80
C TYR A 82 4.59 9.05 20.25
N ASP A 83 4.05 10.00 21.02
CA ASP A 83 4.03 11.39 20.58
C ASP A 83 5.44 11.88 20.29
N ASP A 84 6.37 11.59 21.18
CA ASP A 84 7.74 12.02 20.96
C ASP A 84 8.39 11.21 19.85
N ARG A 85 8.09 9.91 19.77
CA ARG A 85 8.78 9.07 18.80
C ARG A 85 8.40 9.44 17.37
N ALA A 86 7.13 9.78 17.13
CA ALA A 86 6.63 9.95 15.77
C ALA A 86 6.32 11.38 15.39
N ILE A 87 5.99 12.24 16.33
CA ILE A 87 5.49 13.59 16.05
C ILE A 87 6.51 14.66 16.38
N ASP A 88 7.10 14.60 17.58
CA ASP A 88 7.94 15.68 18.06
C ASP A 88 9.42 15.46 17.79
N SER A 89 9.85 14.23 17.51
CA SER A 89 11.23 13.96 17.15
C SER A 89 11.44 13.94 15.64
N THR A 90 10.53 14.52 14.87
CA THR A 90 10.76 14.65 13.44
C THR A 90 11.64 15.86 13.17
N GLY A 91 12.14 15.95 11.93
CA GLY A 91 13.08 16.99 11.59
C GLY A 91 14.43 16.84 12.26
N ALA A 92 14.76 15.64 12.73
CA ALA A 92 16.03 15.36 13.37
C ALA A 92 16.54 14.00 12.90
N ILE A 93 17.72 13.61 13.38
CA ILE A 93 18.29 12.32 12.99
C ILE A 93 17.51 11.17 13.60
N ASP A 94 16.83 11.41 14.72
CA ASP A 94 15.87 10.45 15.26
C ASP A 94 14.52 10.51 14.55
N GLY A 95 14.41 11.30 13.49
CA GLY A 95 13.14 11.45 12.82
C GLY A 95 12.72 10.21 12.06
N LEU A 96 11.42 9.94 12.06
CA LEU A 96 10.85 8.83 11.33
C LEU A 96 10.49 9.26 9.92
N THR A 97 10.45 8.28 9.02
CA THR A 97 10.06 8.56 7.64
C THR A 97 8.54 8.44 7.52
N ASP A 98 8.02 8.96 6.40
CA ASP A 98 6.57 8.88 6.19
C ASP A 98 6.13 7.43 5.98
N ALA A 99 6.97 6.63 5.31
CA ALA A 99 6.64 5.22 5.14
C ALA A 99 6.63 4.49 6.48
N GLU A 100 7.60 4.79 7.35
CA GLU A 100 7.62 4.19 8.67
C GLU A 100 6.37 4.54 9.47
N VAL A 101 5.96 5.81 9.42
CA VAL A 101 4.78 6.23 10.17
C VAL A 101 3.53 5.57 9.62
N ALA A 102 3.44 5.43 8.29
CA ALA A 102 2.29 4.76 7.70
C ALA A 102 2.24 3.28 8.08
N GLU A 103 3.39 2.61 8.08
CA GLU A 103 3.43 1.23 8.53
C GLU A 103 3.07 1.11 9.99
N LEU A 104 3.49 2.07 10.81
CA LEU A 104 3.11 2.09 12.21
C LEU A 104 1.60 2.24 12.35
N HIS A 105 1.00 3.13 11.55
CA HIS A 105 -0.45 3.30 11.57
C HIS A 105 -1.15 2.00 11.23
N ARG A 106 -0.71 1.34 10.15
CA ARG A 106 -1.32 0.08 9.73
C ARG A 106 -1.21 -0.97 10.83
N ALA A 107 0.01 -1.19 11.35
CA ALA A 107 0.21 -2.24 12.35
C ALA A 107 -0.55 -1.94 13.64
N LEU A 108 -0.47 -0.72 14.13
CA LEU A 108 -1.17 -0.37 15.37
C LEU A 108 -2.68 -0.44 15.20
N GLY A 109 -3.19 -0.13 14.01
CA GLY A 109 -4.59 -0.38 13.75
C GLY A 109 -4.91 -1.86 13.72
N GLU A 110 -3.95 -2.68 13.29
CA GLU A 110 -4.13 -4.13 13.35
C GLU A 110 -4.12 -4.63 14.79
N ILE A 111 -3.24 -4.08 15.63
CA ILE A 111 -3.27 -4.43 17.05
C ILE A 111 -4.60 -3.99 17.66
N LEU A 112 -5.09 -2.82 17.27
CA LEU A 112 -6.37 -2.33 17.75
C LEU A 112 -7.54 -3.18 17.28
N ARG A 113 -7.40 -3.94 16.21
CA ARG A 113 -8.43 -4.90 15.84
C ARG A 113 -8.10 -6.29 16.36
N ASP A 114 -7.79 -6.35 17.66
CA ASP A 114 -7.61 -7.58 18.42
C ASP A 114 -6.63 -8.59 17.81
N ARG A 115 -5.93 -8.21 16.74
CA ARG A 115 -4.95 -9.09 16.11
C ARG A 115 -3.56 -8.90 16.71
N PRO A 116 -2.69 -9.91 16.59
CA PRO A 116 -1.34 -9.80 17.15
C PRO A 116 -0.50 -8.79 16.38
N ALA A 117 0.56 -8.33 17.07
CA ALA A 117 1.44 -7.33 16.48
C ALA A 117 2.22 -7.92 15.30
N PRO A 118 2.19 -7.27 14.14
CA PRO A 118 2.95 -7.82 12.99
C PRO A 118 4.45 -7.80 13.20
N ASP A 119 4.97 -6.84 13.96
CA ASP A 119 6.41 -6.72 14.22
C ASP A 119 6.61 -6.62 15.74
N PRO A 120 6.72 -7.75 16.42
CA PRO A 120 6.93 -7.71 17.88
C PRO A 120 8.25 -7.09 18.31
N SER A 121 9.16 -6.78 17.38
CA SER A 121 10.40 -6.13 17.76
C SER A 121 10.23 -4.63 18.01
N ASP A 122 9.20 -4.01 17.44
CA ASP A 122 8.97 -2.59 17.66
C ASP A 122 8.48 -2.34 19.08
N PRO A 123 9.15 -1.48 19.86
CA PRO A 123 8.71 -1.25 21.25
C PRO A 123 7.33 -0.61 21.35
N VAL A 124 6.99 0.29 20.42
CA VAL A 124 5.68 0.92 20.45
C VAL A 124 4.58 -0.11 20.29
N GLN A 125 4.78 -1.09 19.41
CA GLN A 125 3.77 -2.12 19.18
C GLN A 125 3.61 -3.00 20.42
N ARG A 126 4.73 -3.41 21.03
CA ARG A 126 4.68 -4.19 22.26
C ARG A 126 3.91 -3.46 23.35
N GLY A 127 4.25 -2.17 23.56
CA GLY A 127 3.55 -1.39 24.57
C GLY A 127 2.07 -1.27 24.31
N LEU A 128 1.69 -1.03 23.05
CA LEU A 128 0.27 -0.88 22.74
C LEU A 128 -0.48 -2.19 22.90
N ALA A 129 0.13 -3.31 22.52
CA ALA A 129 -0.51 -4.60 22.74
C ALA A 129 -0.71 -4.86 24.21
N ASP A 130 0.29 -4.51 25.04
CA ASP A 130 0.16 -4.69 26.47
C ASP A 130 -0.99 -3.84 27.03
N VAL A 131 -1.04 -2.57 26.62
CA VAL A 131 -2.10 -1.68 27.07
C VAL A 131 -3.46 -2.24 26.67
N TRP A 132 -3.56 -2.72 25.43
CA TRP A 132 -4.84 -3.22 24.92
C TRP A 132 -5.30 -4.45 25.70
N ARG A 133 -4.38 -5.39 25.94
CA ARG A 133 -4.76 -6.61 26.65
C ARG A 133 -5.21 -6.27 28.07
N THR A 134 -4.44 -5.43 28.77
CA THR A 134 -4.82 -5.07 30.14
C THR A 134 -6.14 -4.32 30.18
N LEU A 135 -6.36 -3.39 29.25
CA LEU A 135 -7.60 -2.62 29.25
C LEU A 135 -8.81 -3.51 28.97
N ASN A 136 -8.68 -4.43 28.01
CA ASN A 136 -9.82 -5.31 27.71
C ASN A 136 -10.16 -6.19 28.90
N GLY A 137 -9.17 -6.52 29.73
CA GLY A 137 -9.43 -7.23 30.97
C GLY A 137 -10.16 -6.40 32.01
N LEU A 138 -9.85 -5.09 32.06
CA LEU A 138 -10.32 -4.21 33.12
C LEU A 138 -11.69 -3.58 32.86
N ALA A 139 -12.42 -4.02 31.83
CA ALA A 139 -13.70 -3.38 31.58
C ALA A 139 -14.57 -4.26 30.68
N SER A 140 -15.69 -3.67 30.24
CA SER A 140 -16.72 -4.27 29.43
C SER A 140 -17.74 -3.17 29.15
N ASP A 141 -18.86 -3.54 28.53
CA ASP A 141 -19.90 -2.64 28.03
C ASP A 141 -19.43 -1.21 27.89
N TRP A 142 -18.64 -0.95 26.85
CA TRP A 142 -18.18 0.37 26.48
C TRP A 142 -18.23 0.48 24.96
N ASP A 143 -18.25 1.71 24.45
CA ASP A 143 -18.21 1.94 23.01
C ASP A 143 -16.78 1.83 22.49
N ARG A 144 -16.40 0.61 22.11
CA ARG A 144 -15.07 0.37 21.57
C ARG A 144 -14.95 0.95 20.17
N ALA A 145 -16.02 0.88 19.38
CA ALA A 145 -15.97 1.37 18.01
C ALA A 145 -15.73 2.88 17.96
N ALA A 146 -16.38 3.62 18.87
CA ALA A 146 -16.16 5.06 18.91
C ALA A 146 -14.71 5.38 19.25
N PHE A 147 -14.12 4.63 20.18
CA PHE A 147 -12.72 4.82 20.52
C PHE A 147 -11.81 4.52 19.34
N VAL A 148 -12.10 3.44 18.60
CA VAL A 148 -11.28 3.10 17.43
C VAL A 148 -11.38 4.19 16.38
N ASP A 149 -12.58 4.75 16.18
CA ASP A 149 -12.74 5.84 15.22
C ASP A 149 -11.97 7.08 15.65
N THR A 150 -12.03 7.43 16.93
CA THR A 150 -11.21 8.52 17.44
C THR A 150 -9.73 8.26 17.19
N THR A 151 -9.31 6.99 17.30
CA THR A 151 -7.91 6.67 17.04
C THR A 151 -7.55 6.88 15.57
N LEU A 152 -8.47 6.52 14.67
CA LEU A 152 -8.24 6.77 13.25
C LEU A 152 -8.09 8.27 12.98
N ARG A 153 -8.98 9.08 13.56
CA ARG A 153 -8.85 10.53 13.40
C ARG A 153 -7.56 11.05 14.04
N TYR A 154 -7.12 10.43 15.13
CA TYR A 154 -5.86 10.80 15.78
C TYR A 154 -4.69 10.58 14.82
N PHE A 155 -4.64 9.42 14.17
CA PHE A 155 -3.58 9.15 13.20
C PHE A 155 -3.65 10.13 12.03
N GLU A 156 -4.85 10.45 11.56
CA GLU A 156 -4.98 11.42 10.47
C GLU A 156 -4.45 12.80 10.87
N ALA A 157 -4.77 13.23 12.10
CA ALA A 157 -4.23 14.49 12.59
C ALA A 157 -2.71 14.43 12.73
N ASN A 158 -2.17 13.26 13.10
CA ASN A 158 -0.71 13.12 13.14
C ASN A 158 -0.11 13.37 11.76
N ARG A 159 -0.72 12.79 10.72
CA ARG A 159 -0.25 13.01 9.36
C ARG A 159 -0.30 14.49 8.99
N TYR A 160 -1.40 15.16 9.34
CA TYR A 160 -1.53 16.60 9.09
C TYR A 160 -0.43 17.40 9.79
N GLU A 161 -0.21 17.11 11.07
CA GLU A 161 0.82 17.82 11.84
C GLU A 161 2.20 17.60 11.24
N ARG A 162 2.51 16.38 10.81
CA ARG A 162 3.84 16.14 10.26
C ARG A 162 4.02 16.86 8.93
N VAL A 163 2.95 16.93 8.11
CA VAL A 163 3.04 17.74 6.89
C VAL A 163 3.38 19.18 7.24
N ASN A 164 2.67 19.74 8.22
CA ASN A 164 2.91 21.12 8.64
C ASN A 164 4.34 21.30 9.15
N ILE A 165 4.89 20.28 9.82
CA ILE A 165 6.25 20.39 10.32
C ILE A 165 7.25 20.37 9.16
N ARG A 166 7.03 19.50 8.18
CA ARG A 166 7.93 19.44 7.04
C ARG A 166 7.93 20.74 6.24
N ARG A 167 6.79 21.41 6.15
CA ARG A 167 6.81 22.73 5.51
C ARG A 167 7.56 23.75 6.36
N GLY A 168 7.67 23.52 7.67
CA GLY A 168 8.37 24.45 8.53
C GLY A 168 7.62 25.73 8.85
N ILE A 169 6.30 25.69 8.87
CA ILE A 169 5.46 26.88 9.08
C ILE A 169 4.25 26.51 9.91
N PRO A 170 3.85 27.32 10.89
CA PRO A 170 2.67 27.00 11.70
C PRO A 170 1.40 27.35 10.96
N PRO A 171 0.32 26.57 11.17
CA PRO A 171 -0.94 26.86 10.46
C PRO A 171 -1.70 28.06 10.98
N THR A 172 -2.80 28.37 10.32
CA THR A 172 -3.71 29.42 10.76
C THR A 172 -4.25 29.08 12.14
N PRO A 173 -4.50 30.10 12.98
CA PRO A 173 -5.16 29.82 14.28
C PRO A 173 -6.42 28.99 14.19
N SER A 174 -7.35 29.30 13.28
CA SER A 174 -8.58 28.51 13.20
C SER A 174 -8.31 27.07 12.78
N ALA A 175 -7.46 26.88 11.76
CA ALA A 175 -7.16 25.52 11.31
C ALA A 175 -6.45 24.73 12.40
N HIS A 176 -5.60 25.40 13.18
CA HIS A 176 -4.90 24.73 14.26
C HIS A 176 -5.86 24.33 15.37
N ILE A 177 -6.75 25.26 15.75
CA ILE A 177 -7.73 24.97 16.80
C ILE A 177 -8.63 23.82 16.38
N GLY A 178 -9.03 23.78 15.10
CA GLY A 178 -9.89 22.71 14.64
C GLY A 178 -9.24 21.33 14.71
N MET A 179 -8.06 21.20 14.09
CA MET A 179 -7.43 19.88 13.99
C MET A 179 -6.79 19.43 15.30
N ARG A 180 -6.53 20.36 16.24
CA ARG A 180 -5.84 19.98 17.45
C ARG A 180 -6.64 18.98 18.29
N ARG A 181 -7.97 19.09 18.28
CA ARG A 181 -8.79 18.16 19.06
C ARG A 181 -8.56 16.72 18.63
N HIS A 182 -8.31 16.49 17.34
CA HIS A 182 -7.96 15.16 16.88
C HIS A 182 -6.50 14.83 17.21
N GLY A 183 -5.62 15.83 17.14
CA GLY A 183 -4.20 15.63 17.40
C GLY A 183 -3.83 15.40 18.85
N GLY A 184 -4.75 15.66 19.77
CA GLY A 184 -4.56 15.47 21.19
C GLY A 184 -5.23 14.26 21.79
N HIS A 185 -6.00 13.51 21.00
CA HIS A 185 -6.73 12.32 21.43
C HIS A 185 -7.54 12.60 22.70
N VAL A 186 -8.25 13.73 22.68
CA VAL A 186 -9.00 14.15 23.87
C VAL A 186 -10.34 13.43 23.97
N TYR A 187 -11.06 13.28 22.85
CA TYR A 187 -12.31 12.53 22.88
C TYR A 187 -12.06 11.07 23.20
N GLY A 188 -10.98 10.50 22.66
CA GLY A 188 -10.60 9.16 23.06
C GLY A 188 -10.30 9.06 24.54
N MET A 189 -9.73 10.12 25.11
CA MET A 189 -9.49 10.14 26.54
C MET A 189 -10.77 10.19 27.33
N TYR A 190 -11.78 10.92 26.86
CA TYR A 190 -13.07 10.89 27.53
C TYR A 190 -13.64 9.49 27.55
N ILE A 191 -13.59 8.81 26.39
CA ILE A 191 -14.11 7.45 26.30
C ILE A 191 -13.35 6.53 27.25
N LEU A 192 -12.02 6.64 27.26
CA LEU A 192 -11.21 5.80 28.13
C LEU A 192 -11.47 6.09 29.61
N GLY A 193 -11.70 7.36 29.96
CA GLY A 193 -12.02 7.68 31.33
C GLY A 193 -13.31 7.03 31.78
N ALA A 194 -14.32 7.06 30.91
CA ALA A 194 -15.54 6.31 31.19
C ALA A 194 -15.25 4.82 31.33
N ALA A 195 -14.30 4.30 30.53
CA ALA A 195 -14.00 2.87 30.54
C ALA A 195 -13.32 2.43 31.83
N VAL A 196 -12.27 3.14 32.25
CA VAL A 196 -11.46 2.67 33.37
C VAL A 196 -12.21 2.85 34.70
N ASN A 197 -13.10 3.82 34.76
CA ASN A 197 -13.90 4.05 35.95
C ASN A 197 -15.13 3.13 35.85
N GLY A 198 -16.16 3.40 36.63
CA GLY A 198 -17.38 2.61 36.51
C GLY A 198 -18.60 3.36 36.08
N TYR A 199 -18.51 4.23 35.08
CA TYR A 199 -19.69 4.96 34.65
C TYR A 199 -19.86 4.93 33.14
N ARG A 200 -21.13 4.79 32.73
CA ARG A 200 -21.52 4.75 31.33
C ARG A 200 -22.76 5.64 31.17
N PRO A 201 -22.59 6.85 30.64
CA PRO A 201 -23.76 7.71 30.43
C PRO A 201 -24.60 7.24 29.26
N GLU A 202 -25.91 7.46 29.36
CA GLU A 202 -26.83 7.04 28.31
C GLU A 202 -26.52 7.77 27.01
N ARG A 203 -26.78 7.09 25.88
CA ARG A 203 -26.57 7.71 24.58
C ARG A 203 -27.54 8.85 24.30
N ARG A 204 -28.72 8.86 24.94
CA ARG A 204 -29.63 9.99 24.78
C ARG A 204 -29.00 11.27 25.27
N VAL A 205 -28.11 11.17 26.26
CA VAL A 205 -27.46 12.33 26.85
C VAL A 205 -26.21 12.73 26.09
N LEU A 206 -25.40 11.75 25.68
CA LEU A 206 -24.14 12.06 25.02
C LEU A 206 -24.38 12.65 23.62
N ASP A 207 -25.41 12.17 22.94
CA ASP A 207 -25.76 12.66 21.61
C ASP A 207 -26.50 13.99 21.65
N HIS A 208 -26.73 14.56 22.84
CA HIS A 208 -27.36 15.86 22.93
C HIS A 208 -26.40 16.94 22.43
N ALA A 209 -26.97 17.94 21.75
CA ALA A 209 -26.14 18.98 21.14
C ALA A 209 -25.32 19.71 22.18
N ALA A 210 -25.91 19.99 23.36
CA ALA A 210 -25.21 20.72 24.41
C ALA A 210 -24.02 19.93 24.95
N VAL A 211 -24.19 18.62 25.12
CA VAL A 211 -23.10 17.78 25.63
C VAL A 211 -21.93 17.76 24.66
N ARG A 212 -22.21 17.70 23.36
CA ARG A 212 -21.14 17.70 22.36
C ARG A 212 -20.34 18.99 22.41
N GLU A 213 -21.02 20.15 22.41
CA GLU A 213 -20.30 21.42 22.38
C GLU A 213 -19.58 21.71 23.68
N LEU A 214 -20.10 21.24 24.82
CA LEU A 214 -19.38 21.42 26.07
C LEU A 214 -18.07 20.63 26.07
N GLU A 215 -18.11 19.40 25.55
CA GLU A 215 -16.89 18.62 25.39
C GLU A 215 -15.87 19.38 24.56
N THR A 216 -16.33 20.06 23.51
CA THR A 216 -15.42 20.80 22.65
C THR A 216 -14.75 21.95 23.40
N LEU A 217 -15.51 22.68 24.22
CA LEU A 217 -14.92 23.75 25.02
C LEU A 217 -13.87 23.20 25.98
N ALA A 218 -14.19 22.10 26.67
CA ALA A 218 -13.23 21.54 27.64
C ALA A 218 -11.96 21.06 26.95
N ALA A 219 -12.10 20.38 25.81
CA ALA A 219 -10.94 19.91 25.06
C ALA A 219 -10.10 21.08 24.54
N ASN A 220 -10.77 22.14 24.08
CA ASN A 220 -10.06 23.34 23.66
C ASN A 220 -9.23 23.90 24.82
N TYR A 221 -9.84 24.03 26.00
CA TYR A 221 -9.12 24.56 27.15
C TYR A 221 -7.92 23.69 27.48
N THR A 222 -8.12 22.38 27.54
CA THR A 222 -7.03 21.46 27.87
C THR A 222 -5.87 21.61 26.89
N SER A 223 -6.18 21.61 25.59
CA SER A 223 -5.12 21.60 24.58
C SER A 223 -4.42 22.95 24.51
N TRP A 224 -5.15 24.05 24.67
CA TRP A 224 -4.50 25.35 24.68
C TRP A 224 -3.60 25.52 25.89
N ALA A 225 -4.00 24.98 27.05
CA ALA A 225 -3.12 25.00 28.21
C ALA A 225 -1.86 24.21 27.95
N ASN A 226 -1.99 23.01 27.36
CA ASN A 226 -0.82 22.21 27.04
C ASN A 226 0.13 22.96 26.11
N ASP A 227 -0.43 23.63 25.09
CA ASP A 227 0.40 24.41 24.18
C ASP A 227 1.08 25.58 24.90
N LEU A 228 0.31 26.32 25.71
CA LEU A 228 0.88 27.45 26.43
C LEU A 228 2.07 27.03 27.27
N HIS A 229 2.01 25.84 27.87
CA HIS A 229 3.12 25.43 28.72
C HIS A 229 4.28 24.87 27.92
N SER A 230 4.01 24.13 26.85
CA SER A 230 5.07 23.47 26.10
C SER A 230 5.62 24.30 24.94
N PHE A 231 5.19 25.57 24.82
CA PHE A 231 5.63 26.39 23.70
C PHE A 231 7.16 26.49 23.59
N ALA A 232 7.85 26.70 24.70
CA ALA A 232 9.30 26.93 24.62
C ALA A 232 10.02 25.71 24.05
N ARG A 233 9.74 24.54 24.62
CA ARG A 233 10.38 23.31 24.14
C ARG A 233 9.99 23.00 22.69
N GLU A 234 8.70 23.18 22.34
CA GLU A 234 8.30 22.88 20.98
C GLU A 234 8.87 23.87 19.97
N HIS A 235 9.11 25.10 20.40
CA HIS A 235 9.72 26.09 19.51
C HIS A 235 11.19 25.79 19.31
N ARG A 236 11.87 25.34 20.36
CA ARG A 236 13.27 24.96 20.20
C ARG A 236 13.41 23.72 19.32
N MET A 237 12.49 22.76 19.44
CA MET A 237 12.60 21.50 18.70
C MET A 237 12.01 21.55 17.29
N GLY A 238 11.19 22.56 16.98
CA GLY A 238 10.60 22.69 15.67
C GLY A 238 9.18 22.19 15.49
N GLN A 239 8.48 21.85 16.57
CA GLN A 239 7.07 21.49 16.49
C GLN A 239 6.25 22.74 16.24
N VAL A 240 5.80 22.94 15.00
CA VAL A 240 5.12 24.18 14.64
C VAL A 240 3.65 24.19 15.01
N ASN A 241 3.11 23.08 15.51
CA ASN A 241 1.68 22.99 15.83
C ASN A 241 1.44 23.47 17.26
N ASN A 242 1.62 24.78 17.44
CA ASN A 242 1.46 25.43 18.73
C ASN A 242 0.69 26.73 18.54
N LEU A 243 -0.32 26.95 19.38
CA LEU A 243 -1.18 28.11 19.23
C LEU A 243 -0.42 29.42 19.43
N VAL A 244 0.54 29.43 20.35
CA VAL A 244 1.35 30.63 20.56
C VAL A 244 2.15 30.94 19.30
N TRP A 245 2.77 29.91 18.72
CA TRP A 245 3.48 30.06 17.46
C TRP A 245 2.59 30.66 16.38
N SER A 246 1.38 30.10 16.20
CA SER A 246 0.50 30.56 15.14
C SER A 246 0.05 31.99 15.37
N VAL A 247 -0.21 32.36 16.64
CA VAL A 247 -0.58 33.73 16.93
C VAL A 247 0.57 34.67 16.60
N HIS A 248 1.80 34.26 16.90
CA HIS A 248 2.96 35.06 16.54
C HIS A 248 3.11 35.20 15.04
N HIS A 249 2.85 34.12 14.31
CA HIS A 249 3.12 34.07 12.87
C HIS A 249 2.06 34.83 12.07
N HIS A 250 0.78 34.53 12.31
CA HIS A 250 -0.29 35.04 11.46
C HIS A 250 -0.99 36.27 12.02
N GLU A 251 -0.94 36.49 13.33
CA GLU A 251 -1.61 37.63 13.93
C GLU A 251 -0.66 38.78 14.23
N GLY A 252 0.63 38.64 13.88
CA GLY A 252 1.58 39.73 13.96
C GLY A 252 1.85 40.21 15.36
N LEU A 253 2.15 39.29 16.25
CA LEU A 253 2.40 39.62 17.65
C LEU A 253 3.76 39.07 18.07
N THR A 254 4.37 39.72 19.05
CA THR A 254 5.55 39.18 19.70
C THR A 254 5.18 37.91 20.46
N PHE A 255 6.21 37.10 20.77
CA PHE A 255 5.97 35.85 21.48
C PHE A 255 5.28 36.09 22.82
N GLN A 256 5.65 37.17 23.52
CA GLN A 256 5.01 37.49 24.79
C GLN A 256 3.54 37.84 24.59
N GLN A 257 3.25 38.69 23.60
CA GLN A 257 1.86 39.00 23.29
C GLN A 257 1.10 37.76 22.88
N ALA A 258 1.74 36.85 22.15
CA ALA A 258 1.09 35.62 21.73
C ALA A 258 0.70 34.79 22.95
N ALA A 259 1.63 34.60 23.89
CA ALA A 259 1.30 33.83 25.09
C ALA A 259 0.20 34.51 25.91
N ASP A 260 0.25 35.84 26.01
CA ASP A 260 -0.79 36.57 26.73
C ASP A 260 -2.16 36.36 26.09
N ARG A 261 -2.24 36.43 24.76
CA ARG A 261 -3.51 36.22 24.07
C ARG A 261 -3.99 34.78 24.27
N VAL A 262 -3.06 33.82 24.28
CA VAL A 262 -3.45 32.43 24.47
C VAL A 262 -4.05 32.24 25.86
N ALA A 263 -3.42 32.85 26.88
CA ALA A 263 -3.97 32.77 28.23
C ALA A 263 -5.34 33.46 28.33
N ASP A 264 -5.50 34.60 27.64
CA ASP A 264 -6.80 35.27 27.62
C ASP A 264 -7.87 34.37 27.01
N LEU A 265 -7.55 33.70 25.90
CA LEU A 265 -8.49 32.78 25.27
C LEU A 265 -8.82 31.62 26.21
N CYS A 266 -7.82 31.15 26.97
CA CYS A 266 -8.08 30.13 27.98
C CYS A 266 -9.12 30.61 29.00
N ASP A 267 -8.94 31.83 29.51
CA ASP A 267 -9.88 32.38 30.47
C ASP A 267 -11.28 32.45 29.89
N LYS A 268 -11.40 32.97 28.66
CA LYS A 268 -12.70 33.17 28.06
C LYS A 268 -13.39 31.84 27.78
N GLU A 269 -12.63 30.83 27.35
CA GLU A 269 -13.21 29.51 27.13
C GLU A 269 -13.63 28.84 28.42
N LEU A 270 -12.87 29.04 29.50
CA LEU A 270 -13.30 28.49 30.80
C LEU A 270 -14.61 29.14 31.26
N ALA A 271 -14.73 30.45 31.07
CA ALA A 271 -15.98 31.12 31.42
C ALA A 271 -17.14 30.59 30.58
N ALA A 272 -16.91 30.38 29.27
CA ALA A 272 -17.95 29.83 28.41
C ALA A 272 -18.35 28.42 28.84
N TYR A 273 -17.35 27.60 29.19
CA TYR A 273 -17.61 26.25 29.66
C TYR A 273 -18.49 26.28 30.90
N LEU A 274 -18.16 27.16 31.85
CA LEU A 274 -18.97 27.29 33.06
C LEU A 274 -20.39 27.73 32.72
N GLU A 275 -20.55 28.64 31.76
CA GLU A 275 -21.89 29.11 31.41
C GLU A 275 -22.74 27.96 30.88
N LEU A 276 -22.19 27.17 29.95
CA LEU A 276 -22.95 26.02 29.43
C LEU A 276 -23.19 24.97 30.50
N ARG A 277 -22.18 24.68 31.33
CA ARG A 277 -22.31 23.64 32.34
C ARG A 277 -23.39 24.01 33.36
N GLN A 278 -23.46 25.29 33.73
CA GLN A 278 -24.50 25.73 34.65
C GLN A 278 -25.89 25.73 34.00
N THR A 279 -25.97 26.09 32.71
CA THR A 279 -27.28 26.13 32.05
C THR A 279 -27.80 24.73 31.70
N LEU A 280 -26.93 23.72 31.68
CA LEU A 280 -27.32 22.38 31.24
C LEU A 280 -28.59 21.83 31.87
N PRO A 281 -28.83 21.92 33.19
CA PRO A 281 -30.07 21.32 33.74
C PRO A 281 -31.36 21.86 33.15
N GLU A 282 -31.44 23.16 32.83
CA GLU A 282 -32.69 23.71 32.31
C GLU A 282 -33.09 23.06 30.99
N LEU A 283 -32.10 22.63 30.20
CA LEU A 283 -32.39 21.99 28.92
C LEU A 283 -32.93 20.57 29.07
N GLY A 284 -32.92 20.03 30.28
CA GLY A 284 -33.37 18.67 30.52
C GLY A 284 -32.27 17.67 30.79
N ILE A 285 -31.04 18.12 30.98
CA ILE A 285 -29.92 17.23 31.27
C ILE A 285 -29.51 17.44 32.73
N PRO A 286 -29.89 16.55 33.64
CA PRO A 286 -29.48 16.72 35.04
C PRO A 286 -28.08 16.18 35.26
N LEU A 287 -27.32 16.88 36.10
CA LEU A 287 -25.95 16.48 36.42
C LEU A 287 -25.98 15.63 37.69
N THR A 288 -26.59 14.45 37.54
CA THR A 288 -26.88 13.58 38.69
C THR A 288 -26.03 12.31 38.66
N GLY A 289 -26.31 11.39 37.74
CA GLY A 289 -25.67 10.09 37.79
C GLY A 289 -24.34 10.03 37.08
N ALA A 290 -24.30 9.26 35.98
CA ALA A 290 -23.07 9.13 35.20
C ALA A 290 -22.72 10.41 34.46
N THR A 291 -23.71 11.23 34.09
CA THR A 291 -23.41 12.49 33.42
C THR A 291 -22.58 13.40 34.32
N GLY A 292 -22.88 13.42 35.62
CA GLY A 292 -22.09 14.21 36.55
C GLY A 292 -20.64 13.74 36.62
N ARG A 293 -20.44 12.41 36.69
CA ARG A 293 -19.07 11.89 36.73
C ARG A 293 -18.34 12.18 35.41
N HIS A 294 -19.06 12.18 34.30
CA HIS A 294 -18.45 12.53 33.00
C HIS A 294 -17.99 13.99 33.00
N VAL A 295 -18.85 14.89 33.49
CA VAL A 295 -18.46 16.30 33.59
C VAL A 295 -17.29 16.46 34.55
N ARG A 296 -17.26 15.67 35.63
CA ARG A 296 -16.12 15.74 36.55
C ARG A 296 -14.83 15.32 35.86
N PHE A 297 -14.92 14.33 34.96
CA PHE A 297 -13.76 13.95 34.16
C PHE A 297 -13.33 15.08 33.23
N LEU A 298 -14.31 15.74 32.61
CA LEU A 298 -14.02 16.89 31.75
C LEU A 298 -13.29 17.99 32.51
N GLU A 299 -13.76 18.31 33.71
CA GLU A 299 -13.12 19.33 34.53
C GLU A 299 -11.76 18.88 35.03
N ASP A 300 -11.59 17.58 35.27
CA ASP A 300 -10.33 17.07 35.78
C ASP A 300 -9.22 17.28 34.76
N MET A 301 -9.49 16.99 33.49
CA MET A 301 -8.45 17.11 32.46
C MET A 301 -8.04 18.56 32.25
N MET A 302 -8.95 19.50 32.51
CA MET A 302 -8.59 20.91 32.42
C MET A 302 -7.60 21.31 33.51
N TRP A 303 -7.88 20.94 34.76
CA TRP A 303 -7.00 21.31 35.87
C TRP A 303 -5.69 20.54 35.85
N SER A 304 -5.73 19.26 35.47
CA SER A 304 -4.52 18.45 35.46
C SER A 304 -3.46 19.02 34.52
N MET A 305 -3.87 19.44 33.33
CA MET A 305 -2.92 19.98 32.36
C MET A 305 -2.33 21.29 32.86
N VAL A 306 -3.16 22.14 33.48
CA VAL A 306 -2.68 23.41 34.03
C VAL A 306 -1.61 23.16 35.09
N ASP A 307 -1.89 22.25 36.02
CA ASP A 307 -0.95 22.05 37.13
C ASP A 307 0.29 21.29 36.66
N TRP A 308 0.12 20.30 35.78
CA TRP A 308 1.21 19.47 35.28
C TRP A 308 1.99 20.27 34.24
N SER A 309 2.96 21.05 34.72
CA SER A 309 3.77 21.91 33.86
C SER A 309 5.23 21.48 33.87
N THR B 3 -28.68 53.96 14.07
CA THR B 3 -28.52 53.09 12.91
C THR B 3 -27.20 52.32 12.99
N ILE B 4 -26.91 51.52 11.96
CA ILE B 4 -25.71 50.70 11.91
C ILE B 4 -25.24 50.65 10.46
N SER B 5 -23.92 50.46 10.28
CA SER B 5 -23.30 50.34 8.96
C SER B 5 -22.78 48.92 8.76
N VAL B 6 -23.34 48.21 7.79
CA VAL B 6 -23.00 46.81 7.51
C VAL B 6 -21.68 46.72 6.75
N PRO B 7 -20.66 46.04 7.28
CA PRO B 7 -19.36 45.98 6.61
C PRO B 7 -19.41 45.17 5.32
N GLN B 8 -18.38 45.35 4.50
CA GLN B 8 -18.26 44.61 3.26
C GLN B 8 -17.55 43.28 3.50
N LEU B 9 -17.82 42.32 2.61
CA LEU B 9 -17.31 40.95 2.76
C LEU B 9 -16.77 40.50 1.41
N ASP B 10 -15.44 40.50 1.29
CA ASP B 10 -14.78 40.06 0.06
C ASP B 10 -14.68 38.55 0.08
N CYS B 11 -15.40 37.91 -0.84
CA CYS B 11 -15.39 36.46 -1.00
C CYS B 11 -14.87 36.08 -2.38
N PRO B 12 -13.67 35.49 -2.50
CA PRO B 12 -13.16 35.10 -3.84
C PRO B 12 -13.76 33.78 -4.32
N LEU B 13 -15.08 33.73 -4.36
CA LEU B 13 -15.81 32.55 -4.82
C LEU B 13 -17.06 33.02 -5.55
N SER B 14 -17.11 32.86 -6.86
CA SER B 14 -18.25 33.33 -7.64
C SER B 14 -18.97 32.16 -8.26
N ARG B 15 -20.27 32.37 -8.55
CA ARG B 15 -21.11 31.29 -9.05
C ARG B 15 -22.31 31.86 -9.78
N PRO B 16 -22.71 31.29 -10.90
CA PRO B 16 -23.93 31.75 -11.59
C PRO B 16 -25.21 31.24 -10.94
N VAL B 17 -26.24 32.09 -10.97
CA VAL B 17 -27.53 31.78 -10.37
C VAL B 17 -28.42 31.08 -11.39
N HIS B 18 -29.40 30.32 -10.89
CA HIS B 18 -30.34 29.64 -11.78
C HIS B 18 -31.31 30.66 -12.39
N PRO B 19 -31.63 30.52 -13.68
CA PRO B 19 -32.39 31.58 -14.36
C PRO B 19 -33.82 31.76 -13.88
N GLU B 20 -34.51 30.67 -13.49
CA GLU B 20 -35.93 30.76 -13.15
C GLU B 20 -36.18 31.30 -11.73
N GLY B 21 -35.20 31.99 -11.15
CA GLY B 21 -35.29 32.40 -9.76
C GLY B 21 -36.57 33.17 -9.46
N GLU B 22 -36.86 34.19 -10.26
CA GLU B 22 -38.05 34.99 -10.04
C GLU B 22 -39.29 34.12 -10.05
N ARG B 23 -39.39 33.19 -11.00
CA ARG B 23 -40.53 32.28 -11.03
C ARG B 23 -40.66 31.53 -9.71
N ALA B 24 -39.54 31.02 -9.21
CA ALA B 24 -39.57 30.29 -7.95
C ALA B 24 -40.11 31.17 -6.83
N ASP B 25 -39.74 32.46 -6.84
CA ASP B 25 -40.29 33.37 -5.84
C ASP B 25 -41.80 33.27 -5.81
N ALA B 26 -42.43 33.42 -6.98
CA ALA B 26 -43.88 33.29 -7.04
C ALA B 26 -44.33 31.94 -6.52
N TYR B 27 -43.67 30.88 -6.99
CA TYR B 27 -44.04 29.53 -6.55
C TYR B 27 -43.98 29.42 -5.04
N ALA B 28 -43.00 30.08 -4.41
CA ALA B 28 -42.91 30.04 -2.96
C ALA B 28 -44.21 30.48 -2.33
N VAL B 29 -44.70 31.66 -2.71
CA VAL B 29 -45.95 32.15 -2.14
C VAL B 29 -47.06 31.14 -2.39
N GLU B 30 -47.12 30.61 -3.61
CA GLU B 30 -48.15 29.64 -3.94
C GLU B 30 -48.13 28.51 -2.92
N TRP B 31 -46.96 27.92 -2.72
CA TRP B 31 -46.86 26.78 -1.82
C TRP B 31 -47.36 27.15 -0.44
N LEU B 32 -46.89 28.27 0.09
CA LEU B 32 -47.28 28.63 1.44
C LEU B 32 -48.78 28.86 1.53
N ARG B 33 -49.33 29.55 0.53
CA ARG B 33 -50.78 29.79 0.55
C ARG B 33 -51.51 28.50 0.25
N GLY B 34 -50.93 27.63 -0.58
CA GLY B 34 -51.56 26.37 -0.88
C GLY B 34 -51.49 25.39 0.28
N VAL B 35 -50.56 25.61 1.23
CA VAL B 35 -50.40 24.64 2.30
C VAL B 35 -51.05 25.15 3.58
N GLY B 36 -51.15 26.46 3.73
CA GLY B 36 -51.77 27.02 4.92
C GLY B 36 -50.84 27.79 5.83
N LEU B 37 -49.58 27.97 5.46
CA LEU B 37 -48.66 28.71 6.33
C LEU B 37 -48.94 30.20 6.29
N MET B 38 -49.60 30.69 5.24
CA MET B 38 -49.97 32.10 5.15
C MET B 38 -51.36 32.25 4.55
N ASP B 43 -52.20 39.66 0.16
CA ASP B 43 -50.94 40.39 0.01
C ASP B 43 -49.81 39.43 -0.35
N ALA B 44 -49.26 39.59 -1.55
CA ALA B 44 -48.23 38.68 -2.04
C ALA B 44 -46.98 39.40 -2.55
N ALA B 45 -46.89 40.71 -2.41
CA ALA B 45 -45.69 41.40 -2.86
C ALA B 45 -44.67 41.74 -1.78
N PRO B 46 -44.94 41.54 -0.48
CA PRO B 46 -43.82 41.57 0.49
C PRO B 46 -43.09 40.26 0.62
N VAL B 47 -43.64 39.17 0.10
CA VAL B 47 -42.97 37.87 0.14
C VAL B 47 -42.04 37.69 -1.04
N LEU B 48 -42.46 38.18 -2.21
CA LEU B 48 -41.61 38.17 -3.40
C LEU B 48 -40.37 39.01 -3.18
N ALA B 49 -40.44 40.00 -2.29
CA ALA B 49 -39.27 40.83 -2.01
C ALA B 49 -38.22 40.08 -1.20
N VAL B 50 -38.62 39.09 -0.41
CA VAL B 50 -37.65 38.30 0.34
C VAL B 50 -36.76 37.50 -0.60
N GLY B 51 -37.36 36.85 -1.59
CA GLY B 51 -36.58 36.15 -2.59
C GLY B 51 -36.12 34.77 -2.16
N LEU B 52 -37.05 33.96 -1.64
CA LEU B 52 -36.72 32.60 -1.23
C LEU B 52 -36.37 31.74 -2.43
N GLY B 53 -36.88 32.07 -3.62
CA GLY B 53 -36.53 31.29 -4.80
C GLY B 53 -35.17 31.59 -5.34
N ARG B 54 -34.68 32.82 -5.14
CA ARG B 54 -33.35 33.18 -5.61
C ARG B 54 -32.26 32.53 -4.75
N LEU B 55 -32.49 32.42 -3.44
CA LEU B 55 -31.57 31.65 -2.60
C LEU B 55 -31.51 30.20 -3.06
N ALA B 56 -32.67 29.60 -3.28
CA ALA B 56 -32.72 28.25 -3.85
C ALA B 56 -31.94 28.19 -5.17
N ALA B 57 -32.09 29.22 -6.01
CA ALA B 57 -31.33 29.28 -7.26
C ALA B 57 -29.83 29.29 -6.98
N CYS B 58 -29.41 29.94 -5.89
CA CYS B 58 -28.01 29.90 -5.50
C CYS B 58 -27.59 28.51 -5.03
N TYR B 59 -28.53 27.70 -4.56
CA TYR B 59 -28.19 26.40 -3.98
C TYR B 59 -28.30 25.21 -4.93
N VAL B 60 -28.79 25.40 -6.16
CA VAL B 60 -28.96 24.29 -7.11
C VAL B 60 -28.09 24.55 -8.33
N ASP B 61 -27.90 23.51 -9.15
CA ASP B 61 -27.11 23.64 -10.36
C ASP B 61 -27.87 24.42 -11.42
N GLU B 62 -27.11 25.01 -12.34
CA GLU B 62 -27.67 25.91 -13.33
C GLU B 62 -28.59 25.17 -14.31
N ASN B 63 -28.29 23.92 -14.61
CA ASN B 63 -29.10 23.10 -15.51
C ASN B 63 -29.92 22.08 -14.73
N ALA B 64 -30.79 22.58 -13.86
CA ALA B 64 -31.58 21.72 -12.99
C ALA B 64 -33.06 21.85 -13.31
N SER B 65 -33.80 20.77 -13.03
CA SER B 65 -35.22 20.68 -13.32
C SER B 65 -36.04 21.63 -12.45
N TRP B 66 -37.22 21.99 -12.95
CA TRP B 66 -38.14 22.80 -12.15
C TRP B 66 -38.56 22.08 -10.88
N ASP B 67 -38.64 20.74 -10.91
CA ASP B 67 -38.97 19.98 -9.72
C ASP B 67 -37.91 20.14 -8.64
N THR B 68 -36.64 20.06 -9.02
CA THR B 68 -35.55 20.17 -8.04
C THR B 68 -35.47 21.57 -7.46
N LEU B 69 -35.45 22.58 -8.34
CA LEU B 69 -35.42 23.97 -7.89
C LEU B 69 -36.64 24.27 -7.03
N ALA B 70 -37.79 23.70 -7.40
CA ALA B 70 -39.02 23.88 -6.63
C ALA B 70 -38.89 23.29 -5.23
N PHE B 71 -38.31 22.09 -5.13
CA PHE B 71 -38.11 21.51 -3.81
C PHE B 71 -37.17 22.36 -2.97
N MET B 72 -36.13 22.89 -3.59
CA MET B 72 -35.20 23.77 -2.86
C MET B 72 -35.94 24.99 -2.31
N THR B 73 -36.79 25.61 -3.14
CA THR B 73 -37.59 26.74 -2.68
C THR B 73 -38.53 26.35 -1.56
N ILE B 74 -39.17 25.19 -1.67
CA ILE B 74 -40.09 24.71 -0.63
C ILE B 74 -39.36 24.50 0.68
N LEU B 75 -38.16 23.91 0.62
CA LEU B 75 -37.40 23.62 1.82
C LEU B 75 -36.95 24.90 2.51
N LEU B 76 -36.44 25.86 1.74
CA LEU B 76 -36.04 27.14 2.33
C LEU B 76 -37.24 27.92 2.87
N ALA B 77 -38.40 27.77 2.23
CA ALA B 77 -39.59 28.46 2.74
C ALA B 77 -40.08 27.84 4.03
N TRP B 78 -40.01 26.50 4.15
CA TRP B 78 -40.42 25.87 5.40
C TRP B 78 -39.44 26.22 6.52
N TYR B 79 -38.13 26.24 6.22
CA TYR B 79 -37.16 26.61 7.24
C TYR B 79 -37.43 28.01 7.78
N ALA B 80 -37.78 28.94 6.90
CA ALA B 80 -37.98 30.31 7.34
C ALA B 80 -39.20 30.41 8.25
N GLU B 81 -40.25 29.62 7.96
CA GLU B 81 -41.46 29.71 8.76
C GLU B 81 -41.26 29.08 10.13
N TYR B 82 -40.59 27.93 10.20
CA TYR B 82 -40.40 27.30 11.51
C TYR B 82 -39.56 28.17 12.43
N ASP B 83 -38.45 28.70 11.91
CA ASP B 83 -37.56 29.52 12.75
C ASP B 83 -38.28 30.76 13.29
N ASP B 84 -38.99 31.48 12.41
CA ASP B 84 -39.66 32.70 12.86
C ASP B 84 -40.88 32.38 13.72
N ARG B 85 -41.66 31.36 13.35
CA ARG B 85 -42.90 31.10 14.07
C ARG B 85 -42.65 30.53 15.46
N ALA B 86 -41.63 29.69 15.62
CA ALA B 86 -41.50 28.90 16.83
C ALA B 86 -40.37 29.32 17.77
N ILE B 87 -39.33 30.00 17.27
CA ILE B 87 -38.10 30.19 18.03
C ILE B 87 -37.95 31.61 18.55
N ASP B 88 -38.03 32.61 17.68
CA ASP B 88 -37.69 33.98 18.07
C ASP B 88 -38.83 35.00 18.02
N SER B 89 -40.06 34.61 17.69
CA SER B 89 -41.18 35.54 17.68
C SER B 89 -42.20 35.23 18.77
N THR B 90 -41.76 34.65 19.88
CA THR B 90 -42.63 34.38 21.00
C THR B 90 -42.63 35.56 21.97
N LEU B 96 -45.37 31.20 22.17
CA LEU B 96 -45.58 29.80 22.52
C LEU B 96 -44.87 29.40 23.80
N THR B 97 -45.38 28.34 24.44
CA THR B 97 -44.78 27.81 25.65
C THR B 97 -43.70 26.79 25.31
N ASP B 98 -42.91 26.47 26.32
CA ASP B 98 -41.85 25.47 26.14
C ASP B 98 -42.44 24.07 25.93
N ALA B 99 -43.53 23.77 26.63
CA ALA B 99 -44.20 22.48 26.45
C ALA B 99 -44.78 22.36 25.05
N GLU B 100 -45.39 23.44 24.56
CA GLU B 100 -45.91 23.44 23.19
C GLU B 100 -44.79 23.19 22.19
N VAL B 101 -43.63 23.83 22.41
CA VAL B 101 -42.50 23.67 21.51
C VAL B 101 -41.96 22.24 21.57
N ALA B 102 -41.90 21.65 22.76
CA ALA B 102 -41.43 20.28 22.89
C ALA B 102 -42.35 19.29 22.19
N GLU B 103 -43.67 19.48 22.34
CA GLU B 103 -44.60 18.62 21.63
C GLU B 103 -44.51 18.81 20.12
N LEU B 104 -44.28 20.04 19.67
CA LEU B 104 -44.07 20.28 18.24
C LEU B 104 -42.83 19.56 17.73
N HIS B 105 -41.75 19.59 18.51
CA HIS B 105 -40.55 18.84 18.13
C HIS B 105 -40.84 17.34 18.04
N ARG B 106 -41.56 16.80 19.02
CA ARG B 106 -41.92 15.38 18.97
C ARG B 106 -42.72 15.05 17.72
N ALA B 107 -43.74 15.86 17.43
CA ALA B 107 -44.61 15.60 16.29
C ALA B 107 -43.84 15.68 14.98
N LEU B 108 -43.00 16.71 14.82
CA LEU B 108 -42.22 16.85 13.60
C LEU B 108 -41.19 15.73 13.46
N GLY B 109 -40.63 15.25 14.58
CA GLY B 109 -39.75 14.10 14.53
C GLY B 109 -40.49 12.84 14.13
N GLU B 110 -41.78 12.75 14.47
CA GLU B 110 -42.57 11.61 14.03
C GLU B 110 -42.78 11.61 12.52
N ILE B 111 -42.94 12.79 11.91
CA ILE B 111 -43.02 12.86 10.45
C ILE B 111 -41.72 12.36 9.83
N LEU B 112 -40.59 12.70 10.46
CA LEU B 112 -39.30 12.19 10.01
C LEU B 112 -39.20 10.68 10.18
N ARG B 113 -40.06 10.10 11.00
CA ARG B 113 -40.17 8.65 11.17
C ARG B 113 -41.15 8.04 10.20
N ASP B 114 -41.36 8.68 9.05
CA ASP B 114 -42.18 8.24 7.94
C ASP B 114 -43.65 7.98 8.30
N ARG B 115 -44.08 8.35 9.52
CA ARG B 115 -45.49 8.24 9.87
C ARG B 115 -46.26 9.49 9.47
N PRO B 116 -47.57 9.39 9.29
CA PRO B 116 -48.34 10.57 8.90
C PRO B 116 -48.37 11.61 10.02
N ALA B 117 -48.72 12.83 9.64
CA ALA B 117 -48.69 13.95 10.56
C ALA B 117 -49.69 13.72 11.70
N PRO B 118 -49.26 13.81 12.96
CA PRO B 118 -50.19 13.60 14.07
C PRO B 118 -51.27 14.66 14.16
N ASP B 119 -50.99 15.89 13.74
CA ASP B 119 -51.96 16.98 13.76
C ASP B 119 -52.00 17.59 12.36
N PRO B 120 -52.82 17.02 11.46
CA PRO B 120 -52.91 17.58 10.10
C PRO B 120 -53.47 18.99 10.04
N SER B 121 -54.02 19.51 11.14
CA SER B 121 -54.51 20.88 11.16
C SER B 121 -53.40 21.90 11.34
N ASP B 122 -52.27 21.49 11.91
CA ASP B 122 -51.13 22.39 12.08
C ASP B 122 -50.50 22.67 10.72
N PRO B 123 -50.36 23.93 10.31
CA PRO B 123 -49.79 24.19 8.98
C PRO B 123 -48.34 23.75 8.85
N VAL B 124 -47.54 23.92 9.92
CA VAL B 124 -46.14 23.52 9.89
C VAL B 124 -46.02 22.01 9.68
N GLN B 125 -46.90 21.23 10.33
CA GLN B 125 -46.82 19.78 10.22
C GLN B 125 -47.14 19.31 8.81
N ARG B 126 -48.21 19.84 8.21
CA ARG B 126 -48.52 19.52 6.81
C ARG B 126 -47.37 19.92 5.90
N GLY B 127 -46.84 21.13 6.09
CA GLY B 127 -45.73 21.59 5.27
C GLY B 127 -44.52 20.67 5.37
N LEU B 128 -44.18 20.24 6.58
CA LEU B 128 -43.04 19.35 6.74
C LEU B 128 -43.29 17.99 6.11
N ALA B 129 -44.53 17.49 6.21
CA ALA B 129 -44.86 16.24 5.54
C ALA B 129 -44.70 16.36 4.03
N ASP B 130 -45.15 17.49 3.47
CA ASP B 130 -44.98 17.72 2.04
C ASP B 130 -43.49 17.77 1.67
N VAL B 131 -42.70 18.50 2.46
CA VAL B 131 -41.26 18.58 2.20
C VAL B 131 -40.63 17.20 2.23
N TRP B 132 -40.99 16.38 3.23
CA TRP B 132 -40.41 15.06 3.37
C TRP B 132 -40.78 14.16 2.19
N ARG B 133 -42.05 14.18 1.78
CA ARG B 133 -42.47 13.36 0.65
C ARG B 133 -41.76 13.79 -0.62
N THR B 134 -41.71 15.11 -0.88
CA THR B 134 -41.07 15.60 -2.09
C THR B 134 -39.59 15.27 -2.11
N LEU B 135 -38.91 15.40 -0.96
CA LEU B 135 -37.50 15.08 -0.89
C LEU B 135 -37.25 13.60 -1.16
N ASN B 136 -38.05 12.74 -0.53
CA ASN B 136 -37.88 11.30 -0.73
C ASN B 136 -38.22 10.87 -2.16
N GLY B 137 -39.07 11.62 -2.85
CA GLY B 137 -39.33 11.29 -4.25
C GLY B 137 -38.10 11.44 -5.10
N LEU B 138 -37.34 12.52 -4.89
CA LEU B 138 -36.04 12.71 -5.54
C LEU B 138 -34.94 12.18 -4.63
N ALA B 139 -35.08 10.88 -4.29
CA ALA B 139 -34.21 10.25 -3.31
C ALA B 139 -32.74 10.29 -3.71
N SER B 140 -32.40 9.65 -4.82
CA SER B 140 -31.03 9.48 -5.32
C SER B 140 -30.16 8.63 -4.41
N ASP B 141 -30.77 7.92 -3.45
CA ASP B 141 -30.01 7.09 -2.51
C ASP B 141 -29.01 7.92 -1.70
N TRP B 142 -29.50 8.44 -0.58
CA TRP B 142 -28.80 9.30 0.36
C TRP B 142 -28.97 8.73 1.76
N ASP B 143 -28.09 9.15 2.68
CA ASP B 143 -28.21 8.77 4.08
C ASP B 143 -29.25 9.65 4.76
N ARG B 144 -30.49 9.15 4.80
CA ARG B 144 -31.57 9.90 5.44
C ARG B 144 -31.40 9.96 6.95
N ALA B 145 -30.88 8.88 7.55
CA ALA B 145 -30.75 8.81 9.00
C ALA B 145 -29.79 9.88 9.54
N ALA B 146 -28.68 10.11 8.84
CA ALA B 146 -27.76 11.16 9.27
C ALA B 146 -28.44 12.52 9.22
N PHE B 147 -29.26 12.76 8.18
CA PHE B 147 -30.00 14.00 8.10
C PHE B 147 -30.98 14.13 9.25
N VAL B 148 -31.64 13.03 9.62
CA VAL B 148 -32.58 13.07 10.75
C VAL B 148 -31.83 13.39 12.04
N ASP B 149 -30.61 12.86 12.18
CA ASP B 149 -29.81 13.14 13.37
C ASP B 149 -29.42 14.62 13.45
N THR B 150 -28.98 15.19 12.32
CA THR B 150 -28.72 16.62 12.27
C THR B 150 -29.97 17.42 12.62
N THR B 151 -31.14 16.93 12.20
CA THR B 151 -32.40 17.61 12.52
C THR B 151 -32.69 17.56 14.02
N LEU B 152 -32.42 16.43 14.66
CA LEU B 152 -32.58 16.34 16.10
C LEU B 152 -31.68 17.35 16.83
N ARG B 153 -30.41 17.42 16.42
CA ARG B 153 -29.53 18.41 17.01
C ARG B 153 -30.02 19.83 16.73
N TYR B 154 -30.61 20.06 15.56
CA TYR B 154 -31.17 21.36 15.24
C TYR B 154 -32.29 21.74 16.19
N PHE B 155 -33.18 20.78 16.48
CA PHE B 155 -34.29 21.05 17.40
C PHE B 155 -33.78 21.32 18.81
N GLU B 156 -32.79 20.54 19.27
CA GLU B 156 -32.25 20.76 20.60
C GLU B 156 -31.58 22.13 20.69
N ALA B 157 -30.85 22.52 19.65
CA ALA B 157 -30.26 23.85 19.62
C ALA B 157 -31.33 24.93 19.60
N ASN B 158 -32.46 24.69 18.93
CA ASN B 158 -33.56 25.66 18.98
C ASN B 158 -34.05 25.85 20.41
N ARG B 159 -34.19 24.76 21.15
CA ARG B 159 -34.58 24.88 22.57
C ARG B 159 -33.55 25.67 23.36
N TYR B 160 -32.26 25.44 23.09
CA TYR B 160 -31.20 26.22 23.73
C TYR B 160 -31.34 27.71 23.41
N GLU B 161 -31.60 28.03 22.13
CA GLU B 161 -31.80 29.42 21.72
C GLU B 161 -32.98 30.05 22.44
N ARG B 162 -34.06 29.29 22.59
CA ARG B 162 -35.24 29.82 23.27
C ARG B 162 -34.96 30.09 24.74
N VAL B 163 -34.16 29.23 25.37
CA VAL B 163 -33.72 29.51 26.74
C VAL B 163 -32.93 30.82 26.80
N ASN B 164 -31.97 30.98 25.89
CA ASN B 164 -31.17 32.21 25.88
C ASN B 164 -32.03 33.45 25.67
N ILE B 165 -33.07 33.34 24.82
CA ILE B 165 -33.95 34.47 24.56
C ILE B 165 -34.77 34.79 25.80
N ARG B 166 -35.24 33.75 26.50
CA ARG B 166 -36.01 33.95 27.72
C ARG B 166 -35.16 34.64 28.80
N ARG B 167 -33.87 34.32 28.89
CA ARG B 167 -33.02 35.02 29.85
C ARG B 167 -32.74 36.46 29.41
N GLY B 168 -32.74 36.74 28.11
CA GLY B 168 -32.50 38.08 27.61
C GLY B 168 -31.08 38.58 27.61
N ILE B 169 -30.10 37.68 27.56
CA ILE B 169 -28.68 38.05 27.61
C ILE B 169 -27.95 37.10 26.68
N PRO B 170 -27.00 37.58 25.86
CA PRO B 170 -26.32 36.69 24.92
C PRO B 170 -25.29 35.84 25.63
N PRO B 171 -25.09 34.61 25.17
CA PRO B 171 -24.11 33.73 25.82
C PRO B 171 -22.71 34.17 25.52
N THR B 172 -21.73 33.50 26.11
CA THR B 172 -20.35 33.77 25.78
C THR B 172 -20.14 33.52 24.27
N PRO B 173 -19.26 34.28 23.64
CA PRO B 173 -18.98 34.04 22.21
C PRO B 173 -18.69 32.57 21.89
N SER B 174 -17.91 31.89 22.73
CA SER B 174 -17.58 30.50 22.45
C SER B 174 -18.83 29.62 22.47
N ALA B 175 -19.67 29.80 23.50
CA ALA B 175 -20.88 28.99 23.61
C ALA B 175 -21.83 29.25 22.44
N HIS B 176 -21.92 30.49 21.98
CA HIS B 176 -22.80 30.78 20.84
C HIS B 176 -22.23 30.20 19.56
N ILE B 177 -20.93 30.38 19.33
CA ILE B 177 -20.27 29.87 18.13
C ILE B 177 -20.44 28.35 18.04
N GLY B 178 -20.32 27.66 19.17
CA GLY B 178 -20.48 26.22 19.17
C GLY B 178 -21.88 25.80 18.76
N MET B 179 -22.89 26.35 19.44
CA MET B 179 -24.27 25.92 19.25
C MET B 179 -24.89 26.44 17.96
N ARG B 180 -24.32 27.51 17.37
CA ARG B 180 -24.89 28.10 16.17
C ARG B 180 -24.82 27.14 14.99
N ARG B 181 -23.77 26.31 14.92
CA ARG B 181 -23.63 25.37 13.81
C ARG B 181 -24.81 24.40 13.78
N HIS B 182 -25.31 24.00 14.95
CA HIS B 182 -26.51 23.16 14.99
C HIS B 182 -27.76 24.00 14.77
N GLY B 183 -27.78 25.24 15.28
CA GLY B 183 -28.94 26.08 15.19
C GLY B 183 -29.25 26.60 13.80
N GLY B 184 -28.30 26.48 12.88
CA GLY B 184 -28.55 26.91 11.51
C GLY B 184 -28.78 25.72 10.60
N HIS B 185 -28.57 24.52 11.15
CA HIS B 185 -28.72 23.27 10.41
C HIS B 185 -27.95 23.30 9.09
N VAL B 186 -26.68 23.70 9.19
CA VAL B 186 -25.86 23.82 7.99
C VAL B 186 -25.38 22.45 7.52
N TYR B 187 -25.01 21.57 8.45
CA TYR B 187 -24.58 20.23 8.06
C TYR B 187 -25.70 19.44 7.39
N GLY B 188 -26.93 19.59 7.89
CA GLY B 188 -28.07 19.00 7.20
C GLY B 188 -28.24 19.54 5.80
N MET B 189 -27.94 20.84 5.61
CA MET B 189 -28.01 21.41 4.28
C MET B 189 -26.95 20.81 3.38
N TYR B 190 -25.77 20.53 3.92
CA TYR B 190 -24.75 19.81 3.15
C TYR B 190 -25.26 18.45 2.69
N ILE B 191 -25.90 17.71 3.62
CA ILE B 191 -26.43 16.38 3.29
C ILE B 191 -27.51 16.49 2.21
N LEU B 192 -28.42 17.46 2.36
CA LEU B 192 -29.49 17.62 1.39
C LEU B 192 -28.95 18.03 0.02
N GLY B 193 -27.92 18.88 0.00
CA GLY B 193 -27.32 19.23 -1.27
C GLY B 193 -26.71 18.04 -1.96
N ALA B 194 -26.00 17.19 -1.21
CA ALA B 194 -25.49 15.95 -1.79
C ALA B 194 -26.62 15.07 -2.31
N ALA B 195 -27.75 15.04 -1.61
CA ALA B 195 -28.86 14.18 -2.01
C ALA B 195 -29.54 14.69 -3.27
N VAL B 196 -29.92 15.97 -3.30
CA VAL B 196 -30.79 16.49 -4.34
C VAL B 196 -30.06 16.74 -5.66
N ASN B 197 -28.75 17.00 -5.64
CA ASN B 197 -28.05 17.30 -6.87
C ASN B 197 -27.55 16.06 -7.60
N GLY B 198 -27.13 15.02 -6.88
CA GLY B 198 -26.81 13.76 -7.54
C GLY B 198 -25.37 13.33 -7.41
N TYR B 199 -24.80 13.54 -6.22
CA TYR B 199 -23.45 13.08 -5.91
C TYR B 199 -23.45 12.50 -4.51
N ARG B 200 -22.62 11.47 -4.32
CA ARG B 200 -22.53 10.77 -3.04
C ARG B 200 -21.08 10.64 -2.64
N PRO B 201 -20.60 11.45 -1.69
CA PRO B 201 -19.21 11.33 -1.25
C PRO B 201 -18.99 10.08 -0.41
N GLU B 202 -17.80 9.53 -0.53
CA GLU B 202 -17.46 8.30 0.19
C GLU B 202 -17.53 8.53 1.69
N ARG B 203 -17.91 7.48 2.42
CA ARG B 203 -17.85 7.57 3.87
C ARG B 203 -16.41 7.58 4.36
N ARG B 204 -15.49 7.01 3.57
CA ARG B 204 -14.07 7.05 3.90
C ARG B 204 -13.56 8.48 3.95
N VAL B 205 -14.16 9.36 3.16
CA VAL B 205 -13.69 10.74 3.03
C VAL B 205 -14.33 11.63 4.08
N LEU B 206 -15.62 11.45 4.32
CA LEU B 206 -16.35 12.34 5.22
C LEU B 206 -15.90 12.18 6.68
N ASP B 207 -15.53 10.96 7.10
CA ASP B 207 -15.06 10.74 8.45
C ASP B 207 -13.63 11.20 8.68
N HIS B 208 -12.96 11.73 7.66
CA HIS B 208 -11.61 12.25 7.84
C HIS B 208 -11.63 13.55 8.63
N ALA B 209 -10.65 13.71 9.51
CA ALA B 209 -10.60 14.88 10.40
C ALA B 209 -10.48 16.18 9.61
N ALA B 210 -9.65 16.19 8.56
CA ALA B 210 -9.45 17.41 7.79
C ALA B 210 -10.75 17.87 7.14
N VAL B 211 -11.52 16.94 6.59
CA VAL B 211 -12.79 17.30 5.95
C VAL B 211 -13.79 17.80 6.99
N ARG B 212 -13.84 17.17 8.16
CA ARG B 212 -14.75 17.63 9.21
C ARG B 212 -14.41 19.05 9.64
N GLU B 213 -13.12 19.34 9.87
CA GLU B 213 -12.74 20.68 10.28
C GLU B 213 -12.93 21.69 9.15
N LEU B 214 -12.79 21.27 7.89
CA LEU B 214 -13.10 22.15 6.78
C LEU B 214 -14.59 22.51 6.76
N GLU B 215 -15.45 21.50 6.98
CA GLU B 215 -16.88 21.77 7.10
C GLU B 215 -17.16 22.74 8.25
N THR B 216 -16.46 22.57 9.38
CA THR B 216 -16.68 23.47 10.50
C THR B 216 -16.28 24.89 10.15
N LEU B 217 -15.14 25.07 9.47
CA LEU B 217 -14.73 26.40 9.04
C LEU B 217 -15.77 27.04 8.12
N ALA B 218 -16.25 26.27 7.13
CA ALA B 218 -17.22 26.80 6.17
C ALA B 218 -18.53 27.17 6.86
N ALA B 219 -18.99 26.32 7.77
CA ALA B 219 -20.21 26.61 8.52
C ALA B 219 -20.03 27.85 9.39
N ASN B 220 -18.84 28.00 10.00
CA ASN B 220 -18.55 29.20 10.77
C ASN B 220 -18.67 30.45 9.90
N TYR B 221 -18.07 30.42 8.72
CA TYR B 221 -18.15 31.58 7.84
C TYR B 221 -19.59 31.89 7.48
N THR B 222 -20.35 30.87 7.07
CA THR B 222 -21.74 31.07 6.69
C THR B 222 -22.55 31.67 7.83
N SER B 223 -22.42 31.12 9.03
CA SER B 223 -23.27 31.56 10.12
C SER B 223 -22.89 32.94 10.62
N TRP B 224 -21.59 33.24 10.67
CA TRP B 224 -21.17 34.57 11.11
C TRP B 224 -21.59 35.63 10.10
N ALA B 225 -21.53 35.30 8.80
CA ALA B 225 -22.03 36.21 7.77
C ALA B 225 -23.53 36.44 7.91
N ASN B 226 -24.29 35.36 8.13
CA ASN B 226 -25.73 35.51 8.30
C ASN B 226 -26.04 36.42 9.49
N ASP B 227 -25.32 36.23 10.60
CA ASP B 227 -25.53 37.09 11.76
C ASP B 227 -25.20 38.54 11.42
N LEU B 228 -24.07 38.75 10.75
CA LEU B 228 -23.66 40.09 10.37
C LEU B 228 -24.74 40.81 9.55
N HIS B 229 -25.41 40.08 8.65
CA HIS B 229 -26.42 40.74 7.82
C HIS B 229 -27.76 40.90 8.53
N SER B 230 -28.18 39.91 9.32
CA SER B 230 -29.50 39.90 9.93
C SER B 230 -29.53 40.50 11.34
N PHE B 231 -28.43 41.12 11.78
CA PHE B 231 -28.37 41.68 13.15
C PHE B 231 -29.52 42.64 13.44
N ALA B 232 -29.86 43.53 12.49
CA ALA B 232 -30.88 44.54 12.78
C ALA B 232 -32.23 43.89 13.08
N ARG B 233 -32.68 43.01 12.19
CA ARG B 233 -33.96 42.33 12.38
C ARG B 233 -33.94 41.47 13.64
N GLU B 234 -32.82 40.80 13.92
CA GLU B 234 -32.75 39.95 15.10
C GLU B 234 -32.72 40.78 16.38
N HIS B 235 -32.16 41.99 16.34
CA HIS B 235 -32.14 42.85 17.53
C HIS B 235 -33.50 43.46 17.79
N ARG B 236 -34.22 43.86 16.74
CA ARG B 236 -35.56 44.41 16.97
C ARG B 236 -36.49 43.36 17.57
N MET B 237 -36.33 42.10 17.16
CA MET B 237 -37.21 41.04 17.62
C MET B 237 -36.78 40.45 18.95
N GLY B 238 -35.54 40.69 19.37
CA GLY B 238 -35.07 40.17 20.63
C GLY B 238 -34.34 38.85 20.55
N GLN B 239 -34.03 38.38 19.34
CA GLN B 239 -33.26 37.14 19.21
C GLN B 239 -31.83 37.43 19.64
N VAL B 240 -31.52 37.00 20.86
CA VAL B 240 -30.25 37.32 21.50
C VAL B 240 -29.12 36.40 21.05
N ASN B 241 -29.44 35.37 20.25
CA ASN B 241 -28.44 34.41 19.79
C ASN B 241 -27.79 34.90 18.49
N ASN B 242 -27.01 35.98 18.64
CA ASN B 242 -26.33 36.61 17.52
C ASN B 242 -24.89 36.92 17.95
N LEU B 243 -23.94 36.59 17.08
CA LEU B 243 -22.53 36.79 17.44
C LEU B 243 -22.23 38.26 17.69
N VAL B 244 -22.87 39.17 16.93
CA VAL B 244 -22.68 40.60 17.18
C VAL B 244 -23.19 40.96 18.57
N TRP B 245 -24.37 40.44 18.94
CA TRP B 245 -24.91 40.65 20.28
C TRP B 245 -23.91 40.25 21.36
N SER B 246 -23.37 39.03 21.27
CA SER B 246 -22.49 38.53 22.32
C SER B 246 -21.17 39.29 22.33
N VAL B 247 -20.64 39.65 21.16
CA VAL B 247 -19.39 40.42 21.13
C VAL B 247 -19.58 41.77 21.79
N HIS B 248 -20.69 42.45 21.49
CA HIS B 248 -20.96 43.73 22.13
C HIS B 248 -21.14 43.57 23.64
N HIS B 249 -21.79 42.49 24.07
CA HIS B 249 -22.13 42.34 25.48
C HIS B 249 -20.92 41.96 26.31
N HIS B 250 -20.16 40.96 25.86
CA HIS B 250 -19.09 40.37 26.66
C HIS B 250 -17.71 40.96 26.39
N GLU B 251 -17.48 41.55 25.21
CA GLU B 251 -16.21 42.19 24.94
C GLU B 251 -16.29 43.71 25.05
N GLY B 252 -17.46 44.26 25.38
CA GLY B 252 -17.61 45.67 25.66
C GLY B 252 -17.31 46.58 24.47
N LEU B 253 -17.93 46.32 23.33
CA LEU B 253 -17.70 47.08 22.12
C LEU B 253 -19.01 47.63 21.58
N THR B 254 -18.91 48.73 20.84
CA THR B 254 -20.06 49.30 20.15
C THR B 254 -20.61 48.31 19.13
N PHE B 255 -21.87 48.52 18.74
CA PHE B 255 -22.47 47.67 17.72
C PHE B 255 -21.68 47.76 16.42
N GLN B 256 -21.17 48.95 16.10
CA GLN B 256 -20.32 49.09 14.93
C GLN B 256 -18.99 48.37 15.14
N GLN B 257 -18.37 48.55 16.31
CA GLN B 257 -17.13 47.82 16.60
C GLN B 257 -17.38 46.32 16.62
N ALA B 258 -18.53 45.89 17.15
CA ALA B 258 -18.85 44.47 17.17
C ALA B 258 -18.96 43.92 15.76
N ALA B 259 -19.67 44.63 14.88
CA ALA B 259 -19.79 44.19 13.50
C ALA B 259 -18.43 44.18 12.81
N ASP B 260 -17.59 45.18 13.09
CA ASP B 260 -16.25 45.20 12.51
C ASP B 260 -15.44 43.99 12.96
N ARG B 261 -15.52 43.66 14.25
CA ARG B 261 -14.79 42.50 14.75
C ARG B 261 -15.30 41.21 14.14
N VAL B 262 -16.63 41.10 13.97
CA VAL B 262 -17.21 39.89 13.38
C VAL B 262 -16.78 39.73 11.93
N ALA B 263 -16.76 40.83 11.16
CA ALA B 263 -16.29 40.77 9.78
C ALA B 263 -14.82 40.37 9.71
N ASP B 264 -14.01 40.89 10.66
CA ASP B 264 -12.62 40.49 10.72
C ASP B 264 -12.50 38.98 10.96
N LEU B 265 -13.32 38.45 11.86
CA LEU B 265 -13.32 37.02 12.12
C LEU B 265 -13.73 36.22 10.89
N CYS B 266 -14.71 36.73 10.13
CA CYS B 266 -15.10 36.09 8.87
C CYS B 266 -13.93 36.00 7.92
N ASP B 267 -13.20 37.12 7.75
CA ASP B 267 -12.04 37.14 6.86
C ASP B 267 -11.02 36.08 7.28
N LYS B 268 -10.70 36.04 8.57
CA LYS B 268 -9.67 35.11 9.05
C LYS B 268 -10.12 33.66 8.90
N GLU B 269 -11.42 33.39 9.11
CA GLU B 269 -11.91 32.03 8.93
C GLU B 269 -11.88 31.62 7.47
N LEU B 270 -12.15 32.56 6.55
CA LEU B 270 -12.04 32.23 5.13
C LEU B 270 -10.59 31.90 4.77
N ALA B 271 -9.64 32.65 5.32
CA ALA B 271 -8.23 32.35 5.04
C ALA B 271 -7.87 30.96 5.56
N ALA B 272 -8.32 30.62 6.76
CA ALA B 272 -8.05 29.28 7.29
C ALA B 272 -8.70 28.20 6.43
N TYR B 273 -9.92 28.45 5.95
CA TYR B 273 -10.59 27.49 5.07
C TYR B 273 -9.77 27.23 3.83
N LEU B 274 -9.29 28.29 3.18
CA LEU B 274 -8.45 28.10 1.99
C LEU B 274 -7.18 27.32 2.33
N GLU B 275 -6.56 27.60 3.48
CA GLU B 275 -5.35 26.89 3.84
C GLU B 275 -5.60 25.39 3.98
N LEU B 276 -6.68 25.02 4.68
CA LEU B 276 -7.02 23.60 4.80
C LEU B 276 -7.33 22.97 3.45
N ARG B 277 -8.10 23.68 2.61
CA ARG B 277 -8.47 23.13 1.31
C ARG B 277 -7.23 22.86 0.47
N GLN B 278 -6.25 23.74 0.55
CA GLN B 278 -5.01 23.52 -0.18
C GLN B 278 -4.22 22.36 0.40
N THR B 279 -4.27 22.18 1.73
CA THR B 279 -3.51 21.09 2.32
C THR B 279 -4.15 19.72 2.08
N LEU B 280 -5.45 19.68 1.77
CA LEU B 280 -6.16 18.42 1.62
C LEU B 280 -5.51 17.43 0.64
N PRO B 281 -5.05 17.83 -0.55
CA PRO B 281 -4.45 16.83 -1.45
C PRO B 281 -3.26 16.11 -0.86
N GLU B 282 -2.39 16.82 -0.12
CA GLU B 282 -1.18 16.20 0.38
C GLU B 282 -1.49 15.07 1.36
N LEU B 283 -2.59 15.19 2.12
CA LEU B 283 -2.95 14.18 3.09
C LEU B 283 -3.47 12.90 2.44
N GLY B 284 -3.72 12.90 1.14
CA GLY B 284 -4.26 11.76 0.45
C GLY B 284 -5.72 11.90 0.05
N ILE B 285 -6.30 13.08 0.20
CA ILE B 285 -7.70 13.28 -0.18
C ILE B 285 -7.71 14.17 -1.42
N PRO B 286 -7.93 13.60 -2.62
CA PRO B 286 -8.01 14.43 -3.82
C PRO B 286 -9.41 15.01 -4.01
N LEU B 287 -9.45 16.26 -4.49
CA LEU B 287 -10.72 16.94 -4.76
C LEU B 287 -11.09 16.73 -6.23
N THR B 288 -11.45 15.48 -6.53
CA THR B 288 -11.66 15.05 -7.91
C THR B 288 -13.13 14.74 -8.17
N GLY B 289 -13.66 13.66 -7.63
CA GLY B 289 -15.00 13.22 -7.97
C GLY B 289 -16.08 13.87 -7.14
N ALA B 290 -16.74 13.07 -6.28
CA ALA B 290 -17.77 13.62 -5.41
C ALA B 290 -17.17 14.54 -4.36
N THR B 291 -15.90 14.32 -4.00
CA THR B 291 -15.24 15.20 -3.05
C THR B 291 -15.15 16.61 -3.60
N GLY B 292 -14.85 16.75 -4.89
CA GLY B 292 -14.78 18.07 -5.49
C GLY B 292 -16.11 18.79 -5.48
N ARG B 293 -17.19 18.10 -5.85
CA ARG B 293 -18.50 18.74 -5.82
C ARG B 293 -18.92 19.06 -4.40
N HIS B 294 -18.54 18.24 -3.42
CA HIS B 294 -18.87 18.54 -2.03
C HIS B 294 -18.14 19.79 -1.54
N VAL B 295 -16.83 19.91 -1.84
CA VAL B 295 -16.10 21.10 -1.43
C VAL B 295 -16.67 22.33 -2.14
N ARG B 296 -17.05 22.18 -3.42
CA ARG B 296 -17.64 23.31 -4.14
C ARG B 296 -18.98 23.72 -3.53
N PHE B 297 -19.76 22.75 -3.06
CA PHE B 297 -21.00 23.08 -2.36
C PHE B 297 -20.71 23.83 -1.07
N LEU B 298 -19.69 23.40 -0.33
CA LEU B 298 -19.25 24.13 0.86
C LEU B 298 -18.93 25.58 0.50
N GLU B 299 -18.25 25.79 -0.63
CA GLU B 299 -17.92 27.14 -1.09
C GLU B 299 -19.17 27.93 -1.48
N ASP B 300 -20.20 27.24 -1.98
CA ASP B 300 -21.39 27.95 -2.44
C ASP B 300 -22.11 28.65 -1.30
N MET B 301 -22.29 27.97 -0.16
CA MET B 301 -23.06 28.55 0.93
C MET B 301 -22.38 29.78 1.52
N MET B 302 -21.05 29.83 1.48
CA MET B 302 -20.33 31.02 1.95
C MET B 302 -20.59 32.20 1.03
N TRP B 303 -20.49 31.99 -0.28
CA TRP B 303 -20.78 33.05 -1.23
C TRP B 303 -22.26 33.39 -1.23
N SER B 304 -23.09 32.37 -1.01
CA SER B 304 -24.54 32.58 -1.01
C SER B 304 -24.95 33.61 0.03
N MET B 305 -24.37 33.53 1.23
CA MET B 305 -24.78 34.47 2.27
C MET B 305 -24.38 35.90 1.90
N VAL B 306 -23.14 36.07 1.44
CA VAL B 306 -22.65 37.40 1.10
C VAL B 306 -23.49 38.02 -0.01
N ASP B 307 -23.72 37.27 -1.09
CA ASP B 307 -24.39 37.86 -2.24
C ASP B 307 -25.91 37.97 -2.03
N TRP B 308 -26.53 36.96 -1.42
CA TRP B 308 -27.98 36.93 -1.28
C TRP B 308 -28.49 37.86 -0.19
N SER B 309 -27.84 37.90 0.99
CA SER B 309 -28.39 38.67 2.09
C SER B 309 -28.54 40.14 1.73
N ALA B 310 -27.60 40.68 0.97
CA ALA B 310 -27.69 42.07 0.53
C ALA B 310 -28.78 42.29 -0.52
N ARG B 311 -29.32 41.23 -1.11
CA ARG B 311 -30.35 41.32 -2.12
C ARG B 311 -31.72 40.88 -1.62
N SER B 312 -31.84 40.47 -0.37
CA SER B 312 -33.09 39.99 0.19
C SER B 312 -33.75 41.06 1.04
N ALA B 313 -35.07 41.14 0.97
CA ALA B 313 -35.84 42.10 1.76
C ALA B 313 -36.19 41.57 3.15
N ARG B 314 -35.39 40.64 3.68
CA ARG B 314 -35.59 40.20 5.06
C ARG B 314 -35.12 41.24 6.05
N TYR B 315 -34.12 42.04 5.69
CA TYR B 315 -33.43 42.94 6.60
C TYR B 315 -33.52 44.37 6.05
N ASP B 316 -34.58 45.10 6.44
CA ASP B 316 -34.82 46.46 5.93
C ASP B 316 -35.23 47.46 7.00
N VAL B 317 -35.95 47.02 8.03
CA VAL B 317 -36.57 47.84 9.09
C VAL B 317 -37.23 49.11 8.57
N VAL B 318 -37.70 49.09 7.32
CA VAL B 318 -38.45 50.22 6.77
C VAL B 318 -39.75 50.42 7.53
N ASP C 1 10.27 -17.70 -6.11
CA ASP C 1 11.21 -17.53 -7.21
C ASP C 1 12.34 -18.55 -7.08
N MET C 2 13.57 -18.06 -6.88
CA MET C 2 14.75 -18.92 -6.73
C MET C 2 15.69 -18.31 -5.70
N THR C 3 16.76 -19.05 -5.40
CA THR C 3 17.83 -18.53 -4.54
C THR C 3 19.18 -18.94 -5.12
N ILE C 4 20.25 -18.43 -4.51
CA ILE C 4 21.62 -18.71 -4.91
C ILE C 4 22.50 -18.62 -3.67
N SER C 5 23.60 -19.37 -3.66
CA SER C 5 24.60 -19.30 -2.60
C SER C 5 25.87 -18.69 -3.22
N VAL C 6 26.20 -17.47 -2.80
CA VAL C 6 27.33 -16.72 -3.34
C VAL C 6 28.62 -17.21 -2.68
N PRO C 7 29.60 -17.69 -3.45
CA PRO C 7 30.80 -18.25 -2.82
C PRO C 7 31.64 -17.20 -2.10
N GLN C 8 32.50 -17.69 -1.23
CA GLN C 8 33.39 -16.86 -0.42
C GLN C 8 34.67 -16.59 -1.19
N LEU C 9 35.01 -15.31 -1.35
CA LEU C 9 36.16 -14.89 -2.15
C LEU C 9 37.26 -14.42 -1.20
N ASP C 10 38.24 -15.27 -0.95
CA ASP C 10 39.36 -14.92 -0.08
C ASP C 10 40.42 -14.18 -0.87
N CYS C 11 40.65 -12.93 -0.52
CA CYS C 11 41.70 -12.12 -1.15
C CYS C 11 42.73 -11.78 -0.09
N PRO C 12 43.93 -12.35 -0.15
CA PRO C 12 44.97 -12.11 0.86
C PRO C 12 45.74 -10.80 0.66
N LEU C 13 45.02 -9.68 0.64
CA LEU C 13 45.66 -8.36 0.57
C LEU C 13 44.85 -7.42 1.45
N SER C 14 45.30 -7.27 2.70
CA SER C 14 44.63 -6.44 3.69
C SER C 14 45.59 -5.38 4.21
N ARG C 15 45.02 -4.33 4.78
CA ARG C 15 45.77 -3.17 5.26
C ARG C 15 44.91 -2.49 6.31
N PRO C 16 45.49 -1.85 7.31
CA PRO C 16 44.66 -1.18 8.32
C PRO C 16 43.91 0.00 7.73
N VAL C 17 42.65 0.13 8.13
CA VAL C 17 41.72 1.09 7.58
C VAL C 17 41.76 2.41 8.35
N HIS C 18 41.26 3.46 7.69
CA HIS C 18 41.14 4.76 8.34
C HIS C 18 40.04 4.71 9.40
N PRO C 19 40.28 5.27 10.58
CA PRO C 19 39.32 5.07 11.68
C PRO C 19 37.98 5.77 11.50
N GLU C 20 37.97 6.96 10.91
CA GLU C 20 36.76 7.78 10.88
C GLU C 20 35.76 7.35 9.81
N GLY C 21 35.89 6.11 9.33
CA GLY C 21 35.06 5.67 8.22
C GLY C 21 33.57 5.85 8.48
N GLU C 22 33.11 5.38 9.64
CA GLU C 22 31.69 5.51 9.97
C GLU C 22 31.23 6.95 9.92
N ARG C 23 32.04 7.88 10.43
CA ARG C 23 31.67 9.29 10.34
C ARG C 23 31.39 9.69 8.90
N ALA C 24 32.28 9.28 7.99
CA ALA C 24 32.11 9.64 6.59
C ALA C 24 30.78 9.13 6.05
N ASP C 25 30.35 7.94 6.49
CA ASP C 25 29.05 7.42 6.07
C ASP C 25 27.97 8.46 6.27
N ALA C 26 27.86 9.00 7.49
CA ALA C 26 26.88 10.05 7.75
C ALA C 26 27.11 11.24 6.83
N TYR C 27 28.38 11.67 6.72
CA TYR C 27 28.69 12.80 5.86
C TYR C 27 28.24 12.55 4.43
N ALA C 28 28.37 11.31 3.96
CA ALA C 28 27.90 11.01 2.61
C ALA C 28 26.46 11.45 2.46
N VAL C 29 25.60 10.96 3.38
CA VAL C 29 24.19 11.34 3.33
C VAL C 29 24.06 12.85 3.35
N GLU C 30 24.82 13.50 4.25
CA GLU C 30 24.75 14.95 4.36
C GLU C 30 24.96 15.61 3.01
N TRP C 31 26.06 15.25 2.33
CA TRP C 31 26.35 15.87 1.05
C TRP C 31 25.24 15.60 0.05
N LEU C 32 24.80 14.34 -0.02
CA LEU C 32 23.75 13.98 -0.96
C LEU C 32 22.48 14.76 -0.68
N ARG C 33 22.24 15.10 0.59
CA ARG C 33 21.09 15.91 0.93
C ARG C 33 21.29 17.36 0.50
N GLY C 34 22.52 17.87 0.65
CA GLY C 34 22.81 19.26 0.36
C GLY C 34 22.87 19.62 -1.11
N VAL C 35 23.09 18.63 -1.97
CA VAL C 35 23.24 18.92 -3.40
C VAL C 35 21.95 18.64 -4.18
N GLY C 36 21.07 17.79 -3.66
CA GLY C 36 19.82 17.46 -4.31
C GLY C 36 19.72 16.03 -4.79
N LEU C 37 20.78 15.22 -4.60
CA LEU C 37 20.74 13.82 -5.01
C LEU C 37 19.91 12.98 -4.04
N MET C 38 19.68 13.48 -2.83
CA MET C 38 18.86 12.81 -1.83
C MET C 38 18.01 13.86 -1.12
N ALA C 39 16.69 13.66 -1.11
CA ALA C 39 15.80 14.59 -0.43
C ALA C 39 15.88 14.40 1.08
N ASP C 40 15.87 15.50 1.82
CA ASP C 40 15.89 15.43 3.28
C ASP C 40 14.48 15.35 3.87
N ALA C 44 14.61 8.09 4.34
CA ALA C 44 15.37 7.19 5.20
C ALA C 44 16.81 7.12 4.72
N ALA C 45 17.73 6.94 5.68
CA ALA C 45 19.15 6.79 5.41
C ALA C 45 19.66 5.36 5.55
N PRO C 46 19.38 4.45 4.59
CA PRO C 46 20.11 3.18 4.57
C PRO C 46 21.43 3.32 3.83
N VAL C 47 21.91 4.55 3.71
CA VAL C 47 23.17 4.81 3.02
C VAL C 47 24.36 4.60 3.94
N LEU C 48 24.21 4.90 5.24
CA LEU C 48 25.26 4.55 6.18
C LEU C 48 25.43 3.05 6.28
N ALA C 49 24.38 2.28 5.99
CA ALA C 49 24.50 0.82 5.96
C ALA C 49 25.26 0.36 4.73
N VAL C 50 25.18 1.13 3.64
CA VAL C 50 25.96 0.80 2.43
C VAL C 50 27.45 0.96 2.71
N GLY C 51 27.82 2.07 3.36
CA GLY C 51 29.20 2.33 3.73
C GLY C 51 30.04 2.99 2.65
N LEU C 52 29.52 4.08 2.08
CA LEU C 52 30.30 4.83 1.10
C LEU C 52 31.51 5.49 1.74
N GLY C 53 31.42 5.83 3.03
CA GLY C 53 32.56 6.40 3.72
C GLY C 53 33.57 5.35 4.14
N ARG C 54 33.10 4.12 4.40
CA ARG C 54 34.01 3.04 4.75
C ARG C 54 34.79 2.58 3.53
N LEU C 55 34.14 2.59 2.37
CA LEU C 55 34.87 2.38 1.12
C LEU C 55 35.93 3.46 0.92
N ALA C 56 35.53 4.73 1.12
CA ALA C 56 36.49 5.82 1.05
C ALA C 56 37.67 5.57 1.99
N ALA C 57 37.40 5.06 3.18
CA ALA C 57 38.47 4.68 4.09
C ALA C 57 39.34 3.61 3.46
N CYS C 58 38.73 2.70 2.70
CA CYS C 58 39.51 1.68 2.01
C CYS C 58 40.39 2.26 0.90
N TYR C 59 40.04 3.42 0.35
CA TYR C 59 40.82 3.93 -0.78
C TYR C 59 41.91 4.91 -0.38
N VAL C 60 42.00 5.32 0.89
CA VAL C 60 43.06 6.21 1.33
C VAL C 60 43.86 5.50 2.42
N ASP C 61 45.05 6.03 2.71
CA ASP C 61 45.88 5.48 3.77
C ASP C 61 45.35 5.91 5.14
N GLU C 62 45.70 5.12 6.16
CA GLU C 62 45.14 5.31 7.49
C GLU C 62 45.54 6.65 8.10
N ASN C 63 46.70 7.17 7.75
CA ASN C 63 47.18 8.42 8.34
C ASN C 63 46.95 9.59 7.38
N ALA C 64 45.68 9.80 7.02
CA ALA C 64 45.29 10.82 6.07
C ALA C 64 44.30 11.80 6.67
N SER C 65 44.28 13.01 6.11
CA SER C 65 43.42 14.08 6.60
C SER C 65 41.94 13.78 6.36
N TRP C 66 41.08 14.38 7.19
CA TRP C 66 39.63 14.27 6.99
C TRP C 66 39.16 14.90 5.70
N ASP C 67 39.85 15.94 5.22
CA ASP C 67 39.48 16.53 3.94
C ASP C 67 39.60 15.50 2.83
N THR C 68 40.66 14.69 2.86
CA THR C 68 40.89 13.69 1.82
C THR C 68 39.81 12.61 1.88
N LEU C 69 39.55 12.07 3.05
CA LEU C 69 38.52 11.06 3.21
C LEU C 69 37.15 11.58 2.80
N ALA C 70 36.86 12.84 3.16
CA ALA C 70 35.58 13.42 2.79
C ALA C 70 35.44 13.54 1.29
N PHE C 71 36.48 14.01 0.60
CA PHE C 71 36.38 14.11 -0.86
C PHE C 71 36.24 12.73 -1.51
N MET C 72 36.97 11.74 -0.99
CA MET C 72 36.84 10.38 -1.51
C MET C 72 35.40 9.89 -1.37
N THR C 73 34.80 10.13 -0.21
CA THR C 73 33.41 9.74 -0.01
C THR C 73 32.47 10.46 -0.98
N ILE C 74 32.71 11.75 -1.20
CA ILE C 74 31.85 12.51 -2.11
C ILE C 74 31.93 11.97 -3.53
N LEU C 75 33.15 11.66 -3.98
CA LEU C 75 33.34 11.16 -5.33
C LEU C 75 32.71 9.79 -5.52
N LEU C 76 32.93 8.89 -4.54
CA LEU C 76 32.33 7.57 -4.63
C LEU C 76 30.81 7.65 -4.55
N ALA C 77 30.28 8.64 -3.83
CA ALA C 77 28.84 8.80 -3.74
C ALA C 77 28.25 9.34 -5.04
N TRP C 78 28.96 10.28 -5.69
CA TRP C 78 28.45 10.81 -6.96
C TRP C 78 28.46 9.75 -8.04
N TYR C 79 29.51 8.91 -8.08
CA TYR C 79 29.52 7.83 -9.07
C TYR C 79 28.32 6.92 -8.90
N ALA C 80 27.96 6.61 -7.65
CA ALA C 80 26.88 5.65 -7.40
C ALA C 80 25.52 6.20 -7.80
N GLU C 81 25.27 7.50 -7.59
CA GLU C 81 23.96 8.05 -7.91
C GLU C 81 23.74 8.14 -9.41
N TYR C 82 24.77 8.53 -10.16
CA TYR C 82 24.65 8.61 -11.61
C TYR C 82 24.36 7.24 -12.21
N ASP C 83 25.05 6.20 -11.71
CA ASP C 83 24.85 4.86 -12.22
C ASP C 83 23.39 4.44 -12.10
N ASP C 84 22.79 4.71 -10.94
CA ASP C 84 21.39 4.33 -10.74
C ASP C 84 20.46 5.17 -11.60
N ARG C 85 20.76 6.47 -11.74
CA ARG C 85 19.86 7.33 -12.47
C ARG C 85 19.87 7.03 -13.97
N ALA C 86 21.02 6.69 -14.54
CA ALA C 86 21.12 6.62 -15.99
C ALA C 86 21.21 5.19 -16.53
N ILE C 87 21.75 4.25 -15.77
CA ILE C 87 22.03 2.91 -16.26
C ILE C 87 21.07 1.87 -15.65
N ASP C 88 20.93 1.88 -14.33
CA ASP C 88 20.20 0.83 -13.62
C ASP C 88 18.75 1.21 -13.36
N SER C 89 18.16 2.06 -14.20
CA SER C 89 16.75 2.42 -14.09
C SER C 89 15.98 2.21 -15.38
N THR C 90 16.66 1.80 -16.46
CA THR C 90 16.00 1.61 -17.74
C THR C 90 15.30 0.27 -17.84
N ASP C 94 10.40 4.07 -15.26
CA ASP C 94 10.86 5.11 -14.34
C ASP C 94 12.11 5.80 -14.84
N GLY C 95 12.96 5.04 -15.55
CA GLY C 95 14.27 5.51 -15.94
C GLY C 95 14.28 6.72 -16.86
N LEU C 96 15.47 7.09 -17.31
CA LEU C 96 15.68 8.24 -18.17
C LEU C 96 15.58 7.83 -19.64
N THR C 97 15.30 8.82 -20.48
CA THR C 97 15.21 8.56 -21.91
C THR C 97 16.60 8.67 -22.54
N ASP C 98 16.71 8.19 -23.79
CA ASP C 98 17.99 8.24 -24.47
C ASP C 98 18.38 9.69 -24.79
N ALA C 99 17.40 10.52 -25.14
CA ALA C 99 17.68 11.94 -25.38
C ALA C 99 18.14 12.64 -24.10
N GLU C 100 17.48 12.34 -22.98
CA GLU C 100 17.92 12.90 -21.70
C GLU C 100 19.34 12.48 -21.38
N VAL C 101 19.67 11.21 -21.62
CA VAL C 101 21.02 10.73 -21.33
C VAL C 101 22.05 11.41 -22.23
N ALA C 102 21.71 11.63 -23.50
CA ALA C 102 22.64 12.32 -24.40
C ALA C 102 22.87 13.76 -23.95
N GLU C 103 21.80 14.45 -23.56
CA GLU C 103 21.97 15.81 -23.04
C GLU C 103 22.78 15.81 -21.75
N LEU C 104 22.59 14.81 -20.90
CA LEU C 104 23.38 14.71 -19.68
C LEU C 104 24.86 14.51 -20.00
N HIS C 105 25.15 13.68 -21.01
CA HIS C 105 26.53 13.49 -21.43
C HIS C 105 27.14 14.81 -21.89
N ARG C 106 26.39 15.56 -22.70
CA ARG C 106 26.87 16.87 -23.15
C ARG C 106 27.13 17.80 -21.97
N ALA C 107 26.15 17.89 -21.05
CA ALA C 107 26.26 18.82 -19.93
C ALA C 107 27.44 18.48 -19.03
N LEU C 108 27.58 17.19 -18.70
CA LEU C 108 28.70 16.80 -17.85
C LEU C 108 30.03 17.03 -18.56
N GLY C 109 30.06 16.87 -19.89
CA GLY C 109 31.27 17.22 -20.62
C GLY C 109 31.57 18.69 -20.58
N GLU C 110 30.53 19.52 -20.50
CA GLU C 110 30.76 20.95 -20.32
C GLU C 110 31.31 21.24 -18.91
N ILE C 111 30.77 20.55 -17.91
CA ILE C 111 31.31 20.64 -16.55
C ILE C 111 32.73 20.09 -16.49
N LEU C 112 33.00 19.04 -17.26
CA LEU C 112 34.37 18.52 -17.34
C LEU C 112 35.30 19.56 -17.94
N ARG C 113 34.75 20.53 -18.64
CA ARG C 113 35.48 21.73 -19.02
C ARG C 113 35.23 22.73 -17.92
N ASP C 114 36.14 23.68 -17.76
CA ASP C 114 35.97 24.69 -16.72
C ASP C 114 34.78 25.63 -16.96
N ARG C 115 33.87 25.26 -17.86
CA ARG C 115 32.66 26.05 -18.09
C ARG C 115 31.58 25.70 -17.07
N PRO C 116 30.67 26.62 -16.79
CA PRO C 116 29.61 26.34 -15.81
C PRO C 116 28.60 25.34 -16.33
N ALA C 117 27.87 24.75 -15.39
CA ALA C 117 26.83 23.78 -15.71
C ALA C 117 25.67 24.46 -16.44
N PRO C 118 25.25 23.94 -17.59
CA PRO C 118 24.12 24.57 -18.32
C PRO C 118 22.81 24.54 -17.55
N ASP C 119 22.61 23.55 -16.67
CA ASP C 119 21.40 23.45 -15.84
C ASP C 119 21.81 23.29 -14.38
N PRO C 120 22.03 24.41 -13.67
CA PRO C 120 22.41 24.30 -12.26
C PRO C 120 21.34 23.70 -11.37
N SER C 121 20.10 23.53 -11.87
CA SER C 121 19.06 22.87 -11.08
C SER C 121 19.19 21.36 -11.10
N ASP C 122 19.89 20.80 -12.07
CA ASP C 122 20.08 19.36 -12.17
C ASP C 122 20.96 18.87 -11.01
N PRO C 123 20.49 17.91 -10.22
CA PRO C 123 21.32 17.45 -9.09
C PRO C 123 22.60 16.75 -9.53
N VAL C 124 22.56 15.96 -10.61
CA VAL C 124 23.77 15.30 -11.07
C VAL C 124 24.80 16.34 -11.49
N GLN C 125 24.34 17.41 -12.15
CA GLN C 125 25.25 18.46 -12.60
C GLN C 125 25.84 19.22 -11.42
N ARG C 126 25.01 19.57 -10.43
CA ARG C 126 25.51 20.22 -9.22
C ARG C 126 26.58 19.37 -8.54
N GLY C 127 26.29 18.08 -8.36
CA GLY C 127 27.25 17.20 -7.70
C GLY C 127 28.57 17.11 -8.46
N LEU C 128 28.49 16.97 -9.79
CA LEU C 128 29.73 16.85 -10.54
C LEU C 128 30.51 18.17 -10.54
N ALA C 129 29.81 19.30 -10.59
CA ALA C 129 30.49 20.59 -10.48
C ALA C 129 31.18 20.73 -9.14
N ASP C 130 30.52 20.31 -8.06
CA ASP C 130 31.14 20.36 -6.74
C ASP C 130 32.39 19.49 -6.70
N VAL C 131 32.28 18.24 -7.18
CA VAL C 131 33.42 17.34 -7.17
C VAL C 131 34.58 17.93 -7.98
N TRP C 132 34.28 18.46 -9.15
CA TRP C 132 35.32 19.00 -10.02
C TRP C 132 36.00 20.21 -9.39
N ARG C 133 35.22 21.13 -8.82
CA ARG C 133 35.79 22.32 -8.22
C ARG C 133 36.66 21.97 -7.02
N THR C 134 36.14 21.12 -6.12
CA THR C 134 36.93 20.73 -4.95
C THR C 134 38.19 19.96 -5.34
N LEU C 135 38.09 19.07 -6.33
CA LEU C 135 39.26 18.31 -6.76
C LEU C 135 40.32 19.23 -7.35
N ASN C 136 39.92 20.15 -8.22
CA ASN C 136 40.91 21.07 -8.78
C ASN C 136 41.49 21.96 -7.70
N GLY C 137 40.70 22.26 -6.65
CA GLY C 137 41.25 22.96 -5.51
C GLY C 137 42.18 22.10 -4.68
N LEU C 138 41.84 20.83 -4.50
CA LEU C 138 42.60 19.93 -3.64
C LEU C 138 43.71 19.17 -4.36
N ALA C 139 43.76 19.22 -5.69
CA ALA C 139 44.77 18.51 -6.45
C ALA C 139 45.59 19.51 -7.27
N SER C 140 46.90 19.28 -7.34
CA SER C 140 47.80 20.18 -8.05
C SER C 140 48.84 19.35 -8.79
N ASP C 141 48.89 19.54 -10.11
CA ASP C 141 49.79 18.86 -11.04
C ASP C 141 49.45 17.38 -11.22
N TRP C 142 48.40 17.12 -12.00
CA TRP C 142 48.00 15.78 -12.42
C TRP C 142 47.59 15.87 -13.88
N ASP C 143 47.64 14.73 -14.57
CA ASP C 143 47.17 14.68 -15.96
C ASP C 143 45.65 14.57 -16.00
N ARG C 144 45.00 15.74 -16.07
CA ARG C 144 43.55 15.81 -16.12
C ARG C 144 43.00 15.31 -17.46
N ALA C 145 43.74 15.53 -18.55
CA ALA C 145 43.25 15.15 -19.87
C ALA C 145 43.01 13.64 -19.97
N ALA C 146 43.89 12.85 -19.35
CA ALA C 146 43.69 11.41 -19.34
C ALA C 146 42.40 11.03 -18.63
N PHE C 147 42.11 11.71 -17.51
CA PHE C 147 40.86 11.46 -16.80
C PHE C 147 39.65 11.83 -17.64
N VAL C 148 39.72 12.96 -18.35
CA VAL C 148 38.59 13.37 -19.19
C VAL C 148 38.35 12.36 -20.31
N ASP C 149 39.43 11.82 -20.89
CA ASP C 149 39.27 10.79 -21.91
C ASP C 149 38.63 9.54 -21.31
N THR C 150 39.07 9.16 -20.09
CA THR C 150 38.44 8.05 -19.41
C THR C 150 36.94 8.29 -19.25
N THR C 151 36.56 9.53 -18.97
CA THR C 151 35.14 9.86 -18.79
C THR C 151 34.37 9.74 -20.10
N LEU C 152 34.97 10.16 -21.22
CA LEU C 152 34.32 9.99 -22.52
C LEU C 152 34.06 8.52 -22.82
N ARG C 153 35.07 7.67 -22.61
CA ARG C 153 34.87 6.24 -22.82
C ARG C 153 33.82 5.69 -21.87
N TYR C 154 33.78 6.23 -20.64
CA TYR C 154 32.77 5.80 -19.66
C TYR C 154 31.36 6.07 -20.17
N PHE C 155 31.14 7.26 -20.73
CA PHE C 155 29.80 7.58 -21.21
C PHE C 155 29.42 6.72 -22.42
N GLU C 156 30.37 6.50 -23.34
CA GLU C 156 30.07 5.62 -24.48
C GLU C 156 29.74 4.21 -24.01
N ALA C 157 30.46 3.72 -23.00
CA ALA C 157 30.14 2.41 -22.43
C ALA C 157 28.76 2.41 -21.80
N ASN C 158 28.35 3.53 -21.19
CA ASN C 158 26.99 3.62 -20.67
C ASN C 158 25.97 3.44 -21.77
N ARG C 159 26.18 4.10 -22.90
CA ARG C 159 25.27 3.99 -24.04
C ARG C 159 25.19 2.55 -24.55
N TYR C 160 26.35 1.88 -24.64
CA TYR C 160 26.38 0.47 -25.03
C TYR C 160 25.56 -0.40 -24.06
N GLU C 161 25.77 -0.20 -22.76
CA GLU C 161 25.03 -0.96 -21.76
C GLU C 161 23.53 -0.73 -21.89
N ARG C 162 23.13 0.52 -22.17
CA ARG C 162 21.70 0.80 -22.29
C ARG C 162 21.11 0.12 -23.52
N VAL C 163 21.87 0.06 -24.61
CA VAL C 163 21.40 -0.71 -25.77
C VAL C 163 21.16 -2.16 -25.36
N ASN C 164 22.12 -2.76 -24.66
CA ASN C 164 21.98 -4.15 -24.23
C ASN C 164 20.77 -4.34 -23.32
N ILE C 165 20.47 -3.37 -22.47
CA ILE C 165 19.32 -3.50 -21.59
C ILE C 165 18.02 -3.43 -22.38
N ARG C 166 17.95 -2.50 -23.34
CA ARG C 166 16.75 -2.38 -24.16
C ARG C 166 16.48 -3.63 -24.98
N ARG C 167 17.54 -4.31 -25.44
CA ARG C 167 17.30 -5.59 -26.12
C ARG C 167 16.85 -6.68 -25.16
N GLY C 168 17.13 -6.56 -23.87
CA GLY C 168 16.74 -7.57 -22.91
C GLY C 168 17.60 -8.81 -22.93
N ILE C 169 18.88 -8.69 -23.31
CA ILE C 169 19.74 -9.85 -23.49
C ILE C 169 21.17 -9.50 -23.08
N PRO C 170 21.87 -10.40 -22.39
CA PRO C 170 23.27 -10.11 -22.02
C PRO C 170 24.20 -10.38 -23.18
N PRO C 171 25.29 -9.63 -23.30
CA PRO C 171 26.24 -9.89 -24.39
C PRO C 171 27.09 -11.13 -24.13
N THR C 172 27.95 -11.48 -25.09
CA THR C 172 28.88 -12.57 -24.92
C THR C 172 29.79 -12.29 -23.73
N PRO C 173 30.21 -13.33 -23.00
CA PRO C 173 31.17 -13.10 -21.90
C PRO C 173 32.40 -12.30 -22.31
N SER C 174 33.04 -12.63 -23.44
CA SER C 174 34.22 -11.87 -23.85
C SER C 174 33.88 -10.42 -24.15
N ALA C 175 32.79 -10.21 -24.88
CA ALA C 175 32.36 -8.84 -25.21
C ALA C 175 31.99 -8.06 -23.96
N HIS C 176 31.42 -8.73 -22.94
CA HIS C 176 31.09 -8.04 -21.70
C HIS C 176 32.34 -7.67 -20.93
N ILE C 177 33.26 -8.63 -20.72
CA ILE C 177 34.47 -8.34 -19.97
C ILE C 177 35.29 -7.25 -20.68
N GLY C 178 35.24 -7.22 -22.02
CA GLY C 178 35.96 -6.17 -22.74
C GLY C 178 35.42 -4.78 -22.43
N MET C 179 34.11 -4.58 -22.60
CA MET C 179 33.54 -3.25 -22.41
C MET C 179 33.36 -2.90 -20.94
N ARG C 180 33.34 -3.90 -20.05
CA ARG C 180 33.06 -3.63 -18.65
C ARG C 180 34.13 -2.73 -18.03
N ARG C 181 35.39 -2.85 -18.47
CA ARG C 181 36.44 -2.01 -17.92
C ARG C 181 36.16 -0.53 -18.17
N HIS C 182 35.58 -0.21 -19.32
CA HIS C 182 35.19 1.17 -19.59
C HIS C 182 33.92 1.55 -18.85
N GLY C 183 33.00 0.59 -18.68
CA GLY C 183 31.73 0.85 -18.00
C GLY C 183 31.84 1.01 -16.50
N GLY C 184 32.98 0.64 -15.92
CA GLY C 184 33.21 0.75 -14.50
C GLY C 184 34.09 1.90 -14.07
N HIS C 185 34.64 2.66 -15.03
CA HIS C 185 35.53 3.81 -14.78
C HIS C 185 36.66 3.44 -13.82
N VAL C 186 37.31 2.30 -14.10
CA VAL C 186 38.35 1.81 -13.20
C VAL C 186 39.66 2.53 -13.43
N TYR C 187 40.03 2.75 -14.69
CA TYR C 187 41.26 3.47 -14.99
C TYR C 187 41.18 4.92 -14.47
N GLY C 188 40.00 5.53 -14.62
CA GLY C 188 39.79 6.84 -14.03
C GLY C 188 39.95 6.81 -12.52
N MET C 189 39.55 5.72 -11.88
CA MET C 189 39.75 5.61 -10.44
C MET C 189 41.22 5.52 -10.09
N TYR C 190 42.02 4.81 -10.89
CA TYR C 190 43.45 4.78 -10.67
C TYR C 190 44.04 6.19 -10.74
N ILE C 191 43.65 6.93 -11.77
CA ILE C 191 44.15 8.31 -11.96
C ILE C 191 43.74 9.18 -10.79
N LEU C 192 42.48 9.10 -10.37
CA LEU C 192 41.99 9.94 -9.29
C LEU C 192 42.66 9.62 -7.96
N GLY C 193 42.93 8.33 -7.70
CA GLY C 193 43.64 7.98 -6.49
C GLY C 193 45.05 8.53 -6.47
N ALA C 194 45.76 8.43 -7.60
CA ALA C 194 47.07 9.05 -7.70
C ALA C 194 46.99 10.55 -7.46
N ALA C 195 45.92 11.18 -7.95
CA ALA C 195 45.79 12.63 -7.82
C ALA C 195 45.53 13.04 -6.36
N VAL C 196 44.56 12.40 -5.71
CA VAL C 196 44.13 12.84 -4.39
C VAL C 196 45.14 12.44 -3.32
N ASN C 197 45.92 11.37 -3.52
CA ASN C 197 46.85 11.00 -2.46
C ASN C 197 48.17 11.76 -2.54
N GLY C 198 48.66 12.05 -3.73
CA GLY C 198 49.79 12.95 -3.87
C GLY C 198 51.02 12.26 -4.41
N TYR C 199 50.83 11.35 -5.36
CA TYR C 199 51.95 10.67 -5.98
C TYR C 199 51.72 10.60 -7.48
N ARG C 200 52.80 10.73 -8.24
CA ARG C 200 52.76 10.71 -9.70
C ARG C 200 53.85 9.79 -10.23
N PRO C 201 53.48 8.59 -10.68
CA PRO C 201 54.48 7.70 -11.28
C PRO C 201 54.91 8.23 -12.64
N GLU C 202 56.16 7.95 -12.98
CA GLU C 202 56.72 8.46 -14.22
C GLU C 202 55.93 7.94 -15.41
N ARG C 203 55.87 8.76 -16.47
CA ARG C 203 55.23 8.30 -17.69
C ARG C 203 56.03 7.18 -18.35
N ARG C 204 57.33 7.11 -18.09
CA ARG C 204 58.14 6.00 -18.58
C ARG C 204 57.66 4.68 -18.00
N VAL C 205 57.12 4.72 -16.78
CA VAL C 205 56.69 3.50 -16.09
C VAL C 205 55.23 3.16 -16.40
N LEU C 206 54.35 4.16 -16.44
CA LEU C 206 52.94 3.87 -16.65
C LEU C 206 52.66 3.41 -18.08
N ASP C 207 53.39 3.95 -19.06
CA ASP C 207 53.23 3.56 -20.45
C ASP C 207 53.88 2.22 -20.78
N HIS C 208 54.49 1.56 -19.78
CA HIS C 208 55.07 0.24 -20.00
C HIS C 208 53.97 -0.79 -20.19
N ALA C 209 54.21 -1.73 -21.11
CA ALA C 209 53.20 -2.73 -21.44
C ALA C 209 52.82 -3.58 -20.23
N ALA C 210 53.81 -3.96 -19.42
CA ALA C 210 53.54 -4.80 -18.26
C ALA C 210 52.64 -4.08 -17.26
N VAL C 211 52.90 -2.79 -17.02
CA VAL C 211 52.06 -2.02 -16.11
C VAL C 211 50.65 -1.90 -16.65
N ARG C 212 50.50 -1.67 -17.95
CA ARG C 212 49.16 -1.58 -18.54
C ARG C 212 48.38 -2.88 -18.38
N GLU C 213 49.00 -4.01 -18.71
CA GLU C 213 48.29 -5.28 -18.60
C GLU C 213 48.04 -5.65 -17.13
N LEU C 214 48.94 -5.23 -16.24
CA LEU C 214 48.72 -5.44 -14.81
C LEU C 214 47.51 -4.66 -14.31
N GLU C 215 47.41 -3.39 -14.72
CA GLU C 215 46.23 -2.60 -14.40
C GLU C 215 44.97 -3.27 -14.94
N THR C 216 45.05 -3.81 -16.16
CA THR C 216 43.88 -4.47 -16.75
C THR C 216 43.48 -5.71 -15.95
N LEU C 217 44.45 -6.52 -15.52
CA LEU C 217 44.14 -7.69 -14.69
C LEU C 217 43.47 -7.27 -13.39
N ALA C 218 44.02 -6.26 -12.71
CA ALA C 218 43.45 -5.84 -11.43
C ALA C 218 42.04 -5.31 -11.62
N ALA C 219 41.81 -4.55 -12.70
CA ALA C 219 40.47 -4.06 -13.00
C ALA C 219 39.52 -5.20 -13.32
N ASN C 220 40.00 -6.22 -14.03
CA ASN C 220 39.19 -7.41 -14.29
C ASN C 220 38.74 -8.05 -13.00
N TYR C 221 39.67 -8.23 -12.06
CA TYR C 221 39.31 -8.83 -10.77
C TYR C 221 38.28 -7.99 -10.05
N THR C 222 38.51 -6.68 -9.97
CA THR C 222 37.58 -5.78 -9.29
C THR C 222 36.17 -5.87 -9.87
N SER C 223 36.07 -5.77 -11.20
CA SER C 223 34.76 -5.70 -11.84
C SER C 223 34.03 -7.03 -11.81
N TRP C 224 34.76 -8.14 -11.98
CA TRP C 224 34.11 -9.45 -11.90
C TRP C 224 33.62 -9.73 -10.48
N ALA C 225 34.38 -9.30 -9.47
CA ALA C 225 33.89 -9.42 -8.10
C ALA C 225 32.60 -8.61 -7.91
N ASN C 226 32.60 -7.37 -8.41
CA ASN C 226 31.39 -6.56 -8.27
C ASN C 226 30.19 -7.22 -8.92
N ASP C 227 30.38 -7.79 -10.13
CA ASP C 227 29.25 -8.47 -10.78
C ASP C 227 28.81 -9.68 -9.98
N LEU C 228 29.76 -10.49 -9.50
CA LEU C 228 29.40 -11.65 -8.68
C LEU C 228 28.52 -11.23 -7.52
N HIS C 229 28.79 -10.08 -6.93
CA HIS C 229 27.97 -9.66 -5.80
C HIS C 229 26.65 -9.04 -6.23
N SER C 230 26.64 -8.28 -7.33
CA SER C 230 25.45 -7.52 -7.70
C SER C 230 24.53 -8.28 -8.63
N PHE C 231 24.82 -9.56 -8.90
CA PHE C 231 23.99 -10.30 -9.86
C PHE C 231 22.52 -10.32 -9.44
N ALA C 232 22.22 -10.58 -8.16
CA ALA C 232 20.84 -10.73 -7.76
C ALA C 232 20.04 -9.45 -7.98
N ARG C 233 20.57 -8.32 -7.49
CA ARG C 233 19.87 -7.04 -7.67
C ARG C 233 19.76 -6.66 -9.14
N GLU C 234 20.84 -6.84 -9.91
CA GLU C 234 20.80 -6.45 -11.31
C GLU C 234 19.87 -7.35 -12.12
N HIS C 235 19.74 -8.63 -11.72
CA HIS C 235 18.83 -9.55 -12.38
C HIS C 235 17.38 -9.24 -12.04
N ARG C 236 17.14 -8.85 -10.79
CA ARG C 236 15.79 -8.44 -10.41
C ARG C 236 15.39 -7.16 -11.16
N MET C 237 16.33 -6.24 -11.34
CA MET C 237 16.02 -4.96 -11.98
C MET C 237 16.08 -4.99 -13.50
N GLY C 238 16.70 -6.00 -14.09
CA GLY C 238 16.84 -6.08 -15.53
C GLY C 238 18.14 -5.60 -16.10
N GLN C 239 19.15 -5.34 -15.27
CA GLN C 239 20.48 -4.98 -15.75
C GLN C 239 21.15 -6.22 -16.34
N VAL C 240 21.16 -6.33 -17.67
CA VAL C 240 21.68 -7.52 -18.32
C VAL C 240 23.19 -7.50 -18.51
N ASN C 241 23.85 -6.39 -18.14
CA ASN C 241 25.31 -6.28 -18.28
C ASN C 241 25.98 -6.83 -17.02
N ASN C 242 25.87 -8.16 -16.87
CA ASN C 242 26.43 -8.86 -15.72
C ASN C 242 27.13 -10.12 -16.21
N LEU C 243 28.36 -10.35 -15.73
CA LEU C 243 29.12 -11.50 -16.21
C LEU C 243 28.44 -12.82 -15.88
N VAL C 244 27.78 -12.91 -14.73
CA VAL C 244 27.04 -14.12 -14.38
C VAL C 244 25.91 -14.35 -15.39
N TRP C 245 25.19 -13.28 -15.74
CA TRP C 245 24.15 -13.36 -16.78
C TRP C 245 24.70 -14.00 -18.05
N SER C 246 25.84 -13.49 -18.53
CA SER C 246 26.39 -13.96 -19.81
C SER C 246 26.88 -15.39 -19.70
N VAL C 247 27.51 -15.76 -18.58
CA VAL C 247 27.98 -17.13 -18.42
C VAL C 247 26.80 -18.10 -18.44
N HIS C 248 25.71 -17.74 -17.77
CA HIS C 248 24.51 -18.57 -17.83
C HIS C 248 23.91 -18.63 -19.22
N HIS C 249 23.87 -17.48 -19.92
CA HIS C 249 23.11 -17.36 -21.16
C HIS C 249 23.84 -18.00 -22.35
N HIS C 250 25.09 -17.63 -22.57
CA HIS C 250 25.79 -18.01 -23.79
C HIS C 250 26.65 -19.25 -23.63
N GLU C 251 27.04 -19.61 -22.41
CA GLU C 251 27.83 -20.79 -22.17
C GLU C 251 27.00 -21.96 -21.67
N GLY C 252 25.68 -21.80 -21.55
CA GLY C 252 24.79 -22.88 -21.22
C GLY C 252 24.98 -23.48 -19.85
N LEU C 253 24.99 -22.63 -18.82
CA LEU C 253 25.17 -23.08 -17.45
C LEU C 253 24.02 -22.54 -16.59
N THR C 254 23.69 -23.26 -15.53
CA THR C 254 22.76 -22.77 -14.53
C THR C 254 23.33 -21.56 -13.79
N PHE C 255 22.45 -20.80 -13.15
CA PHE C 255 22.89 -19.63 -12.41
C PHE C 255 23.88 -19.99 -11.32
N GLN C 256 23.69 -21.14 -10.66
CA GLN C 256 24.65 -21.58 -9.65
C GLN C 256 25.99 -21.91 -10.30
N GLN C 257 25.95 -22.66 -11.39
CA GLN C 257 27.17 -22.98 -12.12
C GLN C 257 27.82 -21.71 -12.67
N ALA C 258 27.00 -20.75 -13.10
CA ALA C 258 27.54 -19.48 -13.58
C ALA C 258 28.30 -18.77 -12.47
N ALA C 259 27.72 -18.68 -11.28
CA ALA C 259 28.38 -18.02 -10.16
C ALA C 259 29.66 -18.76 -9.76
N ASP C 260 29.61 -20.10 -9.77
CA ASP C 260 30.82 -20.88 -9.46
C ASP C 260 31.92 -20.59 -10.47
N ARG C 261 31.57 -20.54 -11.75
CA ARG C 261 32.56 -20.25 -12.80
C ARG C 261 33.13 -18.84 -12.64
N VAL C 262 32.28 -17.87 -12.32
CA VAL C 262 32.76 -16.49 -12.17
C VAL C 262 33.72 -16.40 -11.00
N ALA C 263 33.41 -17.06 -9.88
CA ALA C 263 34.31 -17.04 -8.75
C ALA C 263 35.65 -17.72 -9.09
N ASP C 264 35.60 -18.82 -9.82
CA ASP C 264 36.83 -19.49 -10.23
C ASP C 264 37.68 -18.57 -11.09
N LEU C 265 37.05 -17.85 -12.03
CA LEU C 265 37.79 -16.90 -12.86
C LEU C 265 38.39 -15.79 -12.02
N CYS C 266 37.67 -15.32 -10.99
CA CYS C 266 38.21 -14.30 -10.09
C CYS C 266 39.48 -14.80 -9.43
N ASP C 267 39.44 -16.02 -8.88
CA ASP C 267 40.62 -16.58 -8.24
C ASP C 267 41.80 -16.68 -9.22
N LYS C 268 41.52 -17.16 -10.43
CA LYS C 268 42.60 -17.35 -11.41
C LYS C 268 43.22 -16.01 -11.82
N GLU C 269 42.39 -14.96 -11.93
CA GLU C 269 42.94 -13.65 -12.25
C GLU C 269 43.77 -13.11 -11.10
N LEU C 270 43.38 -13.38 -9.85
CA LEU C 270 44.20 -12.97 -8.72
C LEU C 270 45.57 -13.64 -8.77
N ALA C 271 45.60 -14.93 -9.11
CA ALA C 271 46.88 -15.62 -9.24
C ALA C 271 47.74 -15.01 -10.36
N ALA C 272 47.12 -14.72 -11.51
CA ALA C 272 47.87 -14.10 -12.60
C ALA C 272 48.39 -12.72 -12.20
N TYR C 273 47.58 -11.95 -11.47
CA TYR C 273 48.00 -10.64 -10.99
C TYR C 273 49.26 -10.75 -10.12
N LEU C 274 49.24 -11.70 -9.18
CA LEU C 274 50.41 -11.88 -8.33
C LEU C 274 51.64 -12.26 -9.15
N GLU C 275 51.46 -13.12 -10.15
CA GLU C 275 52.61 -13.53 -10.98
C GLU C 275 53.23 -12.34 -11.70
N LEU C 276 52.40 -11.51 -12.34
CA LEU C 276 52.93 -10.34 -13.04
C LEU C 276 53.59 -9.36 -12.08
N ARG C 277 52.96 -9.14 -10.92
CA ARG C 277 53.53 -8.21 -9.95
C ARG C 277 54.90 -8.69 -9.49
N GLN C 278 55.06 -10.01 -9.32
CA GLN C 278 56.36 -10.54 -8.92
C GLN C 278 57.39 -10.39 -10.04
N THR C 279 56.97 -10.54 -11.30
CA THR C 279 57.95 -10.42 -12.39
C THR C 279 58.34 -8.98 -12.68
N LEU C 280 57.55 -8.00 -12.25
CA LEU C 280 57.85 -6.60 -12.56
C LEU C 280 59.26 -6.14 -12.24
N PRO C 281 59.84 -6.44 -11.06
CA PRO C 281 61.20 -5.94 -10.78
C PRO C 281 62.25 -6.36 -11.80
N GLU C 282 62.18 -7.61 -12.27
CA GLU C 282 63.19 -8.09 -13.21
C GLU C 282 63.18 -7.32 -14.52
N LEU C 283 62.01 -6.83 -14.93
CA LEU C 283 61.90 -6.11 -16.19
C LEU C 283 62.51 -4.71 -16.12
N GLY C 284 62.91 -4.24 -14.96
CA GLY C 284 63.47 -2.93 -14.80
C GLY C 284 62.55 -1.91 -14.15
N ILE C 285 61.40 -2.34 -13.65
CA ILE C 285 60.48 -1.46 -12.93
C ILE C 285 60.52 -1.90 -11.47
N PRO C 286 61.21 -1.17 -10.60
CA PRO C 286 61.26 -1.54 -9.19
C PRO C 286 60.02 -1.05 -8.46
N LEU C 287 59.56 -1.85 -7.49
CA LEU C 287 58.37 -1.51 -6.72
C LEU C 287 58.80 -0.74 -5.47
N THR C 288 59.35 0.45 -5.72
CA THR C 288 59.99 1.23 -4.68
C THR C 288 59.22 2.52 -4.36
N GLY C 289 59.23 3.51 -5.25
CA GLY C 289 58.68 4.80 -4.94
C GLY C 289 57.20 5.00 -5.20
N ALA C 290 56.88 5.87 -6.16
CA ALA C 290 55.48 6.11 -6.49
C ALA C 290 54.85 4.90 -7.19
N THR C 291 55.66 4.12 -7.90
CA THR C 291 55.13 2.91 -8.52
C THR C 291 54.62 1.93 -7.46
N GLY C 292 55.32 1.85 -6.32
CA GLY C 292 54.86 0.98 -5.24
C GLY C 292 53.51 1.40 -4.69
N ARG C 293 53.32 2.69 -4.47
CA ARG C 293 52.02 3.17 -4.01
C ARG C 293 50.94 2.96 -5.06
N HIS C 294 51.29 3.07 -6.35
CA HIS C 294 50.33 2.81 -7.41
C HIS C 294 49.87 1.35 -7.39
N VAL C 295 50.82 0.42 -7.23
CA VAL C 295 50.48 -0.99 -7.13
C VAL C 295 49.64 -1.26 -5.88
N ARG C 296 49.96 -0.58 -4.78
CA ARG C 296 49.15 -0.73 -3.57
C ARG C 296 47.73 -0.22 -3.80
N PHE C 297 47.58 0.83 -4.59
CA PHE C 297 46.24 1.31 -4.93
C PHE C 297 45.50 0.26 -5.77
N LEU C 298 46.18 -0.32 -6.74
CA LEU C 298 45.56 -1.38 -7.53
C LEU C 298 45.08 -2.52 -6.63
N GLU C 299 45.90 -2.92 -5.66
CA GLU C 299 45.52 -3.99 -4.73
C GLU C 299 44.38 -3.59 -3.81
N ASP C 300 44.29 -2.32 -3.42
CA ASP C 300 43.24 -1.92 -2.50
C ASP C 300 41.86 -2.10 -3.11
N MET C 301 41.69 -1.69 -4.38
CA MET C 301 40.37 -1.78 -4.99
C MET C 301 39.95 -3.23 -5.18
N MET C 302 40.91 -4.15 -5.32
CA MET C 302 40.58 -5.57 -5.42
C MET C 302 39.99 -6.11 -4.11
N TRP C 303 40.63 -5.81 -2.97
CA TRP C 303 40.12 -6.29 -1.69
C TRP C 303 38.82 -5.59 -1.29
N SER C 304 38.70 -4.29 -1.61
CA SER C 304 37.50 -3.56 -1.25
C SER C 304 36.25 -4.19 -1.87
N MET C 305 36.35 -4.60 -3.14
CA MET C 305 35.21 -5.25 -3.79
C MET C 305 34.90 -6.59 -3.13
N VAL C 306 35.94 -7.31 -2.71
CA VAL C 306 35.74 -8.57 -1.98
C VAL C 306 34.88 -8.32 -0.77
N ASP C 307 35.12 -7.21 -0.06
CA ASP C 307 34.41 -6.96 1.19
C ASP C 307 32.94 -6.64 0.96
N TRP C 308 32.59 -5.96 -0.15
CA TRP C 308 31.20 -5.58 -0.40
C TRP C 308 30.34 -6.78 -0.76
N THR D 3 8.52 -57.81 12.22
CA THR D 3 9.80 -57.11 12.13
C THR D 3 10.92 -58.08 11.75
N ILE D 4 12.09 -57.92 12.38
CA ILE D 4 13.26 -58.76 12.12
C ILE D 4 13.99 -58.98 13.43
N SER D 5 14.74 -60.08 13.50
CA SER D 5 15.54 -60.43 14.67
C SER D 5 17.02 -60.27 14.36
N VAL D 6 17.67 -59.34 15.04
CA VAL D 6 19.08 -59.03 14.85
C VAL D 6 19.92 -60.08 15.56
N PRO D 7 20.83 -60.76 14.86
CA PRO D 7 21.59 -61.85 15.49
C PRO D 7 22.55 -61.34 16.56
N GLN D 8 23.02 -62.29 17.38
CA GLN D 8 23.96 -62.02 18.46
C GLN D 8 25.40 -62.08 17.97
N LEU D 9 26.13 -60.99 18.14
CA LEU D 9 27.51 -60.86 17.67
C LEU D 9 28.43 -61.16 18.86
N ASP D 10 29.01 -62.36 18.87
CA ASP D 10 29.92 -62.74 19.94
C ASP D 10 31.30 -62.17 19.67
N CYS D 11 31.78 -61.29 20.57
CA CYS D 11 33.08 -60.66 20.45
C CYS D 11 34.00 -61.10 21.57
N PRO D 12 35.10 -61.86 21.28
CA PRO D 12 36.05 -62.27 22.32
C PRO D 12 37.08 -61.18 22.62
N LEU D 13 36.59 -59.99 22.95
CA LEU D 13 37.43 -58.86 23.35
C LEU D 13 36.65 -58.07 24.38
N SER D 14 37.04 -58.14 25.64
CA SER D 14 36.28 -57.52 26.70
C SER D 14 37.06 -56.40 27.37
N ARG D 15 36.32 -55.49 28.01
CA ARG D 15 36.87 -54.29 28.63
C ARG D 15 35.97 -53.82 29.75
N PRO D 16 36.54 -53.35 30.86
CA PRO D 16 35.73 -52.78 31.94
C PRO D 16 35.27 -51.38 31.59
N VAL D 17 34.06 -51.05 32.03
CA VAL D 17 33.46 -49.76 31.74
C VAL D 17 33.86 -48.76 32.83
N HIS D 18 33.84 -47.47 32.49
CA HIS D 18 34.18 -46.45 33.46
C HIS D 18 33.07 -46.29 34.50
N PRO D 19 33.42 -46.12 35.78
CA PRO D 19 32.40 -46.16 36.84
C PRO D 19 31.41 -45.01 36.81
N GLU D 20 31.83 -43.81 36.42
CA GLU D 20 30.98 -42.63 36.50
C GLU D 20 29.99 -42.54 35.34
N GLY D 21 29.71 -43.65 34.66
CA GLY D 21 28.92 -43.60 33.44
C GLY D 21 27.58 -42.92 33.62
N GLU D 22 26.81 -43.38 34.61
CA GLU D 22 25.50 -42.76 34.84
C GLU D 22 25.64 -41.27 35.09
N ARG D 23 26.61 -40.87 35.92
CA ARG D 23 26.83 -39.45 36.16
C ARG D 23 27.07 -38.71 34.86
N ALA D 24 27.90 -39.28 33.97
CA ALA D 24 28.17 -38.65 32.69
C ALA D 24 26.88 -38.47 31.89
N ASP D 25 25.98 -39.45 31.97
CA ASP D 25 24.68 -39.33 31.30
C ASP D 25 24.01 -38.01 31.68
N ALA D 26 23.94 -37.71 32.98
CA ALA D 26 23.34 -36.46 33.43
C ALA D 26 24.01 -35.26 32.76
N TYR D 27 25.34 -35.25 32.76
CA TYR D 27 26.05 -34.12 32.17
C TYR D 27 25.60 -33.91 30.73
N ALA D 28 25.35 -35.00 30.01
CA ALA D 28 24.89 -34.91 28.63
C ALA D 28 23.65 -34.03 28.51
N VAL D 29 22.60 -34.34 29.30
CA VAL D 29 21.39 -33.53 29.23
C VAL D 29 21.71 -32.07 29.52
N GLU D 30 22.61 -31.82 30.47
CA GLU D 30 23.02 -30.46 30.77
C GLU D 30 23.57 -29.77 29.51
N TRP D 31 24.53 -30.41 28.85
CA TRP D 31 25.25 -29.77 27.74
C TRP D 31 24.31 -29.36 26.62
N LEU D 32 23.45 -30.27 26.17
CA LEU D 32 22.53 -29.93 25.09
C LEU D 32 21.60 -28.79 25.48
N ARG D 33 21.21 -28.71 26.75
CA ARG D 33 20.42 -27.56 27.17
C ARG D 33 21.29 -26.31 27.27
N GLY D 34 22.55 -26.48 27.70
CA GLY D 34 23.44 -25.35 27.84
C GLY D 34 23.90 -24.77 26.52
N VAL D 35 23.79 -25.53 25.43
CA VAL D 35 24.24 -25.09 24.12
C VAL D 35 23.05 -24.63 23.28
N GLY D 36 21.87 -25.15 23.55
CA GLY D 36 20.68 -24.76 22.80
C GLY D 36 20.06 -25.84 21.95
N LEU D 37 20.55 -27.08 22.02
CA LEU D 37 20.06 -28.15 21.16
C LEU D 37 18.68 -28.67 21.55
N MET D 38 18.27 -28.52 22.81
CA MET D 38 16.93 -28.94 23.22
C MET D 38 16.39 -27.96 24.26
N ALA D 39 15.07 -27.97 24.40
CA ALA D 39 14.39 -27.08 25.34
C ALA D 39 14.48 -27.62 26.76
N ASP D 40 14.45 -26.71 27.73
CA ASP D 40 14.58 -27.07 29.13
C ASP D 40 13.30 -27.72 29.65
N ALA D 44 13.20 -35.28 30.64
CA ALA D 44 14.36 -35.61 29.82
C ALA D 44 14.99 -36.92 30.26
N ALA D 45 14.17 -37.95 30.44
CA ALA D 45 14.66 -39.26 30.82
C ALA D 45 14.81 -40.26 29.67
N PRO D 46 14.34 -39.98 28.44
CA PRO D 46 14.76 -40.85 27.33
C PRO D 46 16.13 -40.50 26.79
N VAL D 47 16.67 -39.34 27.15
CA VAL D 47 18.03 -39.00 26.75
C VAL D 47 19.01 -39.62 27.73
N LEU D 48 18.63 -39.64 29.01
CA LEU D 48 19.35 -40.45 29.97
C LEU D 48 19.19 -41.94 29.64
N ALA D 49 18.08 -42.29 28.97
CA ALA D 49 17.88 -43.66 28.54
C ALA D 49 18.75 -44.02 27.34
N VAL D 50 19.16 -43.03 26.55
CA VAL D 50 20.08 -43.32 25.44
C VAL D 50 21.42 -43.80 25.98
N GLY D 51 21.99 -43.09 26.94
CA GLY D 51 23.22 -43.51 27.58
C GLY D 51 24.48 -43.14 26.84
N LEU D 52 24.59 -41.88 26.42
CA LEU D 52 25.78 -41.43 25.71
C LEU D 52 27.02 -41.44 26.60
N GLY D 53 26.84 -41.37 27.92
CA GLY D 53 27.97 -41.42 28.82
C GLY D 53 28.55 -42.80 28.99
N ARG D 54 27.74 -43.85 28.80
CA ARG D 54 28.27 -45.20 28.90
C ARG D 54 29.14 -45.57 27.70
N LEU D 55 28.75 -45.10 26.51
CA LEU D 55 29.62 -45.25 25.34
C LEU D 55 30.94 -44.52 25.55
N ALA D 56 30.86 -43.27 26.01
CA ALA D 56 32.06 -42.52 26.36
C ALA D 56 32.90 -43.29 27.37
N ALA D 57 32.25 -43.94 28.34
CA ALA D 57 32.95 -44.77 29.31
C ALA D 57 33.67 -45.92 28.62
N CYS D 58 33.08 -46.46 27.57
CA CYS D 58 33.77 -47.50 26.80
C CYS D 58 34.97 -46.94 26.05
N TYR D 59 34.95 -45.65 25.72
CA TYR D 59 36.01 -45.09 24.87
C TYR D 59 37.15 -44.42 25.64
N VAL D 60 37.09 -44.35 26.97
CA VAL D 60 38.15 -43.74 27.76
C VAL D 60 38.72 -44.80 28.70
N ASP D 61 39.85 -44.47 29.31
CA ASP D 61 40.44 -45.38 30.29
C ASP D 61 39.64 -45.33 31.59
N GLU D 62 39.65 -46.45 32.33
CA GLU D 62 38.84 -46.50 33.55
C GLU D 62 39.38 -45.57 34.62
N ASN D 63 40.69 -45.33 34.63
CA ASN D 63 41.30 -44.44 35.62
C ASN D 63 41.56 -43.07 34.99
N ALA D 64 40.50 -42.45 34.48
CA ALA D 64 40.61 -41.18 33.78
C ALA D 64 39.78 -40.12 34.49
N SER D 65 40.20 -38.87 34.32
CA SER D 65 39.58 -37.74 34.99
C SER D 65 38.17 -37.48 34.50
N TRP D 66 37.38 -36.79 35.34
CA TRP D 66 36.04 -36.38 34.94
C TRP D 66 36.05 -35.46 33.72
N ASP D 67 37.12 -34.67 33.57
CA ASP D 67 37.23 -33.80 32.40
C ASP D 67 37.24 -34.60 31.11
N THR D 68 37.98 -35.72 31.10
CA THR D 68 38.10 -36.53 29.91
C THR D 68 36.75 -37.18 29.55
N LEU D 69 36.10 -37.82 30.53
CA LEU D 69 34.79 -38.40 30.30
C LEU D 69 33.79 -37.35 29.84
N ALA D 70 33.87 -36.15 30.42
CA ALA D 70 32.96 -35.07 30.04
C ALA D 70 33.16 -34.67 28.58
N PHE D 71 34.42 -34.52 28.16
CA PHE D 71 34.64 -34.17 26.76
C PHE D 71 34.20 -35.28 25.83
N MET D 72 34.44 -36.54 26.21
CA MET D 72 34.00 -37.68 25.39
C MET D 72 32.49 -37.66 25.22
N THR D 73 31.76 -37.43 26.32
CA THR D 73 30.29 -37.37 26.23
C THR D 73 29.83 -36.19 25.38
N ILE D 74 30.50 -35.04 25.51
CA ILE D 74 30.12 -33.87 24.72
C ILE D 74 30.32 -34.15 23.24
N LEU D 75 31.45 -34.77 22.89
CA LEU D 75 31.76 -35.05 21.50
C LEU D 75 30.77 -36.06 20.91
N LEU D 76 30.49 -37.14 21.63
CA LEU D 76 29.53 -38.12 21.13
C LEU D 76 28.12 -37.54 21.06
N ALA D 77 27.79 -36.59 21.94
CA ALA D 77 26.48 -35.97 21.88
C ALA D 77 26.35 -35.05 20.68
N TRP D 78 27.43 -34.34 20.35
CA TRP D 78 27.40 -33.51 19.15
C TRP D 78 27.32 -34.37 17.89
N TYR D 79 28.04 -35.49 17.87
CA TYR D 79 27.98 -36.37 16.70
C TYR D 79 26.55 -36.83 16.43
N ALA D 80 25.83 -37.22 17.48
CA ALA D 80 24.48 -37.75 17.29
C ALA D 80 23.51 -36.65 16.87
N GLU D 81 23.69 -35.44 17.40
CA GLU D 81 22.78 -34.36 17.06
C GLU D 81 22.99 -33.90 15.62
N TYR D 82 24.24 -33.84 15.17
CA TYR D 82 24.51 -33.43 13.79
C TYR D 82 23.91 -34.42 12.80
N ASP D 83 24.13 -35.73 13.03
CA ASP D 83 23.62 -36.74 12.10
C ASP D 83 22.10 -36.70 12.00
N ASP D 84 21.40 -36.65 13.14
CA ASP D 84 19.94 -36.65 13.10
C ASP D 84 19.39 -35.34 12.53
N ARG D 85 20.02 -34.22 12.87
CA ARG D 85 19.49 -32.93 12.45
C ARG D 85 19.70 -32.69 10.96
N ALA D 86 20.87 -33.05 10.42
CA ALA D 86 21.22 -32.63 9.07
C ALA D 86 21.31 -33.73 8.02
N ILE D 87 21.67 -34.97 8.39
CA ILE D 87 22.05 -35.99 7.42
C ILE D 87 21.01 -37.10 7.31
N ASP D 88 20.61 -37.69 8.44
CA ASP D 88 19.79 -38.90 8.41
C ASP D 88 18.30 -38.55 8.51
N LEU D 96 16.15 -29.74 5.65
CA LEU D 96 17.04 -28.74 5.09
C LEU D 96 17.30 -28.98 3.61
N THR D 97 17.64 -27.90 2.89
CA THR D 97 17.99 -27.98 1.48
C THR D 97 19.48 -28.26 1.33
N ASP D 98 19.87 -28.60 0.11
CA ASP D 98 21.28 -28.89 -0.16
C ASP D 98 22.15 -27.64 -0.02
N ALA D 99 21.63 -26.47 -0.40
CA ALA D 99 22.38 -25.23 -0.22
C ALA D 99 22.59 -24.93 1.26
N GLU D 100 21.55 -25.13 2.07
CA GLU D 100 21.67 -24.94 3.51
C GLU D 100 22.73 -25.88 4.09
N VAL D 101 22.73 -27.14 3.64
CA VAL D 101 23.70 -28.11 4.13
C VAL D 101 25.12 -27.73 3.70
N ALA D 102 25.28 -27.23 2.48
CA ALA D 102 26.60 -26.83 2.02
C ALA D 102 27.12 -25.63 2.81
N GLU D 103 26.26 -24.65 3.08
CA GLU D 103 26.70 -23.52 3.89
C GLU D 103 27.02 -23.97 5.31
N LEU D 104 26.26 -24.91 5.86
CA LEU D 104 26.58 -25.45 7.18
C LEU D 104 27.93 -26.15 7.18
N HIS D 105 28.24 -26.93 6.14
CA HIS D 105 29.54 -27.56 6.04
C HIS D 105 30.65 -26.50 6.00
N ARG D 106 30.46 -25.44 5.21
CA ARG D 106 31.45 -24.38 5.16
C ARG D 106 31.68 -23.74 6.52
N ALA D 107 30.58 -23.35 7.19
CA ALA D 107 30.68 -22.66 8.47
C ALA D 107 31.32 -23.56 9.53
N LEU D 108 30.88 -24.82 9.61
CA LEU D 108 31.42 -25.74 10.59
C LEU D 108 32.89 -26.04 10.32
N GLY D 109 33.29 -26.07 9.04
CA GLY D 109 34.70 -26.20 8.71
C GLY D 109 35.50 -24.97 9.09
N GLU D 110 34.87 -23.80 9.06
CA GLU D 110 35.55 -22.58 9.51
C GLU D 110 35.84 -22.64 11.01
N ILE D 111 34.94 -23.26 11.79
CA ILE D 111 35.22 -23.46 13.20
C ILE D 111 36.46 -24.33 13.38
N LEU D 112 36.61 -25.34 12.53
CA LEU D 112 37.79 -26.19 12.55
C LEU D 112 39.06 -25.45 12.14
N ARG D 113 38.92 -24.34 11.42
CA ARG D 113 40.05 -23.48 11.06
C ARG D 113 40.23 -22.32 12.04
N ASP D 114 39.94 -22.55 13.31
CA ASP D 114 40.17 -21.64 14.44
C ASP D 114 39.49 -20.28 14.29
N ARG D 115 38.63 -20.08 13.30
CA ARG D 115 37.89 -18.82 13.25
C ARG D 115 36.62 -18.93 14.08
N PRO D 116 36.07 -17.82 14.55
CA PRO D 116 34.85 -17.89 15.36
C PRO D 116 33.65 -18.33 14.54
N ALA D 117 32.64 -18.80 15.25
CA ALA D 117 31.45 -19.32 14.59
C ALA D 117 30.70 -18.21 13.86
N PRO D 118 30.40 -18.37 12.57
CA PRO D 118 29.69 -17.31 11.84
C PRO D 118 28.26 -17.08 12.31
N ASP D 119 27.59 -18.09 12.86
CA ASP D 119 26.20 -17.96 13.28
C ASP D 119 26.05 -18.41 14.74
N PRO D 120 26.25 -17.50 15.70
CA PRO D 120 26.09 -17.88 17.11
C PRO D 120 24.67 -18.26 17.50
N SER D 121 23.68 -18.02 16.64
CA SER D 121 22.31 -18.47 16.92
C SER D 121 22.10 -19.94 16.58
N ASP D 122 22.91 -20.50 15.69
CA ASP D 122 22.80 -21.90 15.31
C ASP D 122 23.25 -22.76 16.48
N PRO D 123 22.42 -23.69 16.97
CA PRO D 123 22.84 -24.50 18.12
C PRO D 123 24.01 -25.43 17.79
N VAL D 124 24.02 -25.99 16.58
CA VAL D 124 25.10 -26.89 16.18
C VAL D 124 26.43 -26.14 16.16
N GLN D 125 26.43 -24.88 15.71
CA GLN D 125 27.68 -24.14 15.64
C GLN D 125 28.23 -23.85 17.05
N ARG D 126 27.37 -23.43 17.98
CA ARG D 126 27.83 -23.28 19.37
C ARG D 126 28.38 -24.59 19.91
N GLY D 127 27.66 -25.69 19.68
CA GLY D 127 28.11 -26.97 20.19
C GLY D 127 29.46 -27.38 19.63
N LEU D 128 29.65 -27.19 18.32
CA LEU D 128 30.91 -27.59 17.70
C LEU D 128 32.04 -26.70 18.17
N ALA D 129 31.78 -25.40 18.35
CA ALA D 129 32.80 -24.52 18.91
C ALA D 129 33.19 -24.95 20.31
N ASP D 130 32.20 -25.30 21.14
CA ASP D 130 32.49 -25.79 22.49
C ASP D 130 33.33 -27.05 22.43
N VAL D 131 32.96 -28.00 21.58
CA VAL D 131 33.71 -29.24 21.45
C VAL D 131 35.16 -28.96 21.05
N TRP D 132 35.36 -28.07 20.07
CA TRP D 132 36.71 -27.77 19.58
C TRP D 132 37.56 -27.12 20.67
N ARG D 133 37.00 -26.12 21.38
CA ARG D 133 37.75 -25.45 22.42
C ARG D 133 38.10 -26.41 23.55
N THR D 134 37.14 -27.24 23.97
CA THR D 134 37.43 -28.22 25.01
C THR D 134 38.49 -29.22 24.55
N LEU D 135 38.42 -29.65 23.29
CA LEU D 135 39.37 -30.61 22.76
C LEU D 135 40.79 -30.06 22.74
N ASN D 136 40.96 -28.83 22.23
CA ASN D 136 42.31 -28.27 22.13
C ASN D 136 42.93 -28.02 23.51
N GLY D 137 42.10 -27.75 24.52
CA GLY D 137 42.63 -27.60 25.86
C GLY D 137 43.20 -28.88 26.45
N LEU D 138 42.54 -30.01 26.21
CA LEU D 138 42.96 -31.29 26.76
C LEU D 138 43.92 -32.05 25.86
N ALA D 139 44.39 -31.45 24.77
CA ALA D 139 45.28 -32.11 23.82
C ALA D 139 46.61 -31.37 23.78
N SER D 140 47.70 -32.13 23.78
CA SER D 140 49.05 -31.58 23.80
C SER D 140 49.98 -32.10 22.72
N ASP D 141 49.72 -33.27 22.14
CA ASP D 141 50.60 -33.79 21.10
C ASP D 141 49.85 -34.73 20.16
N TRP D 142 49.07 -34.17 19.21
CA TRP D 142 48.30 -34.95 18.26
C TRP D 142 48.44 -34.35 16.86
N ASP D 143 48.16 -35.16 15.84
CA ASP D 143 48.11 -34.67 14.46
C ASP D 143 46.74 -34.02 14.22
N ARG D 144 46.68 -32.69 14.42
CA ARG D 144 45.42 -31.97 14.25
C ARG D 144 44.99 -31.90 12.79
N ALA D 145 45.95 -31.71 11.87
CA ALA D 145 45.60 -31.55 10.46
C ALA D 145 44.95 -32.81 9.89
N ALA D 146 45.45 -33.98 10.29
CA ALA D 146 44.85 -35.23 9.82
C ALA D 146 43.40 -35.34 10.29
N PHE D 147 43.13 -34.91 11.52
CA PHE D 147 41.76 -34.93 12.02
C PHE D 147 40.87 -34.00 11.21
N VAL D 148 41.38 -32.82 10.85
CA VAL D 148 40.58 -31.90 10.04
C VAL D 148 40.27 -32.51 8.68
N ASP D 149 41.26 -33.23 8.10
CA ASP D 149 41.04 -33.86 6.81
C ASP D 149 39.97 -34.96 6.89
N THR D 150 40.05 -35.80 7.92
CA THR D 150 39.03 -36.80 8.13
C THR D 150 37.65 -36.17 8.31
N THR D 151 37.58 -35.02 8.96
CA THR D 151 36.30 -34.35 9.14
C THR D 151 35.75 -33.84 7.81
N LEU D 152 36.62 -33.30 6.96
CA LEU D 152 36.17 -32.87 5.63
C LEU D 152 35.61 -34.04 4.82
N ARG D 153 36.33 -35.15 4.79
CA ARG D 153 35.82 -36.32 4.09
C ARG D 153 34.54 -36.83 4.71
N TYR D 154 34.40 -36.68 6.03
CA TYR D 154 33.17 -37.04 6.73
C TYR D 154 31.98 -36.23 6.21
N PHE D 155 32.16 -34.92 6.08
CA PHE D 155 31.11 -34.07 5.50
C PHE D 155 30.77 -34.49 4.07
N GLU D 156 31.80 -34.75 3.26
CA GLU D 156 31.55 -35.12 1.87
C GLU D 156 30.79 -36.45 1.76
N ALA D 157 31.16 -37.41 2.59
CA ALA D 157 30.41 -38.67 2.62
C ALA D 157 28.98 -38.45 3.09
N ASN D 158 28.77 -37.51 4.01
CA ASN D 158 27.40 -37.19 4.43
C ASN D 158 26.57 -36.68 3.25
N ARG D 159 27.16 -35.80 2.43
CA ARG D 159 26.43 -35.34 1.24
C ARG D 159 26.14 -36.48 0.28
N TYR D 160 27.10 -37.41 0.11
CA TYR D 160 26.83 -38.60 -0.71
C TYR D 160 25.64 -39.38 -0.16
N GLU D 161 25.59 -39.56 1.16
CA GLU D 161 24.47 -40.23 1.80
C GLU D 161 23.16 -39.50 1.51
N ARG D 162 23.20 -38.17 1.51
CA ARG D 162 21.98 -37.40 1.24
C ARG D 162 21.50 -37.61 -0.19
N VAL D 163 22.43 -37.70 -1.14
CA VAL D 163 22.04 -38.03 -2.52
C VAL D 163 21.36 -39.40 -2.58
N ASN D 164 21.96 -40.40 -1.93
CA ASN D 164 21.37 -41.74 -1.96
C ASN D 164 19.99 -41.74 -1.32
N ILE D 165 19.79 -40.94 -0.27
CA ILE D 165 18.48 -40.85 0.37
C ILE D 165 17.46 -40.19 -0.54
N ARG D 166 17.89 -39.14 -1.26
CA ARG D 166 17.01 -38.48 -2.21
C ARG D 166 16.59 -39.43 -3.33
N ARG D 167 17.46 -40.36 -3.71
CA ARG D 167 17.08 -41.37 -4.68
C ARG D 167 16.06 -42.37 -4.12
N GLY D 168 16.05 -42.57 -2.80
CA GLY D 168 15.15 -43.52 -2.19
C GLY D 168 15.55 -44.96 -2.44
N ILE D 169 16.84 -45.21 -2.64
CA ILE D 169 17.36 -46.53 -3.01
C ILE D 169 18.73 -46.68 -2.36
N PRO D 170 19.06 -47.84 -1.79
CA PRO D 170 20.40 -48.02 -1.20
C PRO D 170 21.43 -48.27 -2.28
N PRO D 171 22.66 -47.81 -2.09
CA PRO D 171 23.69 -48.05 -3.11
C PRO D 171 24.19 -49.48 -3.14
N THR D 172 25.11 -49.77 -4.05
CA THR D 172 25.72 -51.09 -4.14
C THR D 172 26.44 -51.42 -2.82
N PRO D 173 26.46 -52.69 -2.43
CA PRO D 173 27.25 -53.07 -1.24
C PRO D 173 28.69 -52.57 -1.29
N SER D 174 29.38 -52.71 -2.44
CA SER D 174 30.77 -52.27 -2.50
C SER D 174 30.89 -50.76 -2.31
N ALA D 175 30.03 -50.00 -3.01
CA ALA D 175 30.07 -48.55 -2.90
C ALA D 175 29.70 -48.10 -1.49
N HIS D 176 28.77 -48.80 -0.85
CA HIS D 176 28.41 -48.42 0.50
C HIS D 176 29.53 -48.76 1.48
N ILE D 177 30.09 -49.97 1.38
CA ILE D 177 31.15 -50.40 2.27
C ILE D 177 32.35 -49.46 2.16
N GLY D 178 32.68 -49.02 0.95
CA GLY D 178 33.77 -48.09 0.79
C GLY D 178 33.51 -46.76 1.47
N MET D 179 32.37 -46.14 1.16
CA MET D 179 32.05 -44.80 1.64
C MET D 179 31.61 -44.76 3.10
N ARG D 180 31.16 -45.88 3.66
CA ARG D 180 30.65 -45.88 5.04
C ARG D 180 31.74 -45.53 6.04
N ARG D 181 32.98 -45.93 5.76
CA ARG D 181 34.08 -45.62 6.68
C ARG D 181 34.26 -44.11 6.82
N HIS D 182 34.01 -43.35 5.75
CA HIS D 182 34.05 -41.89 5.85
C HIS D 182 32.80 -41.34 6.52
N GLY D 183 31.64 -41.95 6.27
CA GLY D 183 30.39 -41.43 6.83
C GLY D 183 30.22 -41.66 8.31
N GLY D 184 31.03 -42.52 8.93
CA GLY D 184 30.92 -42.76 10.35
C GLY D 184 32.01 -42.06 11.13
N HIS D 185 32.94 -41.44 10.41
CA HIS D 185 34.08 -40.74 10.99
C HIS D 185 34.81 -41.62 12.00
N VAL D 186 35.13 -42.83 11.56
CA VAL D 186 35.80 -43.78 12.45
C VAL D 186 37.28 -43.44 12.57
N TYR D 187 37.90 -43.03 11.46
CA TYR D 187 39.31 -42.63 11.48
C TYR D 187 39.51 -41.42 12.38
N GLY D 188 38.58 -40.46 12.34
CA GLY D 188 38.63 -39.34 13.25
C GLY D 188 38.53 -39.77 14.71
N MET D 189 37.71 -40.79 14.99
CA MET D 189 37.62 -41.30 16.35
C MET D 189 38.92 -41.96 16.79
N TYR D 190 39.59 -42.68 15.89
CA TYR D 190 40.89 -43.23 16.21
C TYR D 190 41.88 -42.13 16.58
N ILE D 191 41.94 -41.07 15.77
CA ILE D 191 42.86 -39.97 16.07
C ILE D 191 42.50 -39.31 17.40
N LEU D 192 41.21 -39.06 17.64
CA LEU D 192 40.80 -38.41 18.89
C LEU D 192 41.10 -39.28 20.11
N GLY D 193 40.91 -40.59 19.98
CA GLY D 193 41.24 -41.47 21.08
C GLY D 193 42.71 -41.46 21.40
N ALA D 194 43.56 -41.47 20.37
CA ALA D 194 45.00 -41.31 20.62
C ALA D 194 45.30 -39.97 21.28
N ALA D 195 44.58 -38.91 20.89
CA ALA D 195 44.87 -37.59 21.43
C ALA D 195 44.50 -37.48 22.90
N VAL D 196 43.28 -37.85 23.26
CA VAL D 196 42.79 -37.58 24.61
C VAL D 196 43.36 -38.56 25.64
N ASN D 197 43.68 -39.79 25.24
CA ASN D 197 44.18 -40.80 26.17
C ASN D 197 45.69 -40.76 26.32
N GLY D 198 46.35 -39.77 25.74
CA GLY D 198 47.77 -39.49 25.94
C GLY D 198 48.78 -40.43 25.33
N TYR D 199 48.51 -40.95 24.14
CA TYR D 199 49.50 -41.74 23.41
C TYR D 199 49.41 -41.41 21.92
N ARG D 200 50.56 -41.33 21.27
CA ARG D 200 50.54 -41.06 19.83
C ARG D 200 51.54 -41.99 19.13
N PRO D 201 51.06 -42.93 18.33
CA PRO D 201 51.99 -43.82 17.62
C PRO D 201 52.77 -43.07 16.55
N GLU D 202 53.99 -43.52 16.32
CA GLU D 202 54.89 -42.85 15.37
C GLU D 202 54.31 -42.86 13.96
N ARG D 203 54.71 -41.85 13.18
CA ARG D 203 54.29 -41.77 11.80
C ARG D 203 54.83 -42.94 10.97
N ARG D 204 55.96 -43.51 11.40
CA ARG D 204 56.52 -44.67 10.72
C ARG D 204 55.61 -45.90 10.79
N VAL D 205 54.83 -46.05 11.87
CA VAL D 205 54.05 -47.27 12.02
C VAL D 205 52.68 -47.16 11.35
N LEU D 206 52.01 -46.00 11.43
CA LEU D 206 50.68 -45.90 10.83
C LEU D 206 50.72 -45.95 9.32
N ASP D 207 51.78 -45.44 8.69
CA ASP D 207 51.89 -45.47 7.24
C ASP D 207 52.27 -46.85 6.70
N HIS D 208 52.47 -47.83 7.58
CA HIS D 208 52.74 -49.18 7.14
C HIS D 208 51.47 -49.79 6.56
N ALA D 209 51.62 -50.55 5.46
CA ALA D 209 50.46 -51.10 4.77
C ALA D 209 49.65 -52.02 5.67
N ALA D 210 50.32 -52.85 6.47
CA ALA D 210 49.60 -53.77 7.33
C ALA D 210 48.74 -53.05 8.34
N VAL D 211 49.27 -51.96 8.94
CA VAL D 211 48.51 -51.19 9.91
C VAL D 211 47.32 -50.51 9.24
N ARG D 212 47.52 -50.00 8.03
CA ARG D 212 46.42 -49.36 7.32
C ARG D 212 45.29 -50.35 7.06
N GLU D 213 45.62 -51.54 6.57
CA GLU D 213 44.59 -52.53 6.30
C GLU D 213 43.97 -53.06 7.59
N LEU D 214 44.74 -53.11 8.68
CA LEU D 214 44.18 -53.50 9.97
C LEU D 214 43.16 -52.47 10.47
N GLU D 215 43.51 -51.19 10.37
CA GLU D 215 42.57 -50.13 10.70
C GLU D 215 41.30 -50.25 9.86
N THR D 216 41.45 -50.56 8.57
CA THR D 216 40.29 -50.71 7.69
C THR D 216 39.41 -51.90 8.09
N LEU D 217 40.03 -53.03 8.43
CA LEU D 217 39.27 -54.18 8.90
C LEU D 217 38.46 -53.83 10.15
N ALA D 218 39.11 -53.17 11.11
CA ALA D 218 38.42 -52.82 12.35
C ALA D 218 37.30 -51.82 12.11
N ALA D 219 37.54 -50.83 11.25
CA ALA D 219 36.51 -49.84 10.95
C ALA D 219 35.31 -50.47 10.27
N ASN D 220 35.57 -51.41 9.34
CA ASN D 220 34.49 -52.14 8.70
C ASN D 220 33.67 -52.91 9.73
N TYR D 221 34.34 -53.62 10.64
CA TYR D 221 33.62 -54.38 11.65
C TYR D 221 32.73 -53.48 12.51
N THR D 222 33.30 -52.37 13.00
CA THR D 222 32.52 -51.44 13.83
C THR D 222 31.29 -50.93 13.08
N SER D 223 31.48 -50.49 11.83
CA SER D 223 30.36 -49.88 11.11
C SER D 223 29.31 -50.91 10.72
N TRP D 224 29.72 -52.13 10.35
CA TRP D 224 28.73 -53.15 10.02
C TRP D 224 27.96 -53.58 11.27
N ALA D 225 28.64 -53.63 12.43
CA ALA D 225 27.94 -53.92 13.67
C ALA D 225 26.91 -52.84 13.98
N ASN D 226 27.31 -51.57 13.84
CA ASN D 226 26.39 -50.48 14.07
C ASN D 226 25.19 -50.55 13.13
N ASP D 227 25.43 -50.85 11.85
CA ASP D 227 24.33 -50.95 10.89
C ASP D 227 23.38 -52.07 11.27
N LEU D 228 23.93 -53.24 11.59
CA LEU D 228 23.10 -54.38 11.99
C LEU D 228 22.24 -54.03 13.20
N HIS D 229 22.77 -53.24 14.15
CA HIS D 229 21.99 -52.93 15.34
C HIS D 229 21.00 -51.79 15.11
N SER D 230 21.35 -50.78 14.33
CA SER D 230 20.51 -49.61 14.14
C SER D 230 19.60 -49.74 12.92
N PHE D 231 19.56 -50.91 12.29
CA PHE D 231 18.76 -51.11 11.09
C PHE D 231 17.30 -50.73 11.27
N ALA D 232 16.70 -51.09 12.41
CA ALA D 232 15.27 -50.84 12.57
C ALA D 232 14.95 -49.35 12.50
N ARG D 233 15.66 -48.55 13.30
CA ARG D 233 15.47 -47.11 13.29
C ARG D 233 15.83 -46.51 11.93
N GLU D 234 16.89 -47.02 11.30
CA GLU D 234 17.29 -46.46 10.01
C GLU D 234 16.29 -46.79 8.90
N HIS D 235 15.61 -47.94 9.01
CA HIS D 235 14.57 -48.30 8.05
C HIS D 235 13.31 -47.48 8.27
N ARG D 236 12.97 -47.22 9.54
CA ARG D 236 11.81 -46.39 9.82
C ARG D 236 12.01 -44.97 9.30
N MET D 237 13.23 -44.45 9.40
CA MET D 237 13.51 -43.06 9.02
C MET D 237 13.82 -42.88 7.53
N GLY D 238 14.14 -43.95 6.81
CA GLY D 238 14.45 -43.82 5.40
C GLY D 238 15.93 -43.69 5.10
N GLN D 239 16.79 -43.93 6.07
CA GLN D 239 18.24 -43.93 5.86
C GLN D 239 18.61 -45.17 5.05
N VAL D 240 18.83 -44.98 3.74
CA VAL D 240 19.09 -46.11 2.86
C VAL D 240 20.55 -46.52 2.88
N ASN D 241 21.39 -45.78 3.60
CA ASN D 241 22.82 -46.09 3.69
C ASN D 241 23.06 -47.05 4.86
N ASN D 242 22.55 -48.26 4.67
CA ASN D 242 22.66 -49.35 5.64
C ASN D 242 22.99 -50.62 4.88
N LEU D 243 23.99 -51.37 5.36
CA LEU D 243 24.42 -52.55 4.62
C LEU D 243 23.29 -53.58 4.48
N VAL D 244 22.43 -53.71 5.49
CA VAL D 244 21.30 -54.63 5.38
C VAL D 244 20.38 -54.19 4.26
N TRP D 245 20.10 -52.88 4.17
CA TRP D 245 19.30 -52.33 3.07
C TRP D 245 19.89 -52.75 1.72
N SER D 246 21.19 -52.57 1.56
CA SER D 246 21.85 -52.83 0.28
C SER D 246 21.87 -54.31 -0.06
N VAL D 247 22.13 -55.17 0.93
CA VAL D 247 22.13 -56.61 0.68
C VAL D 247 20.73 -57.09 0.30
N HIS D 248 19.70 -56.57 0.97
CA HIS D 248 18.33 -56.92 0.60
C HIS D 248 18.01 -56.43 -0.81
N HIS D 249 18.49 -55.24 -1.18
CA HIS D 249 18.10 -54.65 -2.46
C HIS D 249 18.80 -55.30 -3.65
N HIS D 250 20.12 -55.43 -3.59
CA HIS D 250 20.88 -55.84 -4.76
C HIS D 250 21.19 -57.33 -4.81
N GLU D 251 21.19 -58.02 -3.67
CA GLU D 251 21.42 -59.45 -3.65
C GLU D 251 20.13 -60.25 -3.51
N GLY D 252 18.99 -59.57 -3.40
CA GLY D 252 17.72 -60.25 -3.41
C GLY D 252 17.46 -61.17 -2.24
N LEU D 253 17.59 -60.65 -1.02
CA LEU D 253 17.40 -61.45 0.18
C LEU D 253 16.33 -60.83 1.06
N THR D 254 15.69 -61.67 1.87
CA THR D 254 14.79 -61.17 2.91
C THR D 254 15.59 -60.34 3.90
N PHE D 255 14.88 -59.49 4.65
CA PHE D 255 15.56 -58.69 5.65
C PHE D 255 16.26 -59.57 6.68
N GLN D 256 15.64 -60.70 7.03
CA GLN D 256 16.29 -61.65 7.93
C GLN D 256 17.53 -62.27 7.29
N GLN D 257 17.40 -62.70 6.03
CA GLN D 257 18.56 -63.25 5.32
C GLN D 257 19.66 -62.21 5.18
N ALA D 258 19.29 -60.96 4.92
CA ALA D 258 20.27 -59.89 4.81
C ALA D 258 21.02 -59.69 6.12
N ALA D 259 20.28 -59.65 7.24
CA ALA D 259 20.92 -59.48 8.53
C ALA D 259 21.84 -60.66 8.84
N ASP D 260 21.41 -61.88 8.50
CA ASP D 260 22.25 -63.05 8.71
C ASP D 260 23.54 -62.96 7.89
N ARG D 261 23.42 -62.57 6.62
CA ARG D 261 24.60 -62.45 5.77
C ARG D 261 25.56 -61.39 6.28
N VAL D 262 25.02 -60.26 6.77
CA VAL D 262 25.86 -59.20 7.30
C VAL D 262 26.58 -59.65 8.56
N ALA D 263 25.88 -60.39 9.44
CA ALA D 263 26.53 -60.92 10.64
C ALA D 263 27.64 -61.89 10.29
N ASP D 264 27.42 -62.72 9.26
CA ASP D 264 28.48 -63.60 8.78
C ASP D 264 29.69 -62.81 8.29
N LEU D 265 29.45 -61.73 7.56
CA LEU D 265 30.54 -60.88 7.10
C LEU D 265 31.29 -60.27 8.29
N CYS D 266 30.56 -59.91 9.34
CA CYS D 266 31.19 -59.41 10.57
C CYS D 266 32.11 -60.45 11.17
N ASP D 267 31.62 -61.69 11.32
CA ASP D 267 32.44 -62.75 11.90
C ASP D 267 33.71 -62.96 11.08
N LYS D 268 33.57 -63.07 9.76
CA LYS D 268 34.74 -63.33 8.93
C LYS D 268 35.71 -62.15 8.94
N GLU D 269 35.20 -60.92 9.02
CA GLU D 269 36.10 -59.77 9.10
C GLU D 269 36.87 -59.78 10.41
N LEU D 270 36.22 -60.21 11.51
CA LEU D 270 36.95 -60.35 12.77
C LEU D 270 38.05 -61.39 12.67
N ALA D 271 37.76 -62.51 11.99
CA ALA D 271 38.79 -63.55 11.82
C ALA D 271 39.98 -63.02 11.03
N ALA D 272 39.71 -62.29 9.94
CA ALA D 272 40.80 -61.70 9.17
C ALA D 272 41.57 -60.70 10.01
N TYR D 273 40.87 -59.92 10.83
CA TYR D 273 41.53 -58.97 11.72
C TYR D 273 42.51 -59.68 12.63
N LEU D 274 42.06 -60.77 13.24
CA LEU D 274 42.93 -61.54 14.13
C LEU D 274 44.15 -62.10 13.39
N GLU D 275 43.95 -62.56 12.15
CA GLU D 275 45.08 -63.10 11.39
C GLU D 275 46.14 -62.03 11.14
N LEU D 276 45.71 -60.85 10.68
CA LEU D 276 46.66 -59.76 10.47
C LEU D 276 47.29 -59.31 11.78
N ARG D 277 46.50 -59.29 12.85
CA ARG D 277 46.97 -58.84 14.15
C ARG D 277 48.09 -59.74 14.66
N GLN D 278 47.96 -61.06 14.41
CA GLN D 278 49.02 -62.00 14.77
C GLN D 278 50.23 -61.87 13.86
N THR D 279 50.02 -61.59 12.57
CA THR D 279 51.14 -61.50 11.65
C THR D 279 51.94 -60.19 11.79
N LEU D 280 51.37 -59.17 12.41
CA LEU D 280 52.06 -57.87 12.50
C LEU D 280 53.49 -57.94 13.03
N PRO D 281 53.80 -58.65 14.12
CA PRO D 281 55.19 -58.65 14.59
C PRO D 281 56.20 -59.13 13.56
N GLU D 282 55.85 -60.14 12.75
CA GLU D 282 56.80 -60.70 11.80
C GLU D 282 57.25 -59.66 10.77
N LEU D 283 56.38 -58.69 10.45
CA LEU D 283 56.76 -57.65 9.51
C LEU D 283 57.72 -56.63 10.11
N GLY D 284 57.96 -56.68 11.41
CA GLY D 284 58.82 -55.72 12.08
C GLY D 284 58.09 -54.69 12.91
N ILE D 285 56.80 -54.86 13.13
CA ILE D 285 56.00 -53.92 13.91
C ILE D 285 55.63 -54.56 15.25
N PRO D 286 56.28 -54.19 16.34
CA PRO D 286 55.91 -54.74 17.65
C PRO D 286 54.73 -53.99 18.25
N LEU D 287 53.88 -54.75 18.95
CA LEU D 287 52.73 -54.17 19.65
C LEU D 287 53.10 -53.89 21.11
N THR D 288 54.01 -52.92 21.27
CA THR D 288 54.62 -52.64 22.58
C THR D 288 54.19 -51.29 23.12
N GLY D 289 54.67 -50.19 22.54
CA GLY D 289 54.44 -48.91 23.17
C GLY D 289 53.12 -48.29 22.77
N ALA D 290 53.17 -47.17 22.05
CA ALA D 290 51.94 -46.54 21.61
C ALA D 290 51.22 -47.40 20.59
N THR D 291 51.96 -48.22 19.85
CA THR D 291 51.32 -49.13 18.89
C THR D 291 50.41 -50.13 19.60
N GLY D 292 50.84 -50.63 20.76
CA GLY D 292 50.00 -51.55 21.52
C GLY D 292 48.71 -50.90 22.00
N ARG D 293 48.81 -49.68 22.53
CA ARG D 293 47.60 -48.99 22.95
C ARG D 293 46.70 -48.63 21.77
N HIS D 294 47.29 -48.34 20.61
CA HIS D 294 46.48 -48.05 19.41
C HIS D 294 45.69 -49.27 18.97
N VAL D 295 46.34 -50.44 18.93
CA VAL D 295 45.63 -51.66 18.57
C VAL D 295 44.54 -51.97 19.60
N ARG D 296 44.84 -51.75 20.88
CA ARG D 296 43.83 -51.98 21.91
C ARG D 296 42.65 -51.04 21.75
N PHE D 297 42.89 -49.80 21.32
CA PHE D 297 41.79 -48.90 21.05
C PHE D 297 40.94 -49.40 19.88
N LEU D 298 41.59 -49.90 18.82
CA LEU D 298 40.82 -50.49 17.72
C LEU D 298 39.91 -51.60 18.24
N GLU D 299 40.46 -52.45 19.11
CA GLU D 299 39.67 -53.55 19.66
C GLU D 299 38.54 -53.03 20.56
N ASP D 300 38.75 -51.90 21.23
CA ASP D 300 37.71 -51.36 22.10
C ASP D 300 36.48 -50.93 21.32
N MET D 301 36.66 -50.26 20.17
CA MET D 301 35.51 -49.76 19.41
C MET D 301 34.68 -50.88 18.80
N MET D 302 35.32 -52.02 18.46
CA MET D 302 34.55 -53.16 17.97
C MET D 302 33.65 -53.71 19.07
N TRP D 303 34.20 -53.90 20.26
CA TRP D 303 33.41 -54.43 21.37
C TRP D 303 32.34 -53.44 21.78
N SER D 304 32.64 -52.14 21.68
CA SER D 304 31.66 -51.13 22.07
C SER D 304 30.40 -51.26 21.23
N MET D 305 30.54 -51.48 19.93
CA MET D 305 29.35 -51.57 19.07
C MET D 305 28.50 -52.79 19.42
N VAL D 306 29.14 -53.92 19.69
CA VAL D 306 28.41 -55.12 20.08
C VAL D 306 27.69 -54.92 21.41
N ASP D 307 28.41 -54.43 22.42
CA ASP D 307 27.85 -54.39 23.79
C ASP D 307 26.92 -53.21 24.04
N TRP D 308 27.32 -51.99 23.65
CA TRP D 308 26.55 -50.80 23.98
C TRP D 308 25.32 -50.64 23.08
N SER D 309 25.52 -50.71 21.76
CA SER D 309 24.43 -50.43 20.82
C SER D 309 23.25 -51.37 21.03
N ALA D 310 23.45 -52.55 21.61
CA ALA D 310 22.33 -53.41 21.94
C ALA D 310 21.55 -52.89 23.15
N ARG D 311 22.24 -52.21 24.08
CA ARG D 311 21.60 -51.70 25.29
C ARG D 311 20.91 -50.37 25.07
N SER D 312 21.44 -49.53 24.19
CA SER D 312 20.97 -48.15 24.07
C SER D 312 19.50 -48.09 23.67
N ALA D 313 18.75 -47.20 24.33
CA ALA D 313 17.35 -46.97 24.03
C ALA D 313 17.15 -46.24 22.71
N ARG D 314 18.22 -46.00 21.97
CA ARG D 314 18.13 -45.30 20.69
C ARG D 314 17.58 -46.20 19.60
N TYR D 315 18.07 -47.44 19.53
CA TYR D 315 17.73 -48.36 18.45
C TYR D 315 16.69 -49.41 18.86
N ASP D 316 15.81 -49.09 19.79
CA ASP D 316 14.86 -50.09 20.28
C ASP D 316 13.60 -50.15 19.41
N VAL D 317 13.00 -48.99 19.12
CA VAL D 317 11.82 -48.91 18.27
C VAL D 317 10.72 -49.87 18.70
N ASP E 1 -43.60 -1.58 -4.82
CA ASP E 1 -43.43 -3.03 -4.68
C ASP E 1 -44.45 -3.60 -3.70
N MET E 2 -45.35 -4.44 -4.21
CA MET E 2 -46.41 -5.05 -3.42
C MET E 2 -45.82 -6.14 -2.52
N THR E 3 -46.67 -6.93 -1.87
CA THR E 3 -46.19 -7.97 -0.98
C THR E 3 -46.76 -9.33 -1.37
N ILE E 4 -46.32 -10.36 -0.65
CA ILE E 4 -46.74 -11.74 -0.86
C ILE E 4 -46.67 -12.47 0.48
N SER E 5 -47.51 -13.50 0.64
CA SER E 5 -47.46 -14.38 1.81
C SER E 5 -47.00 -15.75 1.32
N VAL E 6 -45.81 -16.16 1.75
CA VAL E 6 -45.24 -17.44 1.33
C VAL E 6 -45.91 -18.56 2.11
N PRO E 7 -46.59 -19.49 1.45
CA PRO E 7 -47.34 -20.51 2.17
C PRO E 7 -46.43 -21.50 2.88
N GLN E 8 -47.04 -22.26 3.79
CA GLN E 8 -46.35 -23.29 4.55
C GLN E 8 -46.35 -24.59 3.75
N LEU E 9 -45.69 -25.62 4.29
CA LEU E 9 -45.47 -26.86 3.53
C LEU E 9 -45.37 -28.02 4.52
N ASP E 10 -46.44 -28.79 4.64
CA ASP E 10 -46.45 -29.94 5.53
C ASP E 10 -45.81 -31.12 4.81
N CYS E 11 -44.65 -31.54 5.27
CA CYS E 11 -43.98 -32.74 4.75
C CYS E 11 -43.79 -33.72 5.88
N PRO E 12 -44.47 -34.87 5.86
CA PRO E 12 -44.39 -35.84 6.97
C PRO E 12 -43.10 -36.66 6.95
N LEU E 13 -41.97 -35.95 7.03
CA LEU E 13 -40.65 -36.59 7.05
C LEU E 13 -39.78 -35.79 8.00
N SER E 14 -39.50 -36.33 9.19
CA SER E 14 -38.75 -35.59 10.21
C SER E 14 -37.44 -36.29 10.55
N ARG E 15 -36.48 -35.50 11.05
CA ARG E 15 -35.12 -35.99 11.28
C ARG E 15 -34.42 -35.11 12.31
N PRO E 16 -33.57 -35.67 13.17
CA PRO E 16 -32.80 -34.84 14.12
C PRO E 16 -31.61 -34.14 13.47
N VAL E 17 -31.34 -32.93 13.98
CA VAL E 17 -30.26 -32.09 13.47
C VAL E 17 -28.97 -32.42 14.22
N HIS E 18 -27.83 -32.14 13.60
CA HIS E 18 -26.55 -32.35 14.25
C HIS E 18 -26.32 -31.27 15.32
N PRO E 19 -25.80 -31.65 16.50
CA PRO E 19 -25.73 -30.68 17.60
C PRO E 19 -24.72 -29.56 17.37
N GLU E 20 -23.62 -29.83 16.67
CA GLU E 20 -22.53 -28.89 16.51
C GLU E 20 -22.81 -27.79 15.47
N GLY E 21 -24.08 -27.53 15.16
CA GLY E 21 -24.40 -26.60 14.08
C GLY E 21 -23.80 -25.21 14.25
N GLU E 22 -24.03 -24.59 15.41
CA GLU E 22 -23.53 -23.23 15.66
C GLU E 22 -22.02 -23.15 15.51
N ARG E 23 -21.31 -24.16 16.02
CA ARG E 23 -19.87 -24.25 15.81
C ARG E 23 -19.56 -24.22 14.32
N ALA E 24 -20.34 -24.97 13.53
CA ALA E 24 -20.14 -24.96 12.08
C ALA E 24 -20.37 -23.58 11.48
N ASP E 25 -21.36 -22.83 11.99
CA ASP E 25 -21.53 -21.45 11.56
C ASP E 25 -20.25 -20.65 11.74
N ALA E 26 -19.70 -20.71 12.95
CA ALA E 26 -18.44 -20.01 13.23
C ALA E 26 -17.34 -20.47 12.27
N TYR E 27 -17.19 -21.79 12.11
CA TYR E 27 -16.18 -22.33 11.21
C TYR E 27 -16.37 -21.84 9.79
N ALA E 28 -17.63 -21.72 9.36
CA ALA E 28 -17.92 -21.18 8.03
C ALA E 28 -17.34 -19.78 7.89
N VAL E 29 -17.65 -18.90 8.83
CA VAL E 29 -17.09 -17.54 8.77
C VAL E 29 -15.56 -17.61 8.72
N GLU E 30 -14.98 -18.47 9.56
CA GLU E 30 -13.53 -18.63 9.59
C GLU E 30 -12.99 -18.98 8.20
N TRP E 31 -13.57 -20.01 7.57
CA TRP E 31 -13.10 -20.47 6.26
C TRP E 31 -13.25 -19.37 5.20
N LEU E 32 -14.41 -18.71 5.15
CA LEU E 32 -14.62 -17.68 4.14
C LEU E 32 -13.62 -16.54 4.30
N ARG E 33 -13.24 -16.18 5.53
CA ARG E 33 -12.19 -15.17 5.62
C ARG E 33 -10.81 -15.73 5.29
N GLY E 34 -10.54 -16.97 5.68
CA GLY E 34 -9.22 -17.55 5.49
C GLY E 34 -8.87 -17.89 4.07
N VAL E 35 -9.86 -18.04 3.19
CA VAL E 35 -9.59 -18.43 1.81
C VAL E 35 -9.62 -17.21 0.88
N GLY E 36 -10.29 -16.13 1.26
CA GLY E 36 -10.41 -14.95 0.44
C GLY E 36 -11.83 -14.68 -0.01
N LEU E 37 -12.77 -15.53 0.39
CA LEU E 37 -14.18 -15.36 0.05
C LEU E 37 -14.84 -14.28 0.88
N MET E 38 -14.25 -13.91 2.02
CA MET E 38 -14.81 -12.89 2.90
C MET E 38 -13.70 -11.97 3.38
N ALA E 39 -14.02 -10.69 3.52
CA ALA E 39 -13.03 -9.63 3.69
C ALA E 39 -12.44 -9.65 5.09
N ASP E 40 -11.69 -8.61 5.41
CA ASP E 40 -11.00 -8.52 6.70
C ASP E 40 -11.95 -8.13 7.82
N GLU E 41 -12.81 -7.14 7.60
CA GLU E 41 -13.76 -6.68 8.61
C GLU E 41 -15.15 -6.62 7.99
N ALA E 42 -16.07 -7.42 8.54
CA ALA E 42 -17.46 -7.42 8.13
C ALA E 42 -18.26 -8.10 9.23
N ASP E 43 -19.44 -7.55 9.53
CA ASP E 43 -20.29 -8.13 10.56
C ASP E 43 -20.62 -9.58 10.22
N ALA E 44 -20.43 -10.46 11.20
CA ALA E 44 -20.74 -11.87 11.03
C ALA E 44 -22.17 -12.21 11.41
N ALA E 45 -23.02 -11.21 11.64
CA ALA E 45 -24.39 -11.55 11.99
C ALA E 45 -25.34 -11.54 10.79
N PRO E 46 -24.92 -11.06 9.60
CA PRO E 46 -25.70 -11.42 8.39
C PRO E 46 -25.26 -12.76 7.83
N VAL E 47 -24.09 -13.24 8.23
CA VAL E 47 -23.59 -14.54 7.79
C VAL E 47 -24.03 -15.65 8.75
N LEU E 48 -24.00 -15.38 10.06
CA LEU E 48 -24.56 -16.34 11.00
C LEU E 48 -26.06 -16.48 10.82
N ALA E 49 -26.71 -15.46 10.27
CA ALA E 49 -28.14 -15.54 9.96
C ALA E 49 -28.40 -16.46 8.79
N VAL E 50 -27.41 -16.67 7.91
CA VAL E 50 -27.57 -17.61 6.81
C VAL E 50 -27.74 -19.03 7.34
N GLY E 51 -26.86 -19.44 8.26
CA GLY E 51 -26.97 -20.75 8.87
C GLY E 51 -26.40 -21.84 8.00
N LEU E 52 -25.19 -21.63 7.47
CA LEU E 52 -24.57 -22.63 6.61
C LEU E 52 -24.22 -23.90 7.39
N GLY E 53 -23.98 -23.79 8.69
CA GLY E 53 -23.66 -24.97 9.46
C GLY E 53 -24.85 -25.81 9.84
N ARG E 54 -26.03 -25.19 9.99
CA ARG E 54 -27.23 -25.94 10.35
C ARG E 54 -27.73 -26.77 9.17
N LEU E 55 -27.60 -26.25 7.96
CA LEU E 55 -27.92 -27.07 6.78
C LEU E 55 -26.98 -28.27 6.69
N ALA E 56 -25.67 -28.02 6.82
CA ALA E 56 -24.72 -29.13 6.86
C ALA E 56 -25.09 -30.12 7.95
N ALA E 57 -25.54 -29.62 9.10
CA ALA E 57 -26.01 -30.48 10.17
C ALA E 57 -27.20 -31.32 9.71
N CYS E 58 -28.07 -30.74 8.87
CA CYS E 58 -29.18 -31.51 8.31
C CYS E 58 -28.70 -32.58 7.35
N TYR E 59 -27.53 -32.40 6.74
CA TYR E 59 -27.07 -33.33 5.71
C TYR E 59 -26.13 -34.42 6.22
N VAL E 60 -25.75 -34.42 7.50
CA VAL E 60 -24.89 -35.47 8.03
C VAL E 60 -25.63 -36.20 9.14
N ASP E 61 -25.11 -37.38 9.48
CA ASP E 61 -25.67 -38.18 10.56
C ASP E 61 -25.23 -37.67 11.94
N GLU E 62 -26.01 -38.06 12.95
CA GLU E 62 -25.75 -37.58 14.30
C GLU E 62 -24.39 -38.05 14.81
N ASN E 63 -23.95 -39.23 14.36
CA ASN E 63 -22.69 -39.83 14.78
C ASN E 63 -21.61 -39.61 13.72
N ALA E 64 -21.34 -38.35 13.42
CA ALA E 64 -20.37 -38.02 12.37
C ALA E 64 -19.21 -37.23 12.96
N SER E 65 -18.05 -37.39 12.34
CA SER E 65 -16.86 -36.72 12.83
C SER E 65 -17.01 -35.22 12.62
N TRP E 66 -16.30 -34.44 13.44
CA TRP E 66 -16.32 -33.00 13.21
C TRP E 66 -15.68 -32.67 11.87
N ASP E 67 -14.74 -33.51 11.41
CA ASP E 67 -14.15 -33.31 10.10
C ASP E 67 -15.22 -33.37 9.02
N THR E 68 -16.15 -34.32 9.15
CA THR E 68 -17.21 -34.50 8.16
C THR E 68 -18.19 -33.33 8.14
N LEU E 69 -18.68 -32.94 9.33
CA LEU E 69 -19.58 -31.80 9.41
C LEU E 69 -18.89 -30.52 8.92
N ALA E 70 -17.59 -30.38 9.22
CA ALA E 70 -16.83 -29.23 8.75
C ALA E 70 -16.73 -29.22 7.23
N PHE E 71 -16.45 -30.37 6.62
CA PHE E 71 -16.38 -30.43 5.16
C PHE E 71 -17.72 -30.14 4.52
N MET E 72 -18.81 -30.64 5.10
CA MET E 72 -20.14 -30.33 4.58
C MET E 72 -20.38 -28.83 4.61
N THR E 73 -20.02 -28.18 5.72
CA THR E 73 -20.16 -26.73 5.81
C THR E 73 -19.29 -26.02 4.79
N ILE E 74 -18.07 -26.52 4.57
CA ILE E 74 -17.17 -25.91 3.60
C ILE E 74 -17.76 -25.98 2.20
N LEU E 75 -18.30 -27.16 1.84
CA LEU E 75 -18.85 -27.35 0.50
C LEU E 75 -20.08 -26.48 0.28
N LEU E 76 -21.01 -26.47 1.24
CA LEU E 76 -22.19 -25.63 1.09
C LEU E 76 -21.83 -24.15 1.09
N ALA E 77 -20.76 -23.77 1.82
CA ALA E 77 -20.35 -22.38 1.83
C ALA E 77 -19.71 -21.97 0.52
N TRP E 78 -18.94 -22.86 -0.09
CA TRP E 78 -18.33 -22.55 -1.38
C TRP E 78 -19.40 -22.44 -2.45
N TYR E 79 -20.41 -23.33 -2.43
CA TYR E 79 -21.49 -23.26 -3.41
C TYR E 79 -22.20 -21.91 -3.36
N ALA E 80 -22.44 -21.39 -2.16
CA ALA E 80 -23.22 -20.17 -2.00
C ALA E 80 -22.48 -18.96 -2.55
N GLU E 81 -21.15 -18.91 -2.39
CA GLU E 81 -20.40 -17.75 -2.85
C GLU E 81 -20.32 -17.70 -4.38
N TYR E 82 -20.14 -18.85 -5.03
CA TYR E 82 -20.08 -18.90 -6.48
C TYR E 82 -21.41 -18.47 -7.11
N ASP E 83 -22.52 -19.00 -6.59
CA ASP E 83 -23.84 -18.69 -7.13
C ASP E 83 -24.12 -17.19 -7.09
N ASP E 84 -23.82 -16.55 -5.95
CA ASP E 84 -24.09 -15.13 -5.79
C ASP E 84 -23.14 -14.29 -6.62
N ARG E 85 -21.87 -14.67 -6.70
CA ARG E 85 -20.87 -13.85 -7.38
C ARG E 85 -21.02 -13.91 -8.90
N ALA E 86 -21.35 -15.08 -9.45
CA ALA E 86 -21.22 -15.30 -10.89
C ALA E 86 -22.52 -15.39 -11.65
N ILE E 87 -23.63 -15.73 -11.01
CA ILE E 87 -24.85 -16.10 -11.71
C ILE E 87 -25.92 -15.01 -11.63
N ASP E 88 -26.20 -14.49 -10.43
CA ASP E 88 -27.38 -13.65 -10.27
C ASP E 88 -27.09 -12.16 -10.43
N SER E 89 -25.89 -11.71 -10.08
CA SER E 89 -25.61 -10.27 -10.10
C SER E 89 -25.53 -9.74 -11.53
N THR E 90 -24.96 -10.51 -12.44
CA THR E 90 -24.58 -10.00 -13.75
C THR E 90 -25.74 -10.02 -14.73
N ASP E 94 -23.66 -4.21 -10.54
CA ASP E 94 -22.45 -4.95 -10.89
C ASP E 94 -22.72 -6.03 -11.93
N GLY E 95 -21.63 -6.67 -12.37
CA GLY E 95 -21.73 -7.72 -13.37
C GLY E 95 -20.39 -8.25 -13.86
N LEU E 96 -20.40 -9.47 -14.38
CA LEU E 96 -19.26 -10.08 -15.03
C LEU E 96 -19.62 -10.35 -16.49
N THR E 97 -18.59 -10.46 -17.31
CA THR E 97 -18.80 -10.74 -18.72
C THR E 97 -18.91 -12.24 -18.94
N ASP E 98 -19.41 -12.60 -20.13
CA ASP E 98 -19.54 -14.01 -20.48
C ASP E 98 -18.18 -14.67 -20.63
N ALA E 99 -17.20 -13.92 -21.17
CA ALA E 99 -15.86 -14.47 -21.31
C ALA E 99 -15.23 -14.76 -19.95
N GLU E 100 -15.43 -13.87 -18.98
CA GLU E 100 -14.93 -14.12 -17.63
C GLU E 100 -15.55 -15.38 -17.03
N VAL E 101 -16.86 -15.56 -17.22
CA VAL E 101 -17.54 -16.74 -16.70
C VAL E 101 -17.04 -18.00 -17.40
N ALA E 102 -16.78 -17.91 -18.70
CA ALA E 102 -16.26 -19.07 -19.42
C ALA E 102 -14.87 -19.44 -18.91
N GLU E 103 -14.02 -18.45 -18.66
CA GLU E 103 -12.71 -18.75 -18.10
C GLU E 103 -12.84 -19.36 -16.70
N LEU E 104 -13.82 -18.90 -15.92
CA LEU E 104 -14.06 -19.52 -14.62
C LEU E 104 -14.46 -20.97 -14.76
N HIS E 105 -15.34 -21.28 -15.71
CA HIS E 105 -15.75 -22.67 -15.93
C HIS E 105 -14.56 -23.52 -16.32
N ARG E 106 -13.75 -23.05 -17.27
CA ARG E 106 -12.57 -23.81 -17.70
C ARG E 106 -11.61 -24.06 -16.54
N ALA E 107 -11.28 -23.00 -15.80
CA ALA E 107 -10.31 -23.13 -14.72
C ALA E 107 -10.81 -24.05 -13.62
N LEU E 108 -12.08 -23.91 -13.23
CA LEU E 108 -12.61 -24.79 -12.20
C LEU E 108 -12.70 -26.23 -12.69
N GLY E 109 -12.97 -26.44 -13.97
CA GLY E 109 -12.96 -27.78 -14.53
C GLY E 109 -11.58 -28.42 -14.57
N GLU E 110 -10.54 -27.61 -14.80
CA GLU E 110 -9.18 -28.15 -14.73
C GLU E 110 -8.82 -28.53 -13.31
N ILE E 111 -9.29 -27.75 -12.33
CA ILE E 111 -9.08 -28.09 -10.93
C ILE E 111 -9.72 -29.44 -10.63
N LEU E 112 -10.88 -29.71 -11.23
CA LEU E 112 -11.55 -30.99 -11.03
C LEU E 112 -10.76 -32.17 -11.58
N ARG E 113 -9.84 -31.95 -12.51
CA ARG E 113 -8.95 -33.05 -12.93
C ARG E 113 -7.62 -33.00 -12.19
N ASP E 114 -7.68 -32.83 -10.87
CA ASP E 114 -6.54 -32.92 -9.97
C ASP E 114 -5.34 -32.04 -10.34
N ARG E 115 -5.49 -31.16 -11.32
CA ARG E 115 -4.43 -30.24 -11.67
C ARG E 115 -4.53 -28.98 -10.81
N PRO E 116 -3.43 -28.27 -10.62
CA PRO E 116 -3.45 -27.07 -9.77
C PRO E 116 -4.28 -25.95 -10.37
N ALA E 117 -4.69 -25.03 -9.50
CA ALA E 117 -5.53 -23.92 -9.92
C ALA E 117 -4.78 -23.01 -10.89
N PRO E 118 -5.34 -22.70 -12.06
CA PRO E 118 -4.62 -21.85 -13.02
C PRO E 118 -4.37 -20.44 -12.52
N ASP E 119 -5.26 -19.89 -11.69
CA ASP E 119 -5.08 -18.55 -11.14
C ASP E 119 -5.29 -18.63 -9.63
N PRO E 120 -4.24 -18.93 -8.86
CA PRO E 120 -4.39 -19.03 -7.40
C PRO E 120 -4.79 -17.72 -6.72
N SER E 121 -4.82 -16.59 -7.41
CA SER E 121 -5.30 -15.37 -6.79
C SER E 121 -6.82 -15.31 -6.73
N ASP E 122 -7.51 -16.08 -7.56
CA ASP E 122 -8.97 -16.09 -7.56
C ASP E 122 -9.48 -16.76 -6.29
N PRO E 123 -10.34 -16.09 -5.51
CA PRO E 123 -10.84 -16.73 -4.28
C PRO E 123 -11.67 -17.97 -4.56
N VAL E 124 -12.45 -17.96 -5.64
CA VAL E 124 -13.26 -19.13 -5.99
C VAL E 124 -12.36 -20.32 -6.29
N GLN E 125 -11.24 -20.09 -6.98
CA GLN E 125 -10.34 -21.20 -7.32
C GLN E 125 -9.70 -21.78 -6.06
N ARG E 126 -9.22 -20.91 -5.17
CA ARG E 126 -8.65 -21.37 -3.90
C ARG E 126 -9.66 -22.22 -3.13
N GLY E 127 -10.88 -21.71 -2.99
CA GLY E 127 -11.90 -22.43 -2.26
C GLY E 127 -12.22 -23.78 -2.88
N LEU E 128 -12.36 -23.81 -4.21
CA LEU E 128 -12.72 -25.07 -4.86
C LEU E 128 -11.59 -26.08 -4.78
N ALA E 129 -10.33 -25.62 -4.90
CA ALA E 129 -9.20 -26.53 -4.71
C ALA E 129 -9.16 -27.08 -3.29
N ASP E 130 -9.43 -26.23 -2.30
CA ASP E 130 -9.48 -26.69 -0.92
C ASP E 130 -10.58 -27.73 -0.72
N VAL E 131 -11.78 -27.44 -1.24
CA VAL E 131 -12.88 -28.39 -1.12
C VAL E 131 -12.52 -29.72 -1.78
N TRP E 132 -11.94 -29.67 -2.98
CA TRP E 132 -11.62 -30.91 -3.69
C TRP E 132 -10.58 -31.72 -2.93
N ARG E 133 -9.51 -31.06 -2.45
CA ARG E 133 -8.48 -31.79 -1.73
C ARG E 133 -9.02 -32.37 -0.42
N THR E 134 -9.80 -31.58 0.34
CA THR E 134 -10.38 -32.09 1.58
C THR E 134 -11.31 -33.26 1.31
N LEU E 135 -12.13 -33.17 0.26
CA LEU E 135 -13.04 -34.24 -0.07
C LEU E 135 -12.29 -35.51 -0.46
N ASN E 136 -11.24 -35.38 -1.27
CA ASN E 136 -10.46 -36.54 -1.67
C ASN E 136 -9.74 -37.14 -0.47
N GLY E 137 -9.43 -36.32 0.54
CA GLY E 137 -8.88 -36.86 1.76
C GLY E 137 -9.87 -37.73 2.53
N LEU E 138 -11.14 -37.36 2.52
CA LEU E 138 -12.14 -38.09 3.31
C LEU E 138 -12.81 -39.24 2.55
N ALA E 139 -12.47 -39.48 1.30
CA ALA E 139 -13.15 -40.50 0.51
C ALA E 139 -12.17 -41.56 0.02
N SER E 140 -12.65 -42.41 -0.89
CA SER E 140 -11.82 -43.51 -1.37
C SER E 140 -12.22 -43.93 -2.79
N ASP E 141 -13.17 -44.86 -2.90
CA ASP E 141 -13.63 -45.40 -4.17
C ASP E 141 -15.07 -44.94 -4.42
N TRP E 142 -15.20 -43.77 -5.05
CA TRP E 142 -16.49 -43.20 -5.40
C TRP E 142 -16.45 -42.81 -6.87
N ASP E 143 -17.62 -42.51 -7.42
CA ASP E 143 -17.73 -42.03 -8.80
C ASP E 143 -17.33 -40.56 -8.88
N ARG E 144 -16.02 -40.34 -9.07
CA ARG E 144 -15.52 -38.98 -9.22
C ARG E 144 -15.91 -38.41 -10.58
N ALA E 145 -15.83 -39.24 -11.62
CA ALA E 145 -16.15 -38.79 -12.96
C ALA E 145 -17.62 -38.39 -13.06
N ALA E 146 -18.49 -39.14 -12.38
CA ALA E 146 -19.90 -38.78 -12.36
C ALA E 146 -20.11 -37.42 -11.72
N PHE E 147 -19.37 -37.14 -10.63
CA PHE E 147 -19.46 -35.83 -10.01
C PHE E 147 -18.96 -34.73 -10.94
N VAL E 148 -17.88 -35.00 -11.67
CA VAL E 148 -17.34 -34.01 -12.60
C VAL E 148 -18.34 -33.73 -13.72
N ASP E 149 -19.02 -34.77 -14.22
CA ASP E 149 -20.02 -34.58 -15.27
C ASP E 149 -21.23 -33.80 -14.75
N THR E 150 -21.70 -34.12 -13.54
CA THR E 150 -22.76 -33.32 -12.96
C THR E 150 -22.33 -31.87 -12.85
N THR E 151 -21.05 -31.63 -12.55
CA THR E 151 -20.54 -30.26 -12.47
C THR E 151 -20.56 -29.58 -13.84
N LEU E 152 -20.20 -30.32 -14.89
CA LEU E 152 -20.25 -29.76 -16.24
C LEU E 152 -21.67 -29.34 -16.61
N ARG E 153 -22.65 -30.22 -16.35
CA ARG E 153 -24.03 -29.86 -16.65
C ARG E 153 -24.49 -28.69 -15.78
N TYR E 154 -23.99 -28.63 -14.54
CA TYR E 154 -24.30 -27.51 -13.66
C TYR E 154 -23.83 -26.19 -14.26
N PHE E 155 -22.61 -26.18 -14.80
N PHE E 155 -22.61 -26.18 -14.80
CA PHE E 155 -22.08 -24.96 -15.42
CA PHE E 155 -22.08 -24.96 -15.42
C PHE E 155 -22.84 -24.60 -16.69
C PHE E 155 -22.84 -24.59 -16.69
N GLU E 156 -23.21 -25.60 -17.48
CA GLU E 156 -23.99 -25.31 -18.69
C GLU E 156 -25.34 -24.69 -18.34
N ALA E 157 -25.99 -25.22 -17.32
CA ALA E 157 -27.25 -24.64 -16.85
C ALA E 157 -27.04 -23.23 -16.31
N ASN E 158 -25.90 -22.98 -15.66
CA ASN E 158 -25.59 -21.63 -15.18
C ASN E 158 -25.50 -20.65 -16.35
N ARG E 159 -24.82 -21.06 -17.42
CA ARG E 159 -24.74 -20.20 -18.61
C ARG E 159 -26.13 -19.94 -19.19
N TYR E 160 -26.98 -20.98 -19.23
CA TYR E 160 -28.36 -20.80 -19.65
C TYR E 160 -29.10 -19.79 -18.78
N GLU E 161 -28.93 -19.90 -17.46
CA GLU E 161 -29.57 -18.96 -16.53
C GLU E 161 -29.09 -17.53 -16.77
N ARG E 162 -27.79 -17.36 -17.02
CA ARG E 162 -27.29 -16.00 -17.23
C ARG E 162 -27.85 -15.41 -18.51
N VAL E 163 -28.01 -16.23 -19.54
CA VAL E 163 -28.67 -15.76 -20.75
C VAL E 163 -30.09 -15.28 -20.43
N ASN E 164 -30.83 -16.10 -19.66
CA ASN E 164 -32.19 -15.74 -19.29
C ASN E 164 -32.26 -14.44 -18.51
N ILE E 165 -31.29 -14.21 -17.62
CA ILE E 165 -31.30 -12.97 -16.85
C ILE E 165 -30.97 -11.79 -17.74
N ARG E 166 -29.98 -11.95 -18.63
CA ARG E 166 -29.60 -10.86 -19.51
C ARG E 166 -30.74 -10.45 -20.43
N ARG E 167 -31.58 -11.41 -20.85
CA ARG E 167 -32.78 -11.04 -21.59
C ARG E 167 -33.79 -10.33 -20.70
N GLY E 168 -33.74 -10.56 -19.38
CA GLY E 168 -34.66 -9.94 -18.46
C GLY E 168 -36.05 -10.53 -18.44
N ILE E 169 -36.19 -11.82 -18.74
CA ILE E 169 -37.51 -12.44 -18.85
C ILE E 169 -37.42 -13.88 -18.36
N PRO E 170 -38.41 -14.37 -17.62
CA PRO E 170 -38.37 -15.76 -17.12
C PRO E 170 -38.75 -16.76 -18.19
N PRO E 171 -38.20 -17.97 -18.14
CA PRO E 171 -38.54 -18.98 -19.15
C PRO E 171 -39.92 -19.60 -18.98
N THR E 172 -40.27 -20.49 -19.90
CA THR E 172 -41.48 -21.29 -19.78
C THR E 172 -41.39 -22.18 -18.54
N PRO E 173 -42.52 -22.47 -17.88
CA PRO E 173 -42.48 -23.41 -16.75
C PRO E 173 -41.81 -24.72 -17.07
N SER E 174 -42.16 -25.35 -18.20
CA SER E 174 -41.57 -26.65 -18.53
C SER E 174 -40.07 -26.54 -18.74
N ALA E 175 -39.65 -25.52 -19.50
CA ALA E 175 -38.22 -25.33 -19.75
C ALA E 175 -37.48 -25.03 -18.47
N HIS E 176 -38.13 -24.34 -17.52
CA HIS E 176 -37.47 -24.08 -16.24
C HIS E 176 -37.33 -25.36 -15.42
N ILE E 177 -38.41 -26.15 -15.32
CA ILE E 177 -38.34 -27.40 -14.55
C ILE E 177 -37.29 -28.33 -15.12
N GLY E 178 -37.14 -28.37 -16.44
CA GLY E 178 -36.12 -29.24 -17.02
C GLY E 178 -34.72 -28.82 -16.62
N MET E 179 -34.38 -27.55 -16.86
CA MET E 179 -33.02 -27.07 -16.63
C MET E 179 -32.73 -26.78 -15.16
N ARG E 180 -33.75 -26.59 -14.33
CA ARG E 180 -33.53 -26.23 -12.92
C ARG E 180 -32.82 -27.33 -12.16
N ARG E 181 -33.10 -28.59 -12.48
CA ARG E 181 -32.42 -29.69 -11.83
C ARG E 181 -30.92 -29.64 -12.09
N HIS E 182 -30.52 -29.18 -13.27
CA HIS E 182 -29.10 -28.99 -13.55
C HIS E 182 -28.55 -27.75 -12.84
N GLY E 183 -29.36 -26.71 -12.73
CA GLY E 183 -28.93 -25.45 -12.12
C GLY E 183 -28.73 -25.48 -10.62
N GLY E 184 -29.23 -26.52 -9.94
CA GLY E 184 -29.04 -26.61 -8.51
C GLY E 184 -28.00 -27.63 -8.10
N HIS E 185 -27.48 -28.38 -9.07
CA HIS E 185 -26.49 -29.43 -8.82
C HIS E 185 -26.96 -30.39 -7.72
N VAL E 186 -28.20 -30.84 -7.85
CA VAL E 186 -28.79 -31.70 -6.82
C VAL E 186 -28.27 -33.12 -6.94
N TYR E 187 -28.11 -33.62 -8.17
CA TYR E 187 -27.55 -34.96 -8.35
C TYR E 187 -26.11 -35.02 -7.84
N GLY E 188 -25.36 -33.94 -8.02
CA GLY E 188 -24.04 -33.87 -7.40
C GLY E 188 -24.12 -33.94 -5.89
N MET E 189 -25.15 -33.34 -5.30
CA MET E 189 -25.32 -33.44 -3.86
C MET E 189 -25.64 -34.88 -3.45
N TYR E 190 -26.43 -35.58 -4.25
CA TYR E 190 -26.70 -36.99 -3.98
C TYR E 190 -25.41 -37.80 -3.98
N ILE E 191 -24.58 -37.60 -5.01
CA ILE E 191 -23.32 -38.33 -5.11
C ILE E 191 -22.40 -38.01 -3.93
N LEU E 192 -22.28 -36.72 -3.57
CA LEU E 192 -21.40 -36.35 -2.48
C LEU E 192 -21.91 -36.90 -1.14
N GLY E 193 -23.23 -36.90 -0.94
CA GLY E 193 -23.77 -37.48 0.28
C GLY E 193 -23.49 -38.96 0.38
N ALA E 194 -23.65 -39.69 -0.73
CA ALA E 194 -23.28 -41.10 -0.73
C ALA E 194 -21.79 -41.28 -0.42
N ALA E 195 -20.95 -40.38 -0.94
CA ALA E 195 -19.51 -40.53 -0.76
C ALA E 195 -19.10 -40.30 0.69
N VAL E 196 -19.55 -39.19 1.28
CA VAL E 196 -19.05 -38.77 2.58
C VAL E 196 -19.63 -39.60 3.73
N ASN E 197 -20.85 -40.10 3.60
CA ASN E 197 -21.51 -40.82 4.68
C ASN E 197 -21.19 -42.32 4.70
N GLY E 198 -20.33 -42.79 3.82
CA GLY E 198 -19.85 -44.16 3.88
C GLY E 198 -20.82 -45.23 3.43
N TYR E 199 -21.62 -44.97 2.39
CA TYR E 199 -22.48 -45.98 1.81
C TYR E 199 -22.43 -45.80 0.30
N ARG E 200 -22.43 -46.91 -0.43
CA ARG E 200 -22.40 -46.71 -1.87
C ARG E 200 -23.40 -47.62 -2.57
N PRO E 201 -24.48 -47.06 -3.13
CA PRO E 201 -25.47 -47.90 -3.81
C PRO E 201 -24.91 -48.46 -5.11
N GLU E 202 -25.38 -49.67 -5.43
CA GLU E 202 -24.93 -50.36 -6.63
C GLU E 202 -25.29 -49.57 -7.88
N ARG E 203 -24.43 -49.64 -8.89
CA ARG E 203 -24.78 -49.02 -10.16
C ARG E 203 -25.90 -49.78 -10.84
N ARG E 204 -26.02 -51.09 -10.56
CA ARG E 204 -27.14 -51.87 -11.09
C ARG E 204 -28.48 -51.36 -10.59
N VAL E 205 -28.51 -50.78 -9.40
CA VAL E 205 -29.75 -50.28 -8.82
C VAL E 205 -30.01 -48.84 -9.24
N LEU E 206 -28.96 -48.00 -9.27
CA LEU E 206 -29.14 -46.59 -9.61
C LEU E 206 -29.53 -46.41 -11.08
N ASP E 207 -29.05 -47.26 -11.97
CA ASP E 207 -29.44 -47.14 -13.38
C ASP E 207 -30.84 -47.66 -13.67
N HIS E 208 -31.55 -48.19 -12.66
CA HIS E 208 -32.91 -48.65 -12.85
C HIS E 208 -33.83 -47.46 -13.08
N ALA E 209 -34.82 -47.65 -13.97
CA ALA E 209 -35.70 -46.54 -14.35
C ALA E 209 -36.47 -45.99 -13.15
N ALA E 210 -36.93 -46.88 -12.25
CA ALA E 210 -37.71 -46.44 -11.11
C ALA E 210 -36.88 -45.56 -10.17
N VAL E 211 -35.64 -45.94 -9.92
CA VAL E 211 -34.77 -45.13 -9.07
C VAL E 211 -34.49 -43.78 -9.72
N ARG E 212 -34.29 -43.79 -11.04
CA ARG E 212 -34.02 -42.55 -11.78
C ARG E 212 -35.19 -41.58 -11.65
N GLU E 213 -36.41 -42.05 -11.89
CA GLU E 213 -37.57 -41.17 -11.81
C GLU E 213 -37.89 -40.78 -10.38
N LEU E 214 -37.58 -41.64 -9.40
CA LEU E 214 -37.75 -41.25 -8.01
C LEU E 214 -36.80 -40.11 -7.65
N GLU E 215 -35.55 -40.21 -8.10
CA GLU E 215 -34.61 -39.10 -7.92
C GLU E 215 -35.15 -37.83 -8.54
N THR E 216 -35.72 -37.92 -9.75
CA THR E 216 -36.22 -36.72 -10.42
C THR E 216 -37.36 -36.10 -9.63
N LEU E 217 -38.26 -36.93 -9.10
CA LEU E 217 -39.35 -36.41 -8.27
C LEU E 217 -38.80 -35.69 -7.04
N ALA E 218 -37.82 -36.30 -6.36
CA ALA E 218 -37.29 -35.71 -5.13
C ALA E 218 -36.58 -34.38 -5.42
N ALA E 219 -35.81 -34.34 -6.51
CA ALA E 219 -35.15 -33.10 -6.89
C ALA E 219 -36.16 -32.02 -7.25
N ASN E 220 -37.25 -32.41 -7.93
CA ASN E 220 -38.31 -31.46 -8.24
C ASN E 220 -38.88 -30.85 -6.96
N TYR E 221 -39.20 -31.70 -5.98
CA TYR E 221 -39.76 -31.20 -4.73
C TYR E 221 -38.80 -30.23 -4.04
N THR E 222 -37.53 -30.63 -3.92
CA THR E 222 -36.53 -29.79 -3.27
C THR E 222 -36.41 -28.42 -3.97
N SER E 223 -36.26 -28.43 -5.29
CA SER E 223 -35.99 -27.20 -6.01
C SER E 223 -37.21 -26.29 -6.04
N TRP E 224 -38.40 -26.86 -6.19
CA TRP E 224 -39.59 -26.01 -6.18
C TRP E 224 -39.81 -25.40 -4.80
N ALA E 225 -39.50 -26.14 -3.73
CA ALA E 225 -39.57 -25.55 -2.41
C ALA E 225 -38.59 -24.40 -2.28
N ASN E 226 -37.35 -24.60 -2.75
CA ASN E 226 -36.35 -23.54 -2.67
C ASN E 226 -36.81 -22.30 -3.42
N ASP E 227 -37.36 -22.49 -4.64
CA ASP E 227 -37.83 -21.34 -5.42
C ASP E 227 -38.96 -20.64 -4.70
N LEU E 228 -39.93 -21.41 -4.21
CA LEU E 228 -41.08 -20.83 -3.51
C LEU E 228 -40.62 -19.97 -2.35
N HIS E 229 -39.59 -20.41 -1.63
CA HIS E 229 -39.17 -19.64 -0.48
C HIS E 229 -38.29 -18.46 -0.87
N SER E 230 -37.44 -18.62 -1.87
CA SER E 230 -36.46 -17.59 -2.23
C SER E 230 -36.97 -16.61 -3.27
N PHE E 231 -38.27 -16.67 -3.59
CA PHE E 231 -38.83 -15.79 -4.61
C PHE E 231 -38.55 -14.31 -4.34
N ALA E 232 -38.72 -13.86 -3.09
CA ALA E 232 -38.57 -12.43 -2.80
C ALA E 232 -37.16 -11.94 -3.07
N ARG E 233 -36.16 -12.66 -2.54
CA ARG E 233 -34.77 -12.29 -2.75
C ARG E 233 -34.39 -12.38 -4.23
N GLU E 234 -34.89 -13.40 -4.93
CA GLU E 234 -34.56 -13.52 -6.35
C GLU E 234 -35.24 -12.45 -7.19
N HIS E 235 -36.42 -12.00 -6.75
CA HIS E 235 -37.15 -10.96 -7.46
C HIS E 235 -36.51 -9.60 -7.30
N ARG E 236 -35.97 -9.30 -6.11
CA ARG E 236 -35.28 -8.02 -5.92
C ARG E 236 -34.03 -7.94 -6.80
N MET E 237 -33.32 -9.05 -6.97
CA MET E 237 -32.06 -9.07 -7.70
C MET E 237 -32.21 -9.24 -9.21
N GLY E 238 -33.37 -9.67 -9.68
CA GLY E 238 -33.56 -9.89 -11.09
C GLY E 238 -33.32 -11.32 -11.55
N GLN E 239 -33.16 -12.25 -10.61
CA GLN E 239 -33.03 -13.66 -10.95
C GLN E 239 -34.39 -14.18 -11.41
N VAL E 240 -34.53 -14.33 -12.73
CA VAL E 240 -35.83 -14.72 -13.30
C VAL E 240 -36.03 -16.22 -13.29
N ASN E 241 -35.04 -17.02 -12.90
CA ASN E 241 -35.17 -18.48 -12.91
C ASN E 241 -35.81 -18.94 -11.61
N ASN E 242 -37.09 -18.58 -11.48
CA ASN E 242 -37.90 -18.92 -10.32
C ASN E 242 -39.25 -19.37 -10.82
N LEU E 243 -39.74 -20.50 -10.30
CA LEU E 243 -40.99 -21.05 -10.81
C LEU E 243 -42.16 -20.09 -10.62
N VAL E 244 -42.15 -19.31 -9.53
CA VAL E 244 -43.20 -18.31 -9.32
C VAL E 244 -43.14 -17.25 -10.41
N TRP E 245 -41.92 -16.78 -10.74
CA TRP E 245 -41.75 -15.83 -11.85
C TRP E 245 -42.37 -16.37 -13.13
N SER E 246 -42.03 -17.62 -13.47
CA SER E 246 -42.45 -18.20 -14.73
C SER E 246 -43.96 -18.44 -14.75
N VAL E 247 -44.53 -18.90 -13.64
CA VAL E 247 -45.97 -19.10 -13.57
C VAL E 247 -46.71 -17.77 -13.70
N HIS E 248 -46.21 -16.71 -13.04
CA HIS E 248 -46.85 -15.41 -13.19
C HIS E 248 -46.77 -14.92 -14.62
N HIS E 249 -45.64 -15.15 -15.28
CA HIS E 249 -45.43 -14.57 -16.61
C HIS E 249 -46.25 -15.29 -17.67
N HIS E 250 -46.14 -16.63 -17.73
CA HIS E 250 -46.65 -17.40 -18.85
C HIS E 250 -48.03 -18.00 -18.63
N GLU E 251 -48.44 -18.22 -17.38
CA GLU E 251 -49.74 -18.83 -17.10
C GLU E 251 -50.81 -17.80 -16.72
N GLY E 252 -50.49 -16.51 -16.72
CA GLY E 252 -51.48 -15.48 -16.49
C GLY E 252 -52.07 -15.47 -15.10
N LEU E 253 -51.20 -15.47 -14.09
CA LEU E 253 -51.62 -15.49 -12.69
C LEU E 253 -50.97 -14.35 -11.92
N THR E 254 -51.64 -13.96 -10.83
CA THR E 254 -51.02 -13.07 -9.86
C THR E 254 -49.83 -13.77 -9.20
N PHE E 255 -48.94 -12.97 -8.62
CA PHE E 255 -47.81 -13.54 -7.90
C PHE E 255 -48.28 -14.41 -6.74
N GLN E 256 -49.33 -13.99 -6.05
CA GLN E 256 -49.90 -14.81 -4.98
C GLN E 256 -50.48 -16.10 -5.53
N GLN E 257 -51.27 -15.99 -6.60
CA GLN E 257 -51.85 -17.16 -7.24
C GLN E 257 -50.74 -18.08 -7.76
N ALA E 258 -49.67 -17.50 -8.30
CA ALA E 258 -48.55 -18.29 -8.78
C ALA E 258 -47.91 -19.07 -7.64
N ALA E 259 -47.67 -18.42 -6.50
CA ALA E 259 -47.07 -19.10 -5.35
C ALA E 259 -47.98 -20.21 -4.83
N ASP E 260 -49.29 -19.95 -4.78
CA ASP E 260 -50.23 -20.98 -4.34
C ASP E 260 -50.15 -22.20 -5.26
N ARG E 261 -50.12 -21.96 -6.57
CA ARG E 261 -50.02 -23.06 -7.53
C ARG E 261 -48.73 -23.83 -7.35
N VAL E 262 -47.62 -23.12 -7.09
CA VAL E 262 -46.33 -23.78 -6.94
C VAL E 262 -46.33 -24.68 -5.70
N ALA E 263 -46.91 -24.19 -4.60
CA ALA E 263 -47.01 -25.04 -3.41
C ALA E 263 -47.89 -26.26 -3.66
N ASP E 264 -48.98 -26.07 -4.42
CA ASP E 264 -49.84 -27.20 -4.76
C ASP E 264 -49.07 -28.25 -5.55
N LEU E 265 -48.27 -27.81 -6.52
CA LEU E 265 -47.47 -28.75 -7.29
C LEU E 265 -46.47 -29.48 -6.39
N CYS E 266 -45.91 -28.77 -5.40
CA CYS E 266 -45.03 -29.42 -4.43
C CYS E 266 -45.74 -30.57 -3.72
N ASP E 267 -46.95 -30.30 -3.23
CA ASP E 267 -47.73 -31.32 -2.52
C ASP E 267 -47.98 -32.53 -3.42
N LYS E 268 -48.41 -32.28 -4.67
CA LYS E 268 -48.74 -33.40 -5.54
C LYS E 268 -47.50 -34.20 -5.91
N GLU E 269 -46.36 -33.54 -6.06
CA GLU E 269 -45.12 -34.27 -6.35
C GLU E 269 -44.68 -35.10 -5.15
N LEU E 270 -44.89 -34.60 -3.94
CA LEU E 270 -44.55 -35.41 -2.77
C LEU E 270 -45.43 -36.67 -2.72
N ALA E 271 -46.71 -36.53 -3.07
CA ALA E 271 -47.58 -37.71 -3.11
C ALA E 271 -47.08 -38.71 -4.15
N ALA E 272 -46.66 -38.21 -5.32
CA ALA E 272 -46.11 -39.11 -6.34
C ALA E 272 -44.85 -39.80 -5.85
N TYR E 273 -43.99 -39.07 -5.13
CA TYR E 273 -42.79 -39.68 -4.59
C TYR E 273 -43.14 -40.84 -3.67
N LEU E 274 -44.10 -40.63 -2.77
CA LEU E 274 -44.48 -41.72 -1.86
C LEU E 274 -45.04 -42.91 -2.63
N GLU E 275 -45.84 -42.67 -3.68
CA GLU E 275 -46.38 -43.79 -4.45
C GLU E 275 -45.27 -44.62 -5.10
N LEU E 276 -44.32 -43.95 -5.75
CA LEU E 276 -43.22 -44.68 -6.37
C LEU E 276 -42.37 -45.41 -5.33
N ARG E 277 -42.15 -44.79 -4.18
CA ARG E 277 -41.34 -45.44 -3.15
C ARG E 277 -42.01 -46.71 -2.64
N GLN E 278 -43.35 -46.68 -2.51
CA GLN E 278 -44.05 -47.90 -2.13
C GLN E 278 -44.01 -48.94 -3.23
N THR E 279 -44.03 -48.53 -4.50
CA THR E 279 -43.97 -49.52 -5.56
C THR E 279 -42.57 -50.13 -5.71
N LEU E 280 -41.54 -49.44 -5.23
CA LEU E 280 -40.17 -49.93 -5.40
C LEU E 280 -39.94 -51.36 -4.92
N PRO E 281 -40.45 -51.81 -3.76
CA PRO E 281 -40.19 -53.21 -3.39
C PRO E 281 -40.74 -54.22 -4.38
N GLU E 282 -41.94 -53.98 -4.91
CA GLU E 282 -42.57 -54.95 -5.79
C GLU E 282 -41.79 -55.15 -7.08
N LEU E 283 -41.10 -54.12 -7.56
CA LEU E 283 -40.33 -54.21 -8.80
C LEU E 283 -39.06 -55.02 -8.63
N GLY E 284 -38.67 -55.38 -7.41
CA GLY E 284 -37.44 -56.08 -7.15
C GLY E 284 -36.34 -55.24 -6.54
N ILE E 285 -36.65 -54.01 -6.12
CA ILE E 285 -35.65 -53.14 -5.51
C ILE E 285 -36.00 -52.99 -4.03
N PRO E 286 -35.31 -53.70 -3.14
CA PRO E 286 -35.58 -53.54 -1.70
C PRO E 286 -34.82 -52.36 -1.11
N LEU E 287 -35.46 -51.69 -0.16
CA LEU E 287 -34.85 -50.57 0.55
C LEU E 287 -34.20 -51.07 1.84
N THR E 288 -33.14 -51.85 1.67
CA THR E 288 -32.51 -52.55 2.78
C THR E 288 -31.13 -51.98 3.07
N GLY E 289 -30.16 -52.21 2.19
CA GLY E 289 -28.78 -51.82 2.49
C GLY E 289 -28.45 -50.40 2.13
N ALA E 290 -27.55 -50.23 1.14
CA ALA E 290 -27.16 -48.90 0.69
C ALA E 290 -28.27 -48.20 -0.07
N THR E 291 -29.14 -48.94 -0.76
CA THR E 291 -30.25 -48.30 -1.46
C THR E 291 -31.21 -47.64 -0.47
N GLY E 292 -31.45 -48.29 0.68
CA GLY E 292 -32.28 -47.68 1.69
C GLY E 292 -31.67 -46.39 2.23
N ARG E 293 -30.37 -46.41 2.47
CA ARG E 293 -29.66 -45.22 2.94
C ARG E 293 -29.71 -44.12 1.88
N HIS E 294 -29.65 -44.50 0.61
CA HIS E 294 -29.73 -43.55 -0.49
C HIS E 294 -31.11 -42.88 -0.53
N VAL E 295 -32.17 -43.69 -0.41
CA VAL E 295 -33.53 -43.14 -0.40
C VAL E 295 -33.73 -42.24 0.81
N ARG E 296 -33.17 -42.62 1.96
CA ARG E 296 -33.27 -41.79 3.15
C ARG E 296 -32.53 -40.46 2.94
N PHE E 297 -31.41 -40.48 2.22
CA PHE E 297 -30.74 -39.23 1.91
C PHE E 297 -31.57 -38.36 0.98
N LEU E 298 -32.22 -38.98 -0.02
CA LEU E 298 -33.16 -38.24 -0.87
C LEU E 298 -34.25 -37.58 -0.04
N GLU E 299 -34.79 -38.32 0.95
CA GLU E 299 -35.83 -37.79 1.82
C GLU E 299 -35.32 -36.65 2.72
N ASP E 300 -34.05 -36.72 3.12
CA ASP E 300 -33.53 -35.69 4.02
C ASP E 300 -33.52 -34.33 3.33
N MET E 301 -33.09 -34.28 2.07
CA MET E 301 -32.92 -33.01 1.39
C MET E 301 -34.25 -32.30 1.14
N MET E 302 -35.35 -33.04 0.96
CA MET E 302 -36.64 -32.39 0.83
C MET E 302 -37.05 -31.73 2.15
N TRP E 303 -36.91 -32.45 3.26
CA TRP E 303 -37.30 -31.91 4.56
C TRP E 303 -36.38 -30.77 4.98
N SER E 304 -35.09 -30.89 4.69
CA SER E 304 -34.13 -29.86 5.06
C SER E 304 -34.52 -28.53 4.45
N MET E 305 -34.98 -28.55 3.20
CA MET E 305 -35.34 -27.30 2.54
C MET E 305 -36.50 -26.61 3.24
N VAL E 306 -37.54 -27.38 3.59
CA VAL E 306 -38.71 -26.80 4.25
C VAL E 306 -38.32 -26.22 5.62
N ASP E 307 -37.64 -27.01 6.45
CA ASP E 307 -37.39 -26.56 7.82
C ASP E 307 -36.31 -25.47 7.88
N TRP E 308 -35.28 -25.59 7.05
CA TRP E 308 -34.18 -24.63 7.07
C TRP E 308 -34.57 -23.31 6.41
N SER E 309 -35.13 -23.34 5.20
CA SER E 309 -35.63 -22.11 4.62
C SER E 309 -36.84 -21.56 5.38
N ALA E 310 -37.40 -22.32 6.32
CA ALA E 310 -38.29 -21.72 7.31
C ALA E 310 -37.50 -20.95 8.35
N ARG E 311 -36.38 -21.51 8.81
CA ARG E 311 -35.55 -20.87 9.83
C ARG E 311 -34.44 -20.02 9.20
N MET F 2 -32.46 28.40 -26.23
CA MET F 2 -31.55 29.51 -25.99
C MET F 2 -30.59 29.69 -27.17
N THR F 3 -30.41 30.93 -27.62
CA THR F 3 -29.46 31.22 -28.68
C THR F 3 -28.62 32.44 -28.27
N ILE F 4 -27.67 32.80 -29.14
CA ILE F 4 -26.73 33.90 -28.93
C ILE F 4 -26.47 34.53 -30.30
N SER F 5 -26.07 35.79 -30.29
CA SER F 5 -25.72 36.53 -31.50
C SER F 5 -24.22 36.77 -31.51
N VAL F 6 -23.53 36.20 -32.49
CA VAL F 6 -22.08 36.32 -32.59
C VAL F 6 -21.75 37.70 -33.16
N PRO F 7 -20.99 38.53 -32.45
CA PRO F 7 -20.71 39.89 -32.91
C PRO F 7 -19.87 39.96 -34.18
N GLN F 8 -19.66 41.19 -34.66
CA GLN F 8 -18.98 41.41 -35.93
C GLN F 8 -17.48 41.16 -35.82
N LEU F 9 -16.80 41.95 -34.99
CA LEU F 9 -15.34 41.88 -34.85
C LEU F 9 -14.64 42.20 -36.17
N ASP F 10 -14.58 43.49 -36.50
CA ASP F 10 -13.91 43.99 -37.70
C ASP F 10 -12.44 44.31 -37.41
N CYS F 11 -11.52 43.63 -38.08
CA CYS F 11 -10.09 43.90 -37.96
C CYS F 11 -9.52 44.41 -39.27
N PRO F 12 -8.98 45.63 -39.33
CA PRO F 12 -8.48 46.25 -40.58
C PRO F 12 -7.11 45.71 -41.02
N LEU F 13 -7.06 44.42 -41.35
CA LEU F 13 -5.84 43.76 -41.82
C LEU F 13 -6.23 42.79 -42.92
N SER F 14 -5.85 43.05 -44.16
CA SER F 14 -6.27 42.24 -45.28
C SER F 14 -5.09 41.54 -45.94
N ARG F 15 -5.39 40.41 -46.60
CA ARG F 15 -4.38 39.52 -47.19
C ARG F 15 -5.00 38.65 -48.27
N PRO F 16 -4.29 38.38 -49.37
CA PRO F 16 -4.82 37.44 -50.38
C PRO F 16 -4.62 35.98 -49.99
N VAL F 17 -5.60 35.14 -50.34
CA VAL F 17 -5.53 33.71 -50.02
C VAL F 17 -4.88 32.97 -51.18
N HIS F 18 -4.33 31.78 -50.88
CA HIS F 18 -3.73 30.96 -51.92
C HIS F 18 -4.83 30.35 -52.78
N PRO F 19 -4.65 30.31 -54.11
CA PRO F 19 -5.76 29.89 -54.99
C PRO F 19 -6.14 28.42 -54.86
N GLU F 20 -5.20 27.55 -54.55
CA GLU F 20 -5.39 26.09 -54.58
C GLU F 20 -6.17 25.53 -53.40
N GLY F 21 -7.03 26.33 -52.77
CA GLY F 21 -7.68 25.92 -51.53
C GLY F 21 -8.44 24.60 -51.62
N GLU F 22 -9.35 24.47 -52.60
CA GLU F 22 -10.14 23.24 -52.72
C GLU F 22 -9.25 22.02 -52.90
N ARG F 23 -8.21 22.15 -53.73
CA ARG F 23 -7.24 21.07 -53.90
C ARG F 23 -6.63 20.66 -52.56
N ALA F 24 -6.25 21.65 -51.74
CA ALA F 24 -5.71 21.35 -50.42
C ALA F 24 -6.73 20.64 -49.54
N ASP F 25 -8.01 21.04 -49.61
CA ASP F 25 -9.06 20.32 -48.90
C ASP F 25 -9.06 18.84 -49.26
N ALA F 26 -9.05 18.56 -50.57
CA ALA F 26 -9.03 17.19 -51.04
C ALA F 26 -7.80 16.44 -50.52
N TYR F 27 -6.62 17.07 -50.61
CA TYR F 27 -5.40 16.44 -50.12
C TYR F 27 -5.51 16.15 -48.63
N ALA F 28 -6.14 17.06 -47.87
CA ALA F 28 -6.37 16.83 -46.44
C ALA F 28 -7.15 15.54 -46.23
N VAL F 29 -8.29 15.41 -46.91
CA VAL F 29 -9.09 14.19 -46.78
C VAL F 29 -8.26 12.96 -47.15
N GLU F 30 -7.51 13.06 -48.24
CA GLU F 30 -6.66 11.95 -48.68
C GLU F 30 -5.70 11.51 -47.58
N TRP F 31 -4.97 12.48 -47.01
CA TRP F 31 -4.00 12.18 -45.96
C TRP F 31 -4.68 11.56 -44.75
N LEU F 32 -5.81 12.13 -44.33
CA LEU F 32 -6.52 11.61 -43.17
C LEU F 32 -6.95 10.16 -43.38
N ARG F 33 -7.31 9.79 -44.61
CA ARG F 33 -7.60 8.38 -44.86
C ARG F 33 -6.32 7.55 -44.91
N GLY F 34 -5.25 8.10 -45.48
CA GLY F 34 -4.02 7.36 -45.71
C GLY F 34 -3.22 7.06 -44.46
N VAL F 35 -3.42 7.81 -43.39
CA VAL F 35 -2.64 7.58 -42.17
C VAL F 35 -3.41 6.77 -41.13
N GLY F 36 -4.74 6.76 -41.18
CA GLY F 36 -5.56 6.05 -40.22
C GLY F 36 -6.41 6.94 -39.35
N LEU F 37 -6.33 8.26 -39.55
CA LEU F 37 -7.13 9.23 -38.82
C LEU F 37 -8.56 9.29 -39.35
N MET F 38 -8.80 8.77 -40.56
CA MET F 38 -10.13 8.73 -41.16
C MET F 38 -10.37 7.37 -41.78
N ALA F 39 -11.60 6.88 -41.64
CA ALA F 39 -12.00 5.57 -42.14
C ALA F 39 -12.43 5.66 -43.60
N ASP F 40 -12.26 4.55 -44.32
CA ASP F 40 -12.58 4.53 -45.74
C ASP F 40 -14.08 4.61 -45.98
N GLU F 41 -14.88 4.01 -45.09
CA GLU F 41 -16.33 4.05 -45.27
C GLU F 41 -16.88 5.46 -45.07
N ALA F 42 -16.20 6.30 -44.30
CA ALA F 42 -16.73 7.61 -43.94
C ALA F 42 -16.75 8.52 -45.16
N ASP F 43 -17.82 9.30 -45.28
CA ASP F 43 -17.95 10.27 -46.36
C ASP F 43 -17.02 11.45 -46.11
N ALA F 44 -16.58 12.08 -47.21
CA ALA F 44 -15.82 13.33 -47.13
C ALA F 44 -16.68 14.50 -47.57
N ALA F 45 -17.92 14.54 -47.08
CA ALA F 45 -18.83 15.64 -47.37
C ALA F 45 -18.89 16.60 -46.17
N PRO F 46 -18.85 16.11 -44.93
CA PRO F 46 -18.66 17.03 -43.79
C PRO F 46 -17.21 17.41 -43.52
N VAL F 47 -16.25 16.71 -44.11
CA VAL F 47 -14.84 17.05 -43.88
C VAL F 47 -14.35 18.10 -44.87
N LEU F 48 -14.78 18.03 -46.13
CA LEU F 48 -14.46 19.08 -47.08
C LEU F 48 -15.09 20.40 -46.68
N ALA F 49 -16.19 20.36 -45.93
CA ALA F 49 -16.83 21.56 -45.43
C ALA F 49 -16.01 22.25 -44.34
N VAL F 50 -15.13 21.52 -43.66
CA VAL F 50 -14.28 22.11 -42.65
C VAL F 50 -13.34 23.14 -43.27
N GLY F 51 -12.67 22.78 -44.36
CA GLY F 51 -11.84 23.74 -45.06
C GLY F 51 -10.47 23.90 -44.43
N LEU F 52 -9.81 22.78 -44.15
CA LEU F 52 -8.47 22.83 -43.56
C LEU F 52 -7.43 23.38 -44.53
N GLY F 53 -7.67 23.23 -45.83
CA GLY F 53 -6.73 23.73 -46.81
C GLY F 53 -6.81 25.23 -47.05
N ARG F 54 -7.99 25.82 -46.83
CA ARG F 54 -8.11 27.26 -46.98
C ARG F 54 -7.42 28.00 -45.85
N LEU F 55 -7.42 27.43 -44.65
CA LEU F 55 -6.61 27.97 -43.57
C LEU F 55 -5.14 27.94 -43.96
N ALA F 56 -4.68 26.79 -44.45
CA ALA F 56 -3.31 26.67 -44.95
C ALA F 56 -3.03 27.73 -46.00
N ALA F 57 -4.01 27.99 -46.86
CA ALA F 57 -3.88 29.07 -47.84
C ALA F 57 -3.70 30.42 -47.17
N CYS F 58 -4.38 30.63 -46.04
CA CYS F 58 -4.22 31.88 -45.30
C CYS F 58 -2.85 32.00 -44.65
N TYR F 59 -2.19 30.89 -44.35
CA TYR F 59 -0.94 30.94 -43.61
C TYR F 59 0.31 30.93 -44.48
N VAL F 60 0.18 30.80 -45.80
CA VAL F 60 1.32 30.86 -46.71
C VAL F 60 1.09 32.01 -47.66
N ASP F 61 2.16 32.44 -48.35
CA ASP F 61 1.99 33.47 -49.35
C ASP F 61 1.39 32.88 -50.62
N GLU F 62 0.71 33.72 -51.40
CA GLU F 62 -0.04 33.22 -52.54
C GLU F 62 0.87 32.62 -53.61
N ASN F 63 2.11 33.08 -53.72
CA ASN F 63 3.04 32.54 -54.71
C ASN F 63 4.01 31.56 -54.07
N ALA F 64 3.45 30.50 -53.47
CA ALA F 64 4.23 29.52 -52.73
C ALA F 64 4.09 28.13 -53.35
N SER F 65 5.11 27.30 -53.10
CA SER F 65 5.16 25.97 -53.69
C SER F 65 4.01 25.10 -53.18
N TRP F 66 3.64 24.11 -53.99
CA TRP F 66 2.63 23.15 -53.56
C TRP F 66 3.07 22.35 -52.34
N ASP F 67 4.37 22.09 -52.22
CA ASP F 67 4.87 21.35 -51.06
C ASP F 67 4.56 22.08 -49.76
N THR F 68 4.74 23.40 -49.75
CA THR F 68 4.48 24.19 -48.53
C THR F 68 3.00 24.17 -48.16
N LEU F 69 2.13 24.42 -49.13
CA LEU F 69 0.70 24.38 -48.86
C LEU F 69 0.28 23.00 -48.37
N ALA F 70 0.87 21.95 -48.96
CA ALA F 70 0.55 20.59 -48.55
C ALA F 70 0.97 20.34 -47.10
N PHE F 71 2.18 20.76 -46.72
CA PHE F 71 2.62 20.54 -45.35
C PHE F 71 1.78 21.34 -44.35
N MET F 72 1.45 22.59 -44.68
CA MET F 72 0.58 23.36 -43.81
C MET F 72 -0.78 22.67 -43.63
N THR F 73 -1.33 22.15 -44.73
CA THR F 73 -2.61 21.44 -44.64
C THR F 73 -2.49 20.18 -43.77
N ILE F 74 -1.40 19.44 -43.91
CA ILE F 74 -1.21 18.22 -43.13
C ILE F 74 -1.11 18.53 -41.63
N LEU F 75 -0.32 19.55 -41.28
CA LEU F 75 -0.16 19.87 -39.87
C LEU F 75 -1.46 20.40 -39.28
N LEU F 76 -2.16 21.26 -40.02
CA LEU F 76 -3.44 21.77 -39.53
C LEU F 76 -4.47 20.67 -39.42
N ALA F 77 -4.40 19.64 -40.28
CA ALA F 77 -5.33 18.53 -40.18
C ALA F 77 -5.02 17.65 -38.99
N TRP F 78 -3.73 17.46 -38.69
CA TRP F 78 -3.36 16.65 -37.53
C TRP F 78 -3.72 17.36 -36.23
N TYR F 79 -3.51 18.69 -36.16
CA TYR F 79 -3.85 19.44 -34.95
C TYR F 79 -5.34 19.28 -34.62
N ALA F 80 -6.20 19.36 -35.64
CA ALA F 80 -7.64 19.31 -35.41
C ALA F 80 -8.09 17.93 -34.94
N GLU F 81 -7.44 16.87 -35.44
CA GLU F 81 -7.85 15.52 -35.06
C GLU F 81 -7.46 15.21 -33.62
N TYR F 82 -6.26 15.64 -33.19
CA TYR F 82 -5.82 15.35 -31.83
C TYR F 82 -6.73 16.02 -30.80
N ASP F 83 -7.08 17.29 -31.03
CA ASP F 83 -7.90 18.01 -30.06
C ASP F 83 -9.25 17.33 -29.86
N ASP F 84 -9.92 16.94 -30.95
CA ASP F 84 -11.24 16.33 -30.81
C ASP F 84 -11.15 14.93 -30.20
N ARG F 85 -10.13 14.16 -30.58
CA ARG F 85 -10.03 12.78 -30.11
C ARG F 85 -9.64 12.72 -28.64
N ALA F 86 -8.76 13.61 -28.19
CA ALA F 86 -8.15 13.48 -26.87
C ALA F 86 -8.59 14.53 -25.85
N ILE F 87 -9.01 15.72 -26.27
CA ILE F 87 -9.21 16.85 -25.36
C ILE F 87 -10.70 17.11 -25.11
N ASP F 88 -11.51 17.15 -26.16
CA ASP F 88 -12.90 17.55 -25.96
C ASP F 88 -13.80 16.36 -25.64
N SER F 89 -13.28 15.14 -25.73
CA SER F 89 -14.08 13.94 -25.54
C SER F 89 -14.64 13.89 -24.12
N THR F 90 -15.83 13.29 -23.99
CA THR F 90 -16.55 13.22 -22.71
C THR F 90 -16.65 14.57 -22.02
N GLY F 95 -14.17 8.20 -23.01
CA GLY F 95 -13.21 8.31 -24.09
C GLY F 95 -11.86 7.70 -23.74
N LEU F 96 -10.82 8.54 -23.71
CA LEU F 96 -9.50 8.08 -23.31
C LEU F 96 -9.30 8.33 -21.82
N THR F 97 -8.41 7.54 -21.22
CA THR F 97 -8.08 7.70 -19.82
C THR F 97 -6.93 8.68 -19.64
N ASP F 98 -6.73 9.13 -18.40
CA ASP F 98 -5.63 10.04 -18.10
C ASP F 98 -4.29 9.34 -18.26
N ALA F 99 -4.24 8.05 -17.90
CA ALA F 99 -3.00 7.29 -18.09
C ALA F 99 -2.66 7.13 -19.57
N GLU F 100 -3.68 6.84 -20.39
CA GLU F 100 -3.46 6.74 -21.83
C GLU F 100 -2.98 8.06 -22.40
N VAL F 101 -3.56 9.18 -21.95
CA VAL F 101 -3.15 10.49 -22.45
C VAL F 101 -1.71 10.78 -22.04
N ALA F 102 -1.32 10.40 -20.82
CA ALA F 102 0.06 10.60 -20.40
C ALA F 102 1.03 9.77 -21.23
N GLU F 103 0.68 8.52 -21.52
CA GLU F 103 1.51 7.68 -22.36
C GLU F 103 1.61 8.24 -23.78
N LEU F 104 0.51 8.81 -24.28
CA LEU F 104 0.54 9.44 -25.59
C LEU F 104 1.46 10.65 -25.61
N HIS F 105 1.42 11.47 -24.56
CA HIS F 105 2.33 12.60 -24.45
C HIS F 105 3.77 12.12 -24.47
N ARG F 106 4.06 11.06 -23.70
CA ARG F 106 5.40 10.51 -23.65
C ARG F 106 5.86 10.05 -25.04
N ALA F 107 5.03 9.27 -25.74
CA ALA F 107 5.40 8.74 -27.04
C ALA F 107 5.59 9.85 -28.06
N LEU F 108 4.67 10.82 -28.08
CA LEU F 108 4.78 11.93 -29.03
C LEU F 108 6.00 12.79 -28.74
N GLY F 109 6.37 12.93 -27.47
CA GLY F 109 7.59 13.64 -27.14
C GLY F 109 8.84 12.92 -27.60
N GLU F 110 8.83 11.58 -27.58
CA GLU F 110 9.96 10.85 -28.16
C GLU F 110 9.98 10.96 -29.69
N ILE F 111 8.81 10.97 -30.32
CA ILE F 111 8.76 11.18 -31.77
C ILE F 111 9.34 12.53 -32.14
N LEU F 112 9.05 13.56 -31.34
CA LEU F 112 9.62 14.88 -31.58
C LEU F 112 11.13 14.92 -31.36
N ARG F 113 11.68 13.99 -30.58
CA ARG F 113 13.13 13.88 -30.47
C ARG F 113 13.67 12.79 -31.39
N ASP F 114 13.26 12.86 -32.66
CA ASP F 114 13.77 12.03 -33.76
C ASP F 114 13.77 10.52 -33.53
N ARG F 115 13.17 10.06 -32.45
CA ARG F 115 13.07 8.62 -32.31
C ARG F 115 11.83 8.10 -33.02
N PRO F 116 11.81 6.83 -33.41
CA PRO F 116 10.64 6.29 -34.10
C PRO F 116 9.44 6.19 -33.19
N ALA F 117 8.27 6.08 -33.80
CA ALA F 117 7.04 5.98 -33.03
C ALA F 117 7.03 4.69 -32.22
N PRO F 118 6.81 4.73 -30.90
CA PRO F 118 6.81 3.49 -30.12
C PRO F 118 5.70 2.54 -30.48
N ASP F 119 4.55 3.05 -30.94
CA ASP F 119 3.42 2.22 -31.34
C ASP F 119 3.00 2.68 -32.74
N PRO F 120 3.60 2.14 -33.79
CA PRO F 120 3.24 2.55 -35.16
C PRO F 120 1.81 2.23 -35.56
N SER F 121 1.05 1.47 -34.75
CA SER F 121 -0.35 1.23 -35.03
C SER F 121 -1.24 2.40 -34.63
N ASP F 122 -0.78 3.25 -33.72
CA ASP F 122 -1.53 4.41 -33.26
C ASP F 122 -1.60 5.45 -34.38
N PRO F 123 -2.79 5.88 -34.80
CA PRO F 123 -2.86 6.86 -35.90
C PRO F 123 -2.25 8.21 -35.55
N VAL F 124 -2.44 8.68 -34.31
CA VAL F 124 -1.87 9.96 -33.90
C VAL F 124 -0.34 9.91 -33.96
N GLN F 125 0.26 8.81 -33.50
CA GLN F 125 1.70 8.70 -33.50
C GLN F 125 2.26 8.64 -34.92
N ARG F 126 1.64 7.82 -35.78
CA ARG F 126 2.03 7.75 -37.18
C ARG F 126 1.93 9.12 -37.85
N GLY F 127 0.80 9.80 -37.66
CA GLY F 127 0.63 11.11 -38.28
C GLY F 127 1.65 12.12 -37.82
N LEU F 128 1.94 12.15 -36.52
CA LEU F 128 2.91 13.11 -36.02
C LEU F 128 4.30 12.80 -36.54
N ALA F 129 4.65 11.51 -36.64
CA ALA F 129 5.93 11.15 -37.21
C ALA F 129 6.04 11.58 -38.67
N ASP F 130 4.95 11.42 -39.43
CA ASP F 130 4.94 11.87 -40.83
C ASP F 130 5.12 13.37 -40.92
N VAL F 131 4.37 14.14 -40.12
CA VAL F 131 4.49 15.59 -40.13
C VAL F 131 5.92 15.98 -39.78
N TRP F 132 6.50 15.33 -38.78
CA TRP F 132 7.85 15.67 -38.34
C TRP F 132 8.87 15.41 -39.43
N ARG F 133 8.77 14.26 -40.11
CA ARG F 133 9.71 13.93 -41.18
C ARG F 133 9.60 14.91 -42.34
N THR F 134 8.37 15.17 -42.80
CA THR F 134 8.19 16.09 -43.93
C THR F 134 8.67 17.49 -43.58
N LEU F 135 8.36 17.95 -42.36
CA LEU F 135 8.80 19.27 -41.94
C LEU F 135 10.31 19.37 -41.87
N ASN F 136 10.95 18.35 -41.30
CA ASN F 136 12.41 18.37 -41.18
C ASN F 136 13.08 18.32 -42.54
N GLY F 137 12.42 17.71 -43.52
CA GLY F 137 12.97 17.73 -44.87
C GLY F 137 13.00 19.11 -45.51
N LEU F 138 11.97 19.93 -45.27
CA LEU F 138 11.82 21.19 -45.99
C LEU F 138 12.52 22.38 -45.34
N ALA F 139 13.28 22.20 -44.26
CA ALA F 139 13.89 23.35 -43.60
C ALA F 139 15.41 23.18 -43.49
N SER F 140 16.04 24.07 -42.71
CA SER F 140 17.49 24.10 -42.55
C SER F 140 17.91 25.14 -41.51
N ASP F 141 17.08 26.15 -41.31
CA ASP F 141 17.29 27.23 -40.34
C ASP F 141 16.17 27.08 -39.30
N TRP F 142 16.47 26.31 -38.25
CA TRP F 142 15.49 25.94 -37.25
C TRP F 142 15.95 26.31 -35.84
N ASP F 143 15.12 27.09 -35.14
CA ASP F 143 15.11 27.04 -33.67
C ASP F 143 14.13 25.93 -33.32
N ARG F 144 14.65 24.70 -33.37
CA ARG F 144 13.84 23.50 -33.17
C ARG F 144 13.46 23.29 -31.71
N ALA F 145 14.40 23.57 -30.80
CA ALA F 145 14.16 23.32 -29.38
C ALA F 145 13.03 24.19 -28.84
N ALA F 146 12.94 25.44 -29.29
CA ALA F 146 11.86 26.30 -28.84
C ALA F 146 10.50 25.73 -29.22
N PHE F 147 10.38 25.19 -30.45
CA PHE F 147 9.13 24.57 -30.85
C PHE F 147 8.83 23.33 -30.00
N VAL F 148 9.85 22.53 -29.72
CA VAL F 148 9.61 21.33 -28.91
C VAL F 148 9.14 21.73 -27.51
N ASP F 149 9.71 22.79 -26.95
CA ASP F 149 9.30 23.27 -25.62
C ASP F 149 7.87 23.79 -25.63
N THR F 150 7.52 24.55 -26.67
CA THR F 150 6.13 25.00 -26.80
C THR F 150 5.19 23.81 -26.87
N THR F 151 5.63 22.71 -27.51
CA THR F 151 4.79 21.52 -27.58
C THR F 151 4.60 20.89 -26.21
N LEU F 152 5.67 20.84 -25.41
CA LEU F 152 5.56 20.33 -24.05
C LEU F 152 4.56 21.13 -23.24
N ARG F 153 4.66 22.46 -23.30
CA ARG F 153 3.71 23.29 -22.57
C ARG F 153 2.29 23.12 -23.10
N TYR F 154 2.14 22.91 -24.41
CA TYR F 154 0.83 22.65 -25.00
C TYR F 154 0.20 21.37 -24.46
N PHE F 155 1.03 20.33 -24.25
CA PHE F 155 0.53 19.09 -23.65
C PHE F 155 0.13 19.31 -22.19
N GLU F 156 0.94 20.06 -21.45
CA GLU F 156 0.61 20.36 -20.05
C GLU F 156 -0.70 21.14 -19.96
N ALA F 157 -0.90 22.11 -20.86
CA ALA F 157 -2.15 22.84 -20.90
C ALA F 157 -3.31 21.93 -21.26
N ASN F 158 -3.08 20.93 -22.13
CA ASN F 158 -4.13 19.95 -22.40
C ASN F 158 -4.53 19.21 -21.14
N ARG F 159 -3.56 18.80 -20.33
CA ARG F 159 -3.90 18.14 -19.07
C ARG F 159 -4.71 19.07 -18.15
N TYR F 160 -4.32 20.34 -18.09
CA TYR F 160 -5.09 21.32 -17.31
C TYR F 160 -6.53 21.42 -17.81
N GLU F 161 -6.70 21.50 -19.14
CA GLU F 161 -8.03 21.56 -19.73
C GLU F 161 -8.84 20.33 -19.39
N ARG F 162 -8.19 19.15 -19.39
CA ARG F 162 -8.90 17.91 -19.08
C ARG F 162 -9.37 17.89 -17.63
N VAL F 163 -8.55 18.41 -16.72
CA VAL F 163 -8.98 18.53 -15.33
C VAL F 163 -10.22 19.41 -15.24
N ASN F 164 -10.18 20.57 -15.91
CA ASN F 164 -11.32 21.47 -15.88
C ASN F 164 -12.57 20.82 -16.46
N ILE F 165 -12.40 19.98 -17.49
CA ILE F 165 -13.54 19.31 -18.09
C ILE F 165 -14.12 18.29 -17.12
N ARG F 166 -13.26 17.52 -16.46
CA ARG F 166 -13.75 16.55 -15.48
C ARG F 166 -14.48 17.25 -14.34
N ARG F 167 -14.06 18.46 -13.99
CA ARG F 167 -14.82 19.24 -13.02
C ARG F 167 -16.16 19.70 -13.58
N GLY F 168 -16.25 19.91 -14.90
CA GLY F 168 -17.47 20.41 -15.49
C GLY F 168 -17.72 21.88 -15.22
N ILE F 169 -16.66 22.65 -15.02
CA ILE F 169 -16.78 24.05 -14.62
C ILE F 169 -15.64 24.85 -15.25
N PRO F 170 -15.91 26.06 -15.75
CA PRO F 170 -14.84 26.85 -16.38
C PRO F 170 -13.94 27.50 -15.35
N PRO F 171 -12.67 27.70 -15.66
CA PRO F 171 -11.75 28.34 -14.73
C PRO F 171 -12.02 29.85 -14.67
N THR F 172 -11.24 30.52 -13.83
CA THR F 172 -11.28 31.97 -13.77
C THR F 172 -10.89 32.57 -15.12
N PRO F 173 -11.46 33.73 -15.49
CA PRO F 173 -10.98 34.41 -16.70
C PRO F 173 -9.49 34.61 -16.75
N SER F 174 -8.85 35.06 -15.66
CA SER F 174 -7.41 35.27 -15.70
C SER F 174 -6.68 33.94 -15.91
N ALA F 175 -7.11 32.91 -15.18
CA ALA F 175 -6.47 31.60 -15.29
C ALA F 175 -6.66 31.01 -16.69
N HIS F 176 -7.81 31.28 -17.32
CA HIS F 176 -8.01 30.81 -18.68
C HIS F 176 -7.14 31.58 -19.66
N ILE F 177 -7.13 32.91 -19.56
CA ILE F 177 -6.35 33.73 -20.48
C ILE F 177 -4.88 33.36 -20.40
N GLY F 178 -4.38 33.07 -19.20
CA GLY F 178 -3.00 32.64 -19.10
C GLY F 178 -2.76 31.32 -19.80
N MET F 179 -3.55 30.31 -19.45
CA MET F 179 -3.32 28.96 -19.96
C MET F 179 -3.80 28.76 -21.40
N ARG F 180 -4.69 29.63 -21.90
CA ARG F 180 -5.23 29.46 -23.24
C ARG F 180 -4.15 29.60 -24.31
N ARG F 181 -3.16 30.48 -24.10
CA ARG F 181 -2.12 30.66 -25.10
C ARG F 181 -1.35 29.37 -25.34
N HIS F 182 -1.16 28.57 -24.28
CA HIS F 182 -0.52 27.27 -24.43
C HIS F 182 -1.46 26.23 -25.03
N GLY F 183 -2.75 26.31 -24.73
CA GLY F 183 -3.70 25.33 -25.21
C GLY F 183 -4.00 25.44 -26.70
N GLY F 184 -3.64 26.55 -27.32
CA GLY F 184 -3.86 26.71 -28.75
C GLY F 184 -2.57 26.59 -29.54
N HIS F 185 -1.45 26.49 -28.82
CA HIS F 185 -0.12 26.36 -29.44
C HIS F 185 0.13 27.43 -30.50
N VAL F 186 -0.12 28.69 -30.14
CA VAL F 186 0.06 29.77 -31.10
C VAL F 186 1.53 30.13 -31.25
N TYR F 187 2.31 30.10 -30.16
CA TYR F 187 3.73 30.37 -30.26
C TYR F 187 4.42 29.34 -31.15
N GLY F 188 4.01 28.08 -31.02
CA GLY F 188 4.51 27.06 -31.93
C GLY F 188 4.17 27.35 -33.37
N MET F 189 2.97 27.90 -33.61
CA MET F 189 2.59 28.27 -34.98
C MET F 189 3.46 29.41 -35.51
N TYR F 190 3.81 30.37 -34.65
CA TYR F 190 4.74 31.42 -35.09
C TYR F 190 6.07 30.81 -35.51
N ILE F 191 6.60 29.90 -34.70
CA ILE F 191 7.87 29.25 -35.04
C ILE F 191 7.73 28.47 -36.33
N LEU F 192 6.63 27.73 -36.50
CA LEU F 192 6.44 26.94 -37.71
C LEU F 192 6.33 27.81 -38.95
N GLY F 193 5.65 28.95 -38.83
CA GLY F 193 5.56 29.85 -39.97
C GLY F 193 6.92 30.39 -40.37
N ALA F 194 7.72 30.81 -39.39
CA ALA F 194 9.07 31.25 -39.70
C ALA F 194 9.87 30.15 -40.38
N ALA F 195 9.71 28.90 -39.93
CA ALA F 195 10.50 27.82 -40.49
C ALA F 195 10.08 27.50 -41.92
N VAL F 196 8.78 27.33 -42.14
CA VAL F 196 8.29 26.83 -43.41
C VAL F 196 8.30 27.91 -44.50
N ASN F 197 8.09 29.18 -44.14
CA ASN F 197 8.07 30.24 -45.14
C ASN F 197 9.45 30.85 -45.42
N GLY F 198 10.50 30.32 -44.81
CA GLY F 198 11.85 30.71 -45.19
C GLY F 198 12.42 32.00 -44.63
N TYR F 199 12.14 32.30 -43.36
CA TYR F 199 12.76 33.44 -42.70
C TYR F 199 13.10 33.06 -41.27
N ARG F 200 14.23 33.55 -40.76
CA ARG F 200 14.64 33.28 -39.38
C ARG F 200 15.06 34.60 -38.76
N PRO F 201 14.24 35.18 -37.88
CA PRO F 201 14.61 36.46 -37.25
C PRO F 201 15.71 36.27 -36.22
N GLU F 202 16.50 37.32 -36.03
CA GLU F 202 17.61 37.25 -35.09
C GLU F 202 17.09 36.91 -33.69
N ARG F 203 17.91 36.19 -32.93
CA ARG F 203 17.51 35.87 -31.56
C ARG F 203 17.49 37.11 -30.68
N ARG F 204 18.31 38.11 -31.02
CA ARG F 204 18.25 39.37 -30.29
C ARG F 204 16.90 40.05 -30.45
N VAL F 205 16.17 39.76 -31.52
CA VAL F 205 14.89 40.43 -31.72
C VAL F 205 13.79 39.71 -30.95
N LEU F 206 13.78 38.37 -30.99
CA LEU F 206 12.72 37.63 -30.30
C LEU F 206 12.87 37.70 -28.79
N ASP F 207 14.09 37.74 -28.27
CA ASP F 207 14.29 37.83 -26.82
C ASP F 207 14.06 39.25 -26.29
N HIS F 208 13.75 40.22 -27.14
CA HIS F 208 13.43 41.56 -26.67
C HIS F 208 12.08 41.55 -25.98
N ALA F 209 11.96 42.34 -24.91
CA ALA F 209 10.72 42.36 -24.15
C ALA F 209 9.54 42.83 -24.99
N ALA F 210 9.75 43.86 -25.82
CA ALA F 210 8.66 44.42 -26.61
C ALA F 210 8.14 43.40 -27.62
N VAL F 211 9.03 42.67 -28.29
CA VAL F 211 8.59 41.67 -29.26
C VAL F 211 7.82 40.55 -28.58
N ARG F 212 8.27 40.14 -27.39
CA ARG F 212 7.58 39.09 -26.65
C ARG F 212 6.18 39.53 -26.29
N GLU F 213 6.03 40.76 -25.78
CA GLU F 213 4.70 41.22 -25.40
C GLU F 213 3.82 41.46 -26.62
N LEU F 214 4.40 41.84 -27.76
CA LEU F 214 3.61 41.95 -28.98
C LEU F 214 3.09 40.58 -29.42
N GLU F 215 3.95 39.56 -29.37
CA GLU F 215 3.48 38.20 -29.66
C GLU F 215 2.34 37.81 -28.74
N THR F 216 2.44 38.14 -27.45
CA THR F 216 1.38 37.79 -26.52
C THR F 216 0.08 38.50 -26.86
N LEU F 217 0.14 39.79 -27.20
CA LEU F 217 -1.06 40.51 -27.61
C LEU F 217 -1.72 39.85 -28.81
N ALA F 218 -0.91 39.51 -29.82
CA ALA F 218 -1.46 38.92 -31.03
C ALA F 218 -2.08 37.55 -30.75
N ALA F 219 -1.42 36.74 -29.93
CA ALA F 219 -1.96 35.44 -29.59
C ALA F 219 -3.27 35.57 -28.81
N ASN F 220 -3.33 36.56 -27.90
CA ASN F 220 -4.56 36.82 -27.17
C ASN F 220 -5.71 37.16 -28.12
N TYR F 221 -5.46 38.07 -29.06
CA TYR F 221 -6.51 38.44 -30.02
C TYR F 221 -6.97 37.22 -30.82
N THR F 222 -6.02 36.45 -31.35
CA THR F 222 -6.35 35.27 -32.14
C THR F 222 -7.20 34.27 -31.34
N SER F 223 -6.77 33.97 -30.11
CA SER F 223 -7.44 32.94 -29.33
C SER F 223 -8.81 33.39 -28.85
N TRP F 224 -8.94 34.68 -28.48
CA TRP F 224 -10.26 35.17 -28.09
C TRP F 224 -11.21 35.20 -29.28
N ALA F 225 -10.71 35.48 -30.49
CA ALA F 225 -11.55 35.38 -31.68
C ALA F 225 -12.03 33.95 -31.88
N ASN F 226 -11.11 32.98 -31.75
CA ASN F 226 -11.51 31.59 -31.87
C ASN F 226 -12.57 31.22 -30.85
N ASP F 227 -12.40 31.67 -29.60
CA ASP F 227 -13.38 31.35 -28.56
C ASP F 227 -14.73 31.98 -28.89
N LEU F 228 -14.71 33.26 -29.28
CA LEU F 228 -15.94 33.96 -29.63
C LEU F 228 -16.73 33.20 -30.68
N HIS F 229 -16.03 32.64 -31.67
CA HIS F 229 -16.75 31.94 -32.72
C HIS F 229 -17.14 30.53 -32.32
N SER F 230 -16.30 29.82 -31.56
CA SER F 230 -16.53 28.42 -31.26
C SER F 230 -17.30 28.19 -29.98
N PHE F 231 -17.81 29.25 -29.34
CA PHE F 231 -18.55 29.09 -28.09
C PHE F 231 -19.72 28.13 -28.24
N ALA F 232 -20.51 28.25 -29.31
CA ALA F 232 -21.71 27.44 -29.43
C ALA F 232 -21.36 25.95 -29.50
N ARG F 233 -20.43 25.61 -30.39
CA ARG F 233 -20.03 24.21 -30.54
C ARG F 233 -19.39 23.67 -29.25
N GLU F 234 -18.53 24.48 -28.62
CA GLU F 234 -17.85 24.00 -27.42
C GLU F 234 -18.80 23.88 -26.23
N HIS F 235 -19.84 24.72 -26.18
CA HIS F 235 -20.82 24.62 -25.10
C HIS F 235 -21.72 23.42 -25.30
N ARG F 236 -22.11 23.15 -26.56
CA ARG F 236 -22.91 21.96 -26.80
C ARG F 236 -22.12 20.69 -26.50
N MET F 237 -20.82 20.70 -26.78
CA MET F 237 -20.00 19.51 -26.52
C MET F 237 -19.47 19.43 -25.10
N GLY F 238 -19.46 20.53 -24.36
CA GLY F 238 -18.93 20.53 -23.02
C GLY F 238 -17.49 20.97 -22.87
N GLN F 239 -16.88 21.52 -23.91
CA GLN F 239 -15.53 22.08 -23.79
C GLN F 239 -15.64 23.35 -22.95
N VAL F 240 -15.26 23.24 -21.67
CA VAL F 240 -15.50 24.32 -20.72
C VAL F 240 -14.42 25.39 -20.73
N ASN F 241 -13.32 25.20 -21.47
CA ASN F 241 -12.23 26.17 -21.49
C ASN F 241 -12.49 27.21 -22.57
N ASN F 242 -13.50 28.05 -22.31
CA ASN F 242 -13.92 29.08 -23.26
C ASN F 242 -14.14 30.39 -22.51
N LEU F 243 -13.56 31.47 -23.03
CA LEU F 243 -13.59 32.75 -22.32
C LEU F 243 -15.01 33.26 -22.12
N VAL F 244 -15.90 33.02 -23.09
CA VAL F 244 -17.30 33.41 -22.92
C VAL F 244 -17.91 32.68 -21.74
N TRP F 245 -17.65 31.37 -21.65
CA TRP F 245 -18.11 30.57 -20.51
C TRP F 245 -17.64 31.15 -19.18
N SER F 246 -16.36 31.51 -19.09
CA SER F 246 -15.82 32.02 -17.83
C SER F 246 -16.43 33.37 -17.49
N VAL F 247 -16.61 34.25 -18.49
CA VAL F 247 -17.21 35.55 -18.20
C VAL F 247 -18.64 35.37 -17.71
N HIS F 248 -19.39 34.46 -18.33
CA HIS F 248 -20.74 34.17 -17.87
C HIS F 248 -20.74 33.61 -16.45
N HIS F 249 -19.76 32.77 -16.14
CA HIS F 249 -19.76 32.05 -14.86
C HIS F 249 -19.37 32.98 -13.72
N HIS F 250 -18.24 33.70 -13.87
CA HIS F 250 -17.63 34.41 -12.75
C HIS F 250 -17.93 35.91 -12.71
N GLU F 251 -18.28 36.55 -13.83
CA GLU F 251 -18.61 37.98 -13.83
C GLU F 251 -20.11 38.25 -13.80
N GLY F 252 -20.94 37.21 -13.72
CA GLY F 252 -22.37 37.38 -13.57
C GLY F 252 -23.04 38.05 -14.75
N LEU F 253 -22.80 37.53 -15.95
CA LEU F 253 -23.37 38.09 -17.17
C LEU F 253 -24.13 37.01 -17.95
N THR F 254 -25.13 37.45 -18.71
CA THR F 254 -25.75 36.56 -19.66
C THR F 254 -24.75 36.18 -20.74
N PHE F 255 -25.03 35.08 -21.43
CA PHE F 255 -24.14 34.65 -22.51
C PHE F 255 -24.03 35.72 -23.59
N GLN F 256 -25.11 36.44 -23.87
CA GLN F 256 -25.03 37.54 -24.81
C GLN F 256 -24.12 38.65 -24.29
N GLN F 257 -24.31 39.02 -23.02
CA GLN F 257 -23.45 40.03 -22.41
C GLN F 257 -22.00 39.57 -22.38
N ALA F 258 -21.79 38.29 -22.10
CA ALA F 258 -20.43 37.74 -22.09
C ALA F 258 -19.78 37.83 -23.46
N ALA F 259 -20.51 37.45 -24.51
CA ALA F 259 -19.95 37.51 -25.86
C ALA F 259 -19.64 38.94 -26.27
N ASP F 260 -20.54 39.88 -25.93
CA ASP F 260 -20.27 41.28 -26.23
C ASP F 260 -19.00 41.77 -25.52
N ARG F 261 -18.85 41.40 -24.24
CA ARG F 261 -17.67 41.79 -23.48
C ARG F 261 -16.40 41.20 -24.09
N VAL F 262 -16.47 39.95 -24.54
CA VAL F 262 -15.29 39.31 -25.12
C VAL F 262 -14.88 40.00 -26.42
N ALA F 263 -15.86 40.35 -27.27
CA ALA F 263 -15.54 41.06 -28.50
C ALA F 263 -14.96 42.44 -28.19
N ASP F 264 -15.49 43.11 -27.18
CA ASP F 264 -14.94 44.40 -26.78
C ASP F 264 -13.48 44.27 -26.34
N LEU F 265 -13.18 43.23 -25.56
CA LEU F 265 -11.78 42.98 -25.17
C LEU F 265 -10.91 42.73 -26.38
N CYS F 266 -11.43 42.03 -27.39
CA CYS F 266 -10.67 41.83 -28.62
C CYS F 266 -10.33 43.17 -29.27
N ASP F 267 -11.32 44.05 -29.39
CA ASP F 267 -11.07 45.36 -30.00
C ASP F 267 -9.99 46.12 -29.25
N LYS F 268 -10.09 46.13 -27.92
CA LYS F 268 -9.13 46.89 -27.12
C LYS F 268 -7.73 46.31 -27.25
N GLU F 269 -7.62 44.98 -27.31
CA GLU F 269 -6.31 44.37 -27.48
C GLU F 269 -5.73 44.69 -28.86
N LEU F 270 -6.59 44.77 -29.88
CA LEU F 270 -6.11 45.18 -31.21
C LEU F 270 -5.54 46.60 -31.18
N ALA F 271 -6.21 47.50 -30.46
CA ALA F 271 -5.69 48.87 -30.34
C ALA F 271 -4.34 48.88 -29.63
N ALA F 272 -4.21 48.09 -28.56
CA ALA F 272 -2.92 48.00 -27.86
C ALA F 272 -1.85 47.43 -28.77
N TYR F 273 -2.20 46.43 -29.57
CA TYR F 273 -1.25 45.85 -30.52
C TYR F 273 -0.72 46.91 -31.47
N LEU F 274 -1.62 47.71 -32.05
CA LEU F 274 -1.16 48.76 -32.95
C LEU F 274 -0.24 49.75 -32.24
N GLU F 275 -0.55 50.08 -30.97
CA GLU F 275 0.30 51.01 -30.24
C GLU F 275 1.71 50.46 -30.07
N LEU F 276 1.82 49.20 -29.66
CA LEU F 276 3.14 48.58 -29.48
C LEU F 276 3.89 48.48 -30.81
N ARG F 277 3.18 48.09 -31.88
CA ARG F 277 3.83 47.95 -33.16
C ARG F 277 4.35 49.29 -33.66
N GLN F 278 3.63 50.38 -33.40
CA GLN F 278 4.14 51.69 -33.76
C GLN F 278 5.35 52.07 -32.92
N THR F 279 5.36 51.68 -31.65
CA THR F 279 6.47 52.05 -30.78
C THR F 279 7.73 51.24 -31.09
N LEU F 280 7.60 50.09 -31.73
CA LEU F 280 8.74 49.19 -31.95
C LEU F 280 9.98 49.85 -32.56
N PRO F 281 9.88 50.66 -33.63
CA PRO F 281 11.12 51.24 -34.19
C PRO F 281 11.90 52.11 -33.21
N GLU F 282 11.20 52.91 -32.39
CA GLU F 282 11.89 53.85 -31.52
C GLU F 282 12.78 53.15 -30.50
N LEU F 283 12.42 51.93 -30.09
CA LEU F 283 13.25 51.17 -29.17
C LEU F 283 14.48 50.58 -29.86
N GLY F 284 14.57 50.67 -31.18
CA GLY F 284 15.65 50.06 -31.91
C GLY F 284 15.26 48.80 -32.70
N ILE F 285 13.98 48.52 -32.84
CA ILE F 285 13.54 47.33 -33.57
C ILE F 285 12.97 47.75 -34.93
N PRO F 286 13.72 47.59 -36.02
CA PRO F 286 13.18 47.89 -37.34
C PRO F 286 12.39 46.71 -37.90
N LEU F 287 11.29 47.02 -38.58
CA LEU F 287 10.48 46.00 -39.24
C LEU F 287 10.89 45.88 -40.71
N THR F 288 12.11 45.41 -40.93
CA THR F 288 12.70 45.40 -42.27
C THR F 288 12.85 43.97 -42.80
N GLY F 289 13.79 43.19 -42.26
CA GLY F 289 14.09 41.90 -42.85
C GLY F 289 13.17 40.82 -42.36
N ALA F 290 13.73 39.85 -41.62
CA ALA F 290 12.91 38.78 -41.09
C ALA F 290 11.97 39.26 -39.99
N THR F 291 12.35 40.33 -39.26
CA THR F 291 11.47 40.85 -38.22
C THR F 291 10.18 41.39 -38.83
N GLY F 292 10.28 42.08 -39.97
CA GLY F 292 9.09 42.59 -40.62
C GLY F 292 8.19 41.46 -41.09
N ARG F 293 8.78 40.42 -41.66
CA ARG F 293 7.99 39.27 -42.11
C ARG F 293 7.34 38.57 -40.95
N HIS F 294 8.01 38.53 -39.80
CA HIS F 294 7.46 37.92 -38.60
C HIS F 294 6.26 38.71 -38.09
N VAL F 295 6.38 40.04 -38.05
CA VAL F 295 5.26 40.87 -37.62
C VAL F 295 4.07 40.69 -38.57
N ARG F 296 4.34 40.62 -39.87
CA ARG F 296 3.27 40.39 -40.82
C ARG F 296 2.62 39.03 -40.61
N PHE F 297 3.41 38.01 -40.24
CA PHE F 297 2.83 36.71 -39.94
C PHE F 297 1.92 36.78 -38.72
N LEU F 298 2.35 37.51 -37.68
CA LEU F 298 1.47 37.73 -36.54
C LEU F 298 0.16 38.37 -36.98
N GLU F 299 0.23 39.35 -37.87
CA GLU F 299 -0.99 40.01 -38.35
C GLU F 299 -1.85 39.07 -39.17
N ASP F 300 -1.24 38.14 -39.89
CA ASP F 300 -2.00 37.23 -40.75
C ASP F 300 -2.85 36.27 -39.92
N MET F 301 -2.29 35.71 -38.85
CA MET F 301 -3.04 34.73 -38.06
C MET F 301 -4.21 35.38 -37.34
N MET F 302 -4.11 36.66 -37.01
CA MET F 302 -5.25 37.36 -36.44
C MET F 302 -6.37 37.48 -37.46
N TRP F 303 -6.04 37.87 -38.69
CA TRP F 303 -7.06 38.04 -39.72
C TRP F 303 -7.68 36.70 -40.12
N SER F 304 -6.88 35.63 -40.15
CA SER F 304 -7.40 34.32 -40.53
C SER F 304 -8.53 33.89 -39.61
N MET F 305 -8.39 34.12 -38.31
CA MET F 305 -9.44 33.72 -37.38
C MET F 305 -10.72 34.50 -37.62
N VAL F 306 -10.61 35.80 -37.89
CA VAL F 306 -11.79 36.60 -38.16
C VAL F 306 -12.51 36.12 -39.44
N ASP F 307 -11.75 35.97 -40.54
CA ASP F 307 -12.40 35.67 -41.81
C ASP F 307 -12.78 34.20 -41.97
N TRP F 308 -11.89 33.28 -41.57
CA TRP F 308 -12.11 31.86 -41.81
C TRP F 308 -13.16 31.25 -40.87
N SER F 309 -13.47 31.91 -39.75
CA SER F 309 -14.38 31.34 -38.76
C SER F 309 -15.81 31.23 -39.28
N ALA F 310 -16.19 32.09 -40.23
CA ALA F 310 -17.54 32.04 -40.77
C ALA F 310 -17.67 31.04 -41.91
N ARG F 311 -16.57 30.72 -42.58
CA ARG F 311 -16.59 29.87 -43.78
C ARG F 311 -16.07 28.47 -43.45
N SER F 312 -16.71 27.84 -42.46
CA SER F 312 -16.38 26.47 -42.09
C SER F 312 -17.57 25.89 -41.33
N ALA F 313 -17.98 24.68 -41.72
CA ALA F 313 -19.13 24.02 -41.14
C ALA F 313 -18.81 23.26 -39.84
N ARG F 314 -17.65 23.54 -39.24
CA ARG F 314 -17.33 22.96 -37.95
C ARG F 314 -18.10 23.64 -36.81
N TYR F 315 -18.34 24.94 -36.95
CA TYR F 315 -19.02 25.73 -35.92
C TYR F 315 -20.52 25.87 -36.17
N ASP F 316 -21.08 25.07 -37.08
CA ASP F 316 -22.51 25.11 -37.36
C ASP F 316 -23.24 23.97 -36.67
MG MG G . -33.30 30.72 14.08
MG MG H . -29.68 35.59 11.17
MG MG I . -34.60 33.60 12.43
O2 212 J . -32.60 32.57 12.49
C7 212 J . -31.89 32.55 9.80
O3 212 J . -30.50 33.70 11.89
C16 212 J . -32.95 31.47 9.53
C19 212 J . -32.32 30.33 8.75
O5 212 J . -30.61 31.24 11.85
C22 212 J . -33.21 29.09 8.81
P1 212 J . -31.39 32.51 11.59
O9 212 J . -33.11 34.27 7.98
P8 212 J . -32.55 34.25 9.39
O10 212 J . -31.43 35.24 9.51
O12 212 J . -33.65 34.58 10.38
O14 212 J . -30.78 32.28 8.98
N25 212 J . -32.52 27.96 8.20
MG MG K . 24.03 -40.53 9.71
MG MG L . 23.67 -46.85 12.17
MG MG M . 21.93 -42.12 12.10
O2 212 N . 24.08 -42.38 11.31
C7 212 N . 25.08 -43.42 13.67
O3 212 N . 24.46 -44.81 11.38
C16 212 N . 25.39 -42.00 14.16
C19 212 N . 26.48 -42.07 15.23
O5 212 N . 26.38 -43.29 11.23
C22 212 N . 27.01 -40.68 15.55
P1 212 N . 24.99 -43.46 11.81
O9 212 N . 23.12 -45.34 13.73
P8 212 N . 23.46 -44.00 14.35
O10 212 N . 22.37 -43.01 14.01
O12 212 N . 23.56 -44.15 15.86
O14 212 N . 26.09 -44.28 14.10
N25 212 N . 28.14 -40.80 16.47
MG MG O . -28.17 -20.54 -8.48
MG MG P . -34.02 -20.10 -5.12
MG MG Q . -29.74 -17.22 -6.47
O2 212 R . -30.06 -19.29 -6.97
C7 212 R . -30.34 -20.86 -4.66
O3 212 R . -32.15 -20.58 -6.75
C16 212 R . -28.84 -21.01 -4.44
C19 212 R . -28.52 -22.39 -3.89
O5 212 R . -30.01 -21.71 -7.29
C22 212 R . -27.02 -22.54 -3.65
P1 212 R . -30.66 -20.59 -6.49
O9 212 R . -30.41 -18.14 -4.12
P8 212 R . -30.99 -19.45 -3.62
O10 212 R . -32.50 -19.40 -3.71
O12 212 R . -30.59 -19.67 -2.17
O14 212 R . -30.97 -22.05 -4.25
N25 212 R . -26.75 -23.76 -2.93
MG MG S . -12.43 27.31 -29.55
MG MG T . -8.22 22.64 -27.82
MG MG U . -11.40 21.31 -28.65
O2 212 V . -8.51 24.75 -28.26
C7 212 V . -9.61 24.91 -30.78
O3 212 V . -10.79 25.69 -28.37
C16 212 V . -8.55 23.94 -31.30
C19 212 V . -7.15 24.60 -31.28
O5 212 V . -10.41 23.26 -28.70
C22 212 V . -6.18 23.73 -32.07
P1 212 V . -9.85 24.64 -28.94
O9 212 V . -11.08 24.89 -33.15
P8 212 V . -11.22 24.60 -31.68
O10 212 V . -11.63 23.15 -31.49
O12 212 V . -12.30 25.49 -31.11
O14 212 V . -9.18 26.23 -31.02
N25 212 V . -4.81 23.94 -31.62
#